data_7MFG
#
_entry.id   7MFG
#
loop_
_entity.id
_entity.type
_entity.pdbx_description
1 polymer 'Hemagglutinin HA1 chain'
2 polymer 'Hemagglutinin HA2 chain'
3 polymer '310-030-1D06 Heavy'
4 polymer '310-030-1D06 Light'
5 branched beta-D-mannopyranose-(1-4)-2-acetamido-2-deoxy-beta-D-glucopyranose-(1-4)-2-acetamido-2-deoxy-beta-D-glucopyranose
6 non-polymer 2-acetamido-2-deoxy-beta-D-glucopyranose
#
loop_
_entity_poly.entity_id
_entity_poly.type
_entity_poly.pdbx_seq_one_letter_code
_entity_poly.pdbx_strand_id
1 'polypeptide(L)'
;DTICIGYHANNSTDTVDTVCEKNVTVTHSVNLLEDSHNGKLCLLKGIAPLQLGNCSVAGWILGNPECELLISKESWSYIV
ETPNPENGTCYPGYFADYEELREQLSSVSSFERFEIFPKESSWPNHTVTGVSASCSHNGKSSFYRNLLWLTGKNGLYPNL
SKSYVNNKEKEVLVLWGVHHPPNIGNQRALYHTENAYVSVVSSHYSRRFTPEIAKRPKVRDQEGRINYYWTLLEPGDTII
FEANGNLIAPWYAFALSRGFGSGIITSNAPMDECDAKCQTPQGAINSSLPFQNVHPVTIGECPKYVRSAKLRMVTGLRNI
PSIQSR
;
A,C,G
2 'polypeptide(L)'
;GLFGAIAGFIEGGWTGMVDGWYGYHHQNEQGSGYAADQKSTQNAINCITNKVNSVIEKMNTQFTAVGKEFNKLERRMENL
NKKVDDGFLDIWTYNAELLVLLENERTLDFHDSNVKNLYEKVKSQLKNNAKEIGNGCFEFYHKCNNECMESVKNGTYDYP
KYSEESKLNREKIDGVSGRLVPRGSPGSGYIPEAPRDGQAYVRKDGEWVLLSTFLGHHHHHH
;
B,D,I
3 'polypeptide(L)'
;QVQLVQSGAEVKKPGSSVKVSCKASGGTFSSYGISWVRQAPGQGLEWMGGIIGMFGTTNYAQKFQGRVTITADEFTSTAY
MELSSLRSEDTAVYYCARGGSYYVDYFHHWGQGTLVTVSS
;
H,E,J
4 'polypeptide(L)'
;EIVLTQSPGTLSLFSGERATLSCRASQSVSSSSLAWYQQKHGQGPRLIMYGASSRATGIPDRFSGSGFGTDFTITISRLE
PEDFAVYYCQQYGSSSGTFGQGTKLEMK
;
L,F,K
#
# COMPACT_ATOMS: atom_id res chain seq x y z
N ASP A 1 -8.37 -28.12 -49.09
CA ASP A 1 -7.67 -27.02 -48.37
C ASP A 1 -7.79 -27.19 -46.86
N THR A 2 -7.10 -26.32 -46.11
CA THR A 2 -7.15 -26.37 -44.66
C THR A 2 -6.54 -25.09 -44.12
N ILE A 3 -7.13 -24.56 -43.04
CA ILE A 3 -6.65 -23.36 -42.38
C ILE A 3 -6.61 -23.62 -40.88
N CYS A 4 -5.52 -23.19 -40.23
CA CYS A 4 -5.32 -23.40 -38.81
C CYS A 4 -4.96 -22.09 -38.14
N ILE A 5 -5.20 -22.03 -36.83
CA ILE A 5 -4.90 -20.85 -36.02
C ILE A 5 -3.91 -21.26 -34.94
N GLY A 6 -2.97 -20.37 -34.64
CA GLY A 6 -1.97 -20.62 -33.62
C GLY A 6 -1.37 -19.33 -33.16
N TYR A 7 -0.41 -19.45 -32.24
CA TYR A 7 0.27 -18.29 -31.67
C TYR A 7 1.77 -18.55 -31.61
N HIS A 8 2.53 -17.46 -31.57
CA HIS A 8 3.98 -17.54 -31.63
C HIS A 8 4.54 -18.20 -30.37
N ALA A 9 5.66 -18.92 -30.55
CA ALA A 9 6.34 -19.57 -29.43
C ALA A 9 7.80 -19.75 -29.84
N ASN A 10 8.68 -18.87 -29.34
CA ASN A 10 10.09 -18.95 -29.63
C ASN A 10 10.77 -19.85 -28.61
N ASN A 11 12.11 -19.87 -28.60
CA ASN A 11 12.90 -20.72 -27.72
C ASN A 11 13.53 -19.91 -26.59
N SER A 12 12.82 -18.91 -26.09
CA SER A 12 13.31 -18.13 -24.97
C SER A 12 13.18 -18.92 -23.67
N THR A 13 13.87 -18.45 -22.64
CA THR A 13 13.90 -19.09 -21.33
C THR A 13 13.71 -18.08 -20.23
N ASP A 14 12.72 -17.20 -20.40
CA ASP A 14 12.38 -16.20 -19.39
C ASP A 14 11.35 -16.78 -18.44
N THR A 15 11.67 -16.76 -17.15
CA THR A 15 10.80 -17.33 -16.12
C THR A 15 10.12 -16.20 -15.36
N VAL A 16 8.80 -16.30 -15.21
CA VAL A 16 8.00 -15.30 -14.52
C VAL A 16 7.05 -16.01 -13.56
N ASP A 17 6.61 -15.28 -12.55
CA ASP A 17 5.68 -15.79 -11.54
C ASP A 17 4.38 -15.00 -11.58
N THR A 18 3.28 -15.69 -11.30
CA THR A 18 1.96 -15.06 -11.25
C THR A 18 1.26 -15.44 -9.96
N VAL A 19 -0.04 -15.15 -9.86
CA VAL A 19 -0.76 -15.28 -8.59
C VAL A 19 -0.67 -16.71 -8.08
N CYS A 20 -0.89 -17.70 -8.95
CA CYS A 20 -0.92 -19.09 -8.51
C CYS A 20 -0.17 -20.03 -9.44
N GLU A 21 0.83 -19.55 -10.17
CA GLU A 21 1.71 -20.41 -10.94
C GLU A 21 3.14 -19.92 -10.78
N LYS A 22 4.09 -20.84 -10.77
CA LYS A 22 5.50 -20.51 -10.59
C LYS A 22 6.32 -21.19 -11.68
N ASN A 23 7.35 -20.47 -12.14
CA ASN A 23 8.27 -20.98 -13.16
C ASN A 23 7.51 -21.36 -14.44
N VAL A 24 6.90 -20.35 -15.06
CA VAL A 24 6.22 -20.51 -16.33
C VAL A 24 7.02 -19.76 -17.39
N THR A 25 7.43 -20.48 -18.43
CA THR A 25 8.23 -19.87 -19.48
C THR A 25 7.37 -18.99 -20.36
N VAL A 26 7.93 -17.85 -20.77
CA VAL A 26 7.22 -16.89 -21.60
C VAL A 26 8.10 -16.52 -22.79
N THR A 27 7.46 -16.12 -23.88
CA THR A 27 8.20 -15.80 -25.10
C THR A 27 9.04 -14.54 -24.92
N HIS A 28 8.44 -13.48 -24.38
CA HIS A 28 9.12 -12.21 -24.20
C HIS A 28 8.77 -11.64 -22.84
N SER A 29 9.68 -10.83 -22.30
CA SER A 29 9.46 -10.20 -21.00
C SER A 29 10.35 -8.97 -20.90
N VAL A 30 10.02 -8.13 -19.93
CA VAL A 30 10.78 -6.90 -19.67
C VAL A 30 11.19 -6.92 -18.20
N ASN A 31 12.47 -6.66 -17.94
CA ASN A 31 13.01 -6.68 -16.59
C ASN A 31 12.95 -5.28 -16.00
N LEU A 32 12.35 -5.17 -14.80
CA LEU A 32 12.19 -3.89 -14.14
C LEU A 32 13.14 -3.71 -12.96
N LEU A 33 13.77 -4.77 -12.49
CA LEU A 33 14.68 -4.70 -11.34
C LEU A 33 16.12 -4.79 -11.83
N GLU A 34 16.97 -3.90 -11.34
CA GLU A 34 18.38 -3.86 -11.69
C GLU A 34 19.21 -4.18 -10.46
N ASP A 35 20.11 -5.15 -10.58
CA ASP A 35 20.96 -5.57 -9.48
C ASP A 35 22.44 -5.52 -9.85
N SER A 36 22.81 -4.71 -10.84
CA SER A 36 24.18 -4.60 -11.31
C SER A 36 24.71 -3.21 -10.99
N HIS A 37 25.86 -3.17 -10.32
CA HIS A 37 26.52 -1.93 -9.96
C HIS A 37 27.99 -2.00 -10.35
N ASN A 38 28.54 -0.86 -10.77
CA ASN A 38 29.92 -0.83 -11.23
C ASN A 38 30.90 -1.22 -10.13
N GLY A 39 30.50 -1.13 -8.87
CA GLY A 39 31.41 -1.44 -7.79
C GLY A 39 32.61 -0.51 -7.75
N LYS A 40 32.40 0.76 -8.10
CA LYS A 40 33.51 1.71 -8.17
C LYS A 40 32.94 3.11 -7.97
N LEU A 41 33.12 3.64 -6.76
CA LEU A 41 32.73 5.02 -6.47
C LEU A 41 33.49 5.97 -7.41
N CYS A 42 32.77 6.95 -7.93
CA CYS A 42 33.37 7.91 -8.86
C CYS A 42 32.45 9.12 -8.99
N LEU A 43 32.87 10.06 -9.82
CA LEU A 43 32.19 11.35 -9.92
C LEU A 43 30.76 11.18 -10.41
N LEU A 44 29.89 12.11 -9.98
CA LEU A 44 28.48 12.08 -10.31
C LEU A 44 28.07 13.43 -10.89
N LYS A 45 27.37 13.38 -12.03
CA LYS A 45 26.74 14.55 -12.63
C LYS A 45 27.75 15.68 -12.89
N GLY A 46 28.96 15.29 -13.27
CA GLY A 46 29.96 16.25 -13.71
C GLY A 46 30.71 16.98 -12.62
N ILE A 47 30.39 16.75 -11.35
CA ILE A 47 31.05 17.40 -10.23
C ILE A 47 31.64 16.31 -9.32
N ALA A 48 32.94 16.41 -9.06
CA ALA A 48 33.61 15.42 -8.25
C ALA A 48 33.16 15.55 -6.79
N PRO A 49 33.18 14.45 -6.04
CA PRO A 49 32.82 14.52 -4.61
C PRO A 49 34.01 14.87 -3.74
N LEU A 50 33.80 14.92 -2.43
CA LEU A 50 34.84 15.23 -1.46
C LEU A 50 35.26 13.95 -0.75
N GLN A 51 36.43 13.44 -1.10
CA GLN A 51 36.97 12.23 -0.48
C GLN A 51 37.64 12.63 0.82
N LEU A 52 36.87 12.58 1.92
CA LEU A 52 37.41 12.96 3.22
C LEU A 52 38.58 12.08 3.61
N GLY A 53 38.45 10.77 3.42
CA GLY A 53 39.54 9.85 3.72
C GLY A 53 39.62 9.47 5.18
N ASN A 54 40.74 9.76 5.82
CA ASN A 54 40.98 9.37 7.20
C ASN A 54 40.42 10.38 8.20
N CYS A 55 39.86 11.48 7.75
CA CYS A 55 39.31 12.52 8.63
C CYS A 55 37.79 12.51 8.55
N SER A 56 37.14 12.45 9.70
CA SER A 56 35.69 12.51 9.76
C SER A 56 35.22 13.95 9.53
N VAL A 57 33.90 14.16 9.64
CA VAL A 57 33.36 15.50 9.49
C VAL A 57 33.88 16.40 10.59
N ALA A 58 33.95 15.87 11.83
CA ALA A 58 34.42 16.68 12.94
C ALA A 58 35.86 17.13 12.71
N GLY A 59 36.73 16.22 12.26
CA GLY A 59 38.09 16.61 11.97
C GLY A 59 38.18 17.58 10.80
N TRP A 60 37.34 17.39 9.79
CA TRP A 60 37.34 18.28 8.64
C TRP A 60 36.96 19.69 9.03
N ILE A 61 35.83 19.86 9.72
CA ILE A 61 35.35 21.19 10.05
C ILE A 61 36.32 21.91 10.98
N LEU A 62 36.78 21.23 12.03
CA LEU A 62 37.70 21.85 12.97
C LEU A 62 39.08 22.08 12.38
N GLY A 63 39.38 21.52 11.22
CA GLY A 63 40.69 21.69 10.62
C GLY A 63 41.76 20.89 11.34
N ASN A 64 41.65 19.57 11.28
CA ASN A 64 42.62 18.71 11.95
C ASN A 64 44.01 18.96 11.38
N PRO A 65 45.06 18.85 12.19
CA PRO A 65 46.41 19.08 11.64
C PRO A 65 46.72 18.16 10.47
N GLU A 66 46.27 16.91 10.51
CA GLU A 66 46.39 16.02 9.37
C GLU A 66 45.34 16.39 8.34
N CYS A 67 45.30 15.63 7.24
CA CYS A 67 44.34 15.81 6.17
C CYS A 67 44.17 17.29 5.84
N GLU A 68 45.30 17.97 5.61
CA GLU A 68 45.28 19.36 5.22
C GLU A 68 44.73 19.55 3.81
N LEU A 69 44.80 18.52 2.97
CA LEU A 69 44.34 18.66 1.59
C LEU A 69 42.86 19.03 1.52
N LEU A 70 42.08 18.65 2.52
CA LEU A 70 40.65 18.95 2.51
C LEU A 70 40.38 20.44 2.51
N ILE A 71 41.31 21.26 2.99
CA ILE A 71 41.09 22.70 3.05
C ILE A 71 40.95 23.28 1.65
N SER A 72 41.79 22.83 0.71
CA SER A 72 41.82 23.43 -0.61
C SER A 72 40.48 23.28 -1.32
N LYS A 73 39.89 22.10 -1.27
CA LYS A 73 38.65 21.84 -2.01
C LYS A 73 37.47 22.46 -1.29
N GLU A 74 36.62 23.17 -2.04
CA GLU A 74 35.47 23.84 -1.45
C GLU A 74 34.20 23.66 -2.27
N SER A 75 34.21 22.84 -3.31
CA SER A 75 33.03 22.55 -4.12
C SER A 75 32.91 21.05 -4.30
N TRP A 76 31.70 20.53 -4.14
CA TRP A 76 31.49 19.09 -4.20
C TRP A 76 30.01 18.82 -4.44
N SER A 77 29.71 17.55 -4.73
CA SER A 77 28.34 17.09 -4.88
C SER A 77 27.86 16.28 -3.68
N TYR A 78 28.72 15.47 -3.09
CA TYR A 78 28.37 14.69 -1.92
C TYR A 78 29.64 14.39 -1.12
N ILE A 79 29.45 14.00 0.13
CA ILE A 79 30.55 13.74 1.06
C ILE A 79 30.62 12.24 1.31
N VAL A 80 31.82 11.68 1.23
CA VAL A 80 32.06 10.27 1.46
C VAL A 80 33.05 10.12 2.61
N GLU A 81 32.76 9.19 3.50
CA GLU A 81 33.54 9.00 4.72
C GLU A 81 34.04 7.56 4.81
N THR A 82 35.23 7.40 5.39
CA THR A 82 35.71 6.08 5.75
C THR A 82 34.81 5.49 6.83
N PRO A 83 34.55 4.19 6.81
CA PRO A 83 33.65 3.62 7.85
C PRO A 83 34.12 3.89 9.27
N ASN A 84 35.43 3.87 9.52
CA ASN A 84 35.99 4.09 10.85
C ASN A 84 37.08 5.15 10.75
N PRO A 85 36.71 6.43 10.68
CA PRO A 85 37.73 7.48 10.59
C PRO A 85 38.63 7.47 11.81
N GLU A 86 39.91 7.75 11.58
CA GLU A 86 40.93 7.67 12.63
C GLU A 86 41.56 9.03 12.95
N ASN A 87 41.06 10.11 12.37
CA ASN A 87 41.62 11.44 12.58
C ASN A 87 40.52 12.46 12.85
N GLY A 88 39.61 12.11 13.75
CA GLY A 88 38.55 13.03 14.15
C GLY A 88 39.08 14.10 15.07
N THR A 89 38.30 14.48 16.08
CA THR A 89 38.73 15.49 17.02
C THR A 89 40.04 15.07 17.66
N CYS A 90 41.14 15.76 17.33
CA CYS A 90 42.45 15.34 17.81
C CYS A 90 42.58 15.56 19.31
N TYR A 91 42.21 16.74 19.79
CA TYR A 91 42.22 17.00 21.22
C TYR A 91 40.95 16.44 21.84
N PRO A 92 41.04 15.61 22.87
CA PRO A 92 39.83 14.97 23.40
C PRO A 92 38.84 16.00 23.91
N GLY A 93 37.56 15.70 23.71
CA GLY A 93 36.51 16.60 24.14
C GLY A 93 35.16 16.14 23.65
N TYR A 94 34.15 16.93 23.98
CA TYR A 94 32.77 16.67 23.59
C TYR A 94 32.34 17.73 22.60
N PHE A 95 31.94 17.28 21.41
CA PHE A 95 31.51 18.17 20.33
C PHE A 95 30.00 18.37 20.44
N ALA A 96 29.59 19.54 20.92
CA ALA A 96 28.17 19.79 21.16
C ALA A 96 27.38 19.75 19.86
N ASP A 97 26.24 19.05 19.90
CA ASP A 97 25.34 18.96 18.74
C ASP A 97 26.09 18.49 17.50
N TYR A 98 26.99 17.53 17.68
CA TYR A 98 27.76 17.03 16.55
C TYR A 98 26.85 16.38 15.51
N GLU A 99 25.88 15.57 15.97
CA GLU A 99 24.96 14.94 15.03
C GLU A 99 24.11 15.97 14.31
N GLU A 100 23.63 16.98 15.02
CA GLU A 100 22.80 18.01 14.40
C GLU A 100 23.59 18.85 13.40
N LEU A 101 24.90 18.97 13.57
CA LEU A 101 25.71 19.68 12.59
C LEU A 101 25.75 18.95 11.26
N ARG A 102 25.80 17.62 11.30
CA ARG A 102 25.86 16.84 10.06
C ARG A 102 24.66 17.13 9.18
N GLU A 103 23.46 17.18 9.77
CA GLU A 103 22.26 17.48 8.99
C GLU A 103 22.36 18.87 8.37
N GLN A 104 22.82 19.86 9.14
CA GLN A 104 23.03 21.19 8.58
C GLN A 104 24.09 21.16 7.48
N LEU A 105 25.18 20.42 7.70
CA LEU A 105 26.26 20.35 6.74
C LEU A 105 25.97 19.37 5.61
N SER A 106 24.97 18.50 5.78
CA SER A 106 24.67 17.52 4.73
C SER A 106 24.17 18.20 3.46
N SER A 107 23.33 19.22 3.60
CA SER A 107 22.70 19.85 2.44
C SER A 107 23.58 20.90 1.78
N VAL A 108 24.73 21.23 2.36
CA VAL A 108 25.57 22.28 1.77
C VAL A 108 26.18 21.79 0.46
N SER A 109 26.52 22.74 -0.40
CA SER A 109 27.13 22.44 -1.69
C SER A 109 28.54 23.00 -1.83
N SER A 110 28.84 24.16 -1.24
CA SER A 110 30.18 24.74 -1.34
C SER A 110 30.38 25.71 -0.19
N PHE A 111 31.64 26.00 0.08
CA PHE A 111 32.04 26.92 1.14
C PHE A 111 32.70 28.14 0.56
N GLU A 112 32.85 29.18 1.40
CA GLU A 112 33.70 30.33 1.12
C GLU A 112 34.52 30.55 2.39
N ARG A 113 35.59 29.77 2.54
CA ARG A 113 36.39 29.82 3.76
C ARG A 113 37.19 31.12 3.80
N PHE A 114 37.26 31.72 4.98
CA PHE A 114 37.95 33.00 5.14
C PHE A 114 38.42 33.12 6.59
N GLU A 115 39.33 34.06 6.81
CA GLU A 115 39.94 34.28 8.11
C GLU A 115 39.12 35.33 8.86
N ILE A 116 38.24 34.86 9.74
CA ILE A 116 37.36 35.78 10.47
C ILE A 116 38.16 36.70 11.38
N PHE A 117 39.12 36.14 12.11
CA PHE A 117 39.98 36.91 13.02
C PHE A 117 41.44 36.73 12.60
N PRO A 118 42.01 37.69 11.87
CA PRO A 118 43.43 37.56 11.51
C PRO A 118 44.31 37.42 12.74
N LYS A 119 45.27 36.50 12.66
CA LYS A 119 46.15 36.25 13.80
C LYS A 119 47.01 37.46 14.13
N GLU A 120 47.50 38.16 13.11
CA GLU A 120 48.45 39.24 13.35
C GLU A 120 47.83 40.37 14.16
N SER A 121 46.59 40.74 13.85
CA SER A 121 45.97 41.92 14.46
C SER A 121 44.91 41.59 15.50
N SER A 122 44.31 40.41 15.45
CA SER A 122 43.20 40.11 16.37
C SER A 122 43.66 40.10 17.82
N TRP A 123 44.82 39.49 18.10
CA TRP A 123 45.26 39.23 19.46
C TRP A 123 46.69 39.74 19.63
N PRO A 124 46.87 41.06 19.74
CA PRO A 124 48.21 41.60 19.99
C PRO A 124 48.67 41.51 21.44
N ASN A 125 47.79 41.14 22.36
CA ASN A 125 48.11 41.10 23.78
C ASN A 125 48.06 39.68 24.36
N HIS A 126 47.87 38.66 23.52
CA HIS A 126 47.78 37.28 23.97
C HIS A 126 48.72 36.41 23.16
N THR A 127 49.38 35.48 23.84
CA THR A 127 50.16 34.48 23.14
C THR A 127 49.24 33.62 22.29
N VAL A 128 49.64 33.38 21.04
CA VAL A 128 48.80 32.70 20.07
C VAL A 128 49.39 31.38 19.58
N THR A 129 50.58 31.02 20.03
CA THR A 129 51.22 29.78 19.59
C THR A 129 50.56 28.61 20.31
N GLY A 130 49.76 27.84 19.57
CA GLY A 130 49.11 26.68 20.14
C GLY A 130 49.95 25.42 20.06
N VAL A 131 50.24 24.82 21.21
CA VAL A 131 51.12 23.66 21.30
C VAL A 131 50.36 22.52 21.95
N SER A 132 50.42 21.35 21.33
CA SER A 132 49.77 20.15 21.89
C SER A 132 50.41 18.92 21.25
N ALA A 133 50.74 17.94 22.08
CA ALA A 133 51.36 16.72 21.58
C ALA A 133 50.35 15.81 20.89
N SER A 134 49.13 15.73 21.42
CA SER A 134 48.13 14.83 20.86
C SER A 134 47.78 15.19 19.43
N CYS A 135 47.81 16.48 19.10
CA CYS A 135 47.48 16.97 17.76
C CYS A 135 48.73 17.23 16.93
N SER A 136 49.76 16.41 17.11
CA SER A 136 51.03 16.64 16.42
C SER A 136 50.87 16.49 14.92
N HIS A 137 51.64 17.28 14.17
CA HIS A 137 51.67 17.22 12.72
C HIS A 137 53.13 17.14 12.26
N ASN A 138 53.40 16.25 11.32
CA ASN A 138 54.77 16.03 10.83
C ASN A 138 55.71 15.72 11.99
N GLY A 139 55.21 14.94 12.95
CA GLY A 139 56.03 14.59 14.10
C GLY A 139 56.48 15.77 14.92
N LYS A 140 55.60 16.77 15.08
CA LYS A 140 55.93 17.95 15.86
C LYS A 140 54.65 18.55 16.42
N SER A 141 54.81 19.42 17.41
CA SER A 141 53.66 20.06 18.04
C SER A 141 52.87 20.87 17.02
N SER A 142 51.54 20.83 17.14
CA SER A 142 50.66 21.60 16.27
C SER A 142 49.28 21.62 16.91
N PHE A 143 48.30 22.15 16.18
CA PHE A 143 46.94 22.31 16.69
C PHE A 143 46.01 22.47 15.49
N TYR A 144 44.71 22.55 15.78
CA TYR A 144 43.72 22.72 14.72
C TYR A 144 44.11 23.87 13.80
N ARG A 145 43.65 23.78 12.55
CA ARG A 145 43.94 24.81 11.56
C ARG A 145 42.90 25.92 11.55
N ASN A 146 41.68 25.65 11.99
CA ASN A 146 40.62 26.65 12.00
C ASN A 146 40.44 27.34 13.35
N LEU A 147 40.90 26.73 14.44
CA LEU A 147 40.75 27.28 15.77
C LEU A 147 42.04 27.96 16.21
N LEU A 148 42.03 28.50 17.43
CA LEU A 148 43.15 29.26 17.95
C LEU A 148 43.17 29.14 19.46
N TRP A 149 44.35 28.86 20.02
CA TRP A 149 44.51 28.66 21.46
C TRP A 149 45.12 29.92 22.06
N LEU A 150 44.34 30.63 22.87
CA LEU A 150 44.80 31.87 23.49
C LEU A 150 45.50 31.58 24.81
N THR A 151 46.49 32.42 25.13
CA THR A 151 47.22 32.30 26.37
C THR A 151 47.79 33.67 26.73
N GLY A 152 47.93 33.92 28.03
CA GLY A 152 48.37 35.22 28.51
C GLY A 152 49.89 35.30 28.56
N LYS A 153 50.43 36.34 27.92
CA LYS A 153 51.86 36.60 27.94
C LYS A 153 52.20 37.53 29.11
N ASN A 154 53.43 37.40 29.60
CA ASN A 154 53.95 38.24 30.67
C ASN A 154 53.11 38.12 31.95
N GLY A 155 52.39 37.02 32.10
CA GLY A 155 51.59 36.80 33.29
C GLY A 155 50.25 37.50 33.33
N LEU A 156 49.87 38.18 32.25
CA LEU A 156 48.60 38.90 32.17
C LEU A 156 47.72 38.29 31.09
N TYR A 157 46.43 38.17 31.39
CA TYR A 157 45.43 37.71 30.44
C TYR A 157 44.28 38.71 30.43
N PRO A 158 44.50 39.89 29.84
CA PRO A 158 43.45 40.91 29.86
C PRO A 158 42.21 40.42 29.14
N ASN A 159 41.05 40.87 29.63
CA ASN A 159 39.78 40.45 29.04
C ASN A 159 39.75 40.78 27.56
N LEU A 160 39.35 39.80 26.75
CA LEU A 160 39.23 39.99 25.31
C LEU A 160 37.76 40.12 24.94
N SER A 161 37.42 41.18 24.23
CA SER A 161 36.04 41.48 23.84
C SER A 161 36.05 41.82 22.36
N LYS A 162 35.88 40.82 21.51
CA LYS A 162 35.86 41.00 20.07
C LYS A 162 34.53 40.52 19.51
N SER A 163 34.04 41.23 18.51
CA SER A 163 32.78 40.90 17.85
C SER A 163 32.97 40.94 16.34
N TYR A 164 32.18 40.14 15.64
CA TYR A 164 32.23 40.04 14.19
C TYR A 164 30.86 40.34 13.61
N VAL A 165 30.84 41.10 12.52
CA VAL A 165 29.62 41.45 11.81
C VAL A 165 29.64 40.77 10.45
N ASN A 166 28.56 40.07 10.12
CA ASN A 166 28.47 39.30 8.89
C ASN A 166 28.06 40.23 7.76
N ASN A 167 29.07 40.75 7.04
CA ASN A 167 28.84 41.61 5.89
C ASN A 167 28.73 40.80 4.60
N LYS A 168 27.85 39.80 4.61
CA LYS A 168 27.64 38.91 3.47
C LYS A 168 26.17 38.56 3.39
N GLU A 169 25.78 38.01 2.24
CA GLU A 169 24.41 37.56 2.01
C GLU A 169 24.24 36.07 2.23
N LYS A 170 25.26 35.40 2.79
CA LYS A 170 25.23 33.96 3.00
C LYS A 170 25.54 33.66 4.46
N GLU A 171 24.86 32.65 5.01
CA GLU A 171 25.07 32.27 6.40
C GLU A 171 26.52 31.84 6.61
N VAL A 172 27.07 32.17 7.78
CA VAL A 172 28.45 31.89 8.12
C VAL A 172 28.49 31.01 9.36
N LEU A 173 29.26 29.93 9.30
CA LEU A 173 29.42 29.01 10.41
C LEU A 173 30.60 29.43 11.26
N VAL A 174 30.39 29.53 12.57
CA VAL A 174 31.40 29.99 13.51
C VAL A 174 31.67 28.88 14.52
N LEU A 175 32.94 28.68 14.85
CA LEU A 175 33.37 27.63 15.76
C LEU A 175 34.19 28.23 16.89
N TRP A 176 33.96 27.76 18.11
CA TRP A 176 34.75 28.18 19.25
C TRP A 176 34.77 27.05 20.26
N GLY A 177 35.81 27.04 21.10
CA GLY A 177 35.99 26.00 22.08
C GLY A 177 36.34 26.57 23.45
N VAL A 178 36.05 25.78 24.47
CA VAL A 178 36.29 26.14 25.86
C VAL A 178 37.27 25.12 26.44
N HIS A 179 38.31 25.60 27.09
CA HIS A 179 39.32 24.73 27.67
C HIS A 179 38.88 24.27 29.06
N HIS A 180 39.22 23.02 29.39
CA HIS A 180 38.89 22.42 30.69
C HIS A 180 40.18 21.83 31.27
N PRO A 181 41.05 22.66 31.85
CA PRO A 181 42.31 22.14 32.34
C PRO A 181 42.09 21.11 33.43
N PRO A 182 43.00 20.15 33.57
CA PRO A 182 42.79 19.06 34.53
C PRO A 182 42.87 19.50 35.97
N ASN A 183 43.90 20.28 36.32
CA ASN A 183 44.15 20.69 37.69
C ASN A 183 44.36 22.20 37.76
N ILE A 184 44.48 22.70 38.99
CA ILE A 184 44.67 24.13 39.19
C ILE A 184 46.01 24.58 38.62
N GLY A 185 47.02 23.72 38.69
CA GLY A 185 48.35 24.12 38.24
C GLY A 185 48.36 24.57 36.79
N ASN A 186 47.71 23.79 35.91
CA ASN A 186 47.65 24.18 34.51
C ASN A 186 46.72 25.37 34.31
N GLN A 187 45.70 25.52 35.15
CA GLN A 187 44.77 26.64 35.02
C GLN A 187 45.48 27.96 35.30
N ARG A 188 46.18 28.04 36.43
CA ARG A 188 46.85 29.29 36.80
C ARG A 188 48.00 29.61 35.84
N ALA A 189 48.77 28.59 35.44
CA ALA A 189 49.92 28.82 34.59
C ALA A 189 49.53 29.19 33.17
N LEU A 190 48.27 28.98 32.77
CA LEU A 190 47.81 29.29 31.43
C LEU A 190 47.03 30.60 31.34
N TYR A 191 46.22 30.92 32.35
CA TYR A 191 45.41 32.13 32.33
C TYR A 191 45.55 32.97 33.59
N HIS A 192 46.17 32.46 34.66
CA HIS A 192 46.41 33.23 35.87
C HIS A 192 45.11 33.72 36.50
N THR A 193 44.05 32.94 36.36
CA THR A 193 42.74 33.27 36.94
C THR A 193 42.06 31.97 37.33
N GLU A 194 41.87 31.77 38.64
CA GLU A 194 41.24 30.54 39.10
C GLU A 194 39.80 30.43 38.60
N ASN A 195 39.07 31.54 38.61
CA ASN A 195 37.68 31.57 38.15
C ASN A 195 37.62 32.34 36.85
N ALA A 196 37.24 31.66 35.77
CA ALA A 196 37.19 32.25 34.43
C ALA A 196 35.88 31.90 33.77
N TYR A 197 35.46 32.76 32.84
CA TYR A 197 34.21 32.57 32.11
C TYR A 197 34.44 32.93 30.65
N VAL A 198 33.64 32.33 29.78
CA VAL A 198 33.61 32.63 28.36
C VAL A 198 32.16 32.79 27.93
N SER A 199 31.86 33.90 27.26
CA SER A 199 30.50 34.22 26.86
C SER A 199 30.46 34.50 25.37
N VAL A 200 29.51 33.86 24.68
CA VAL A 200 29.28 34.09 23.26
C VAL A 200 27.81 34.45 23.10
N VAL A 201 27.54 35.62 22.49
CA VAL A 201 26.19 36.13 22.35
C VAL A 201 25.98 36.57 20.90
N SER A 202 24.72 36.61 20.50
CA SER A 202 24.35 37.03 19.16
C SER A 202 22.91 37.56 19.22
N SER A 203 22.36 37.86 18.04
CA SER A 203 20.99 38.37 17.99
C SER A 203 19.99 37.35 18.52
N HIS A 204 20.18 36.08 18.17
CA HIS A 204 19.26 35.01 18.53
C HIS A 204 20.04 33.82 19.07
N TYR A 205 20.99 34.10 19.97
CA TYR A 205 21.80 33.05 20.58
C TYR A 205 22.60 33.65 21.71
N SER A 206 22.75 32.89 22.78
CA SER A 206 23.52 33.34 23.94
C SER A 206 23.66 32.19 24.94
N ARG A 207 24.83 32.08 25.54
CA ARG A 207 25.04 31.12 26.62
C ARG A 207 26.41 31.38 27.23
N ARG A 208 26.54 31.03 28.51
CA ARG A 208 27.75 31.28 29.28
C ARG A 208 28.32 29.95 29.77
N PHE A 209 29.60 29.73 29.50
CA PHE A 209 30.28 28.50 29.89
C PHE A 209 31.23 28.77 31.06
N THR A 210 31.63 27.70 31.72
CA THR A 210 32.63 27.76 32.77
C THR A 210 33.58 26.58 32.62
N PRO A 211 34.84 26.73 33.03
CA PRO A 211 35.78 25.61 32.94
C PRO A 211 35.52 24.59 34.04
N GLU A 212 35.45 23.32 33.65
CA GLU A 212 35.21 22.22 34.59
C GLU A 212 36.56 21.55 34.86
N ILE A 213 37.24 22.02 35.90
CA ILE A 213 38.57 21.51 36.23
C ILE A 213 38.42 20.30 37.14
N ALA A 214 38.94 19.16 36.69
CA ALA A 214 38.95 17.93 37.48
C ALA A 214 39.75 16.88 36.72
N LYS A 215 40.40 16.00 37.47
CA LYS A 215 41.16 14.91 36.85
C LYS A 215 40.20 13.99 36.08
N ARG A 216 40.71 13.47 34.97
CA ARG A 216 39.93 12.60 34.10
C ARG A 216 40.82 11.45 33.64
N PRO A 217 40.21 10.32 33.24
CA PRO A 217 41.02 9.21 32.74
C PRO A 217 41.78 9.60 31.48
N LYS A 218 42.96 8.99 31.31
CA LYS A 218 43.80 9.32 30.19
C LYS A 218 43.14 8.93 28.87
N VAL A 219 43.05 9.89 27.95
CA VAL A 219 42.59 9.65 26.59
C VAL A 219 43.53 10.37 25.65
N ARG A 220 44.11 9.63 24.70
CA ARG A 220 45.10 10.20 23.78
C ARG A 220 46.24 10.85 24.55
N ASP A 221 46.60 10.26 25.69
CA ASP A 221 47.69 10.75 26.53
C ASP A 221 47.46 12.21 26.92
N GLN A 222 46.21 12.56 27.19
CA GLN A 222 45.84 13.90 27.63
C GLN A 222 44.92 13.81 28.82
N GLU A 223 45.03 14.78 29.72
CA GLU A 223 44.23 14.81 30.94
C GLU A 223 42.99 15.68 30.80
N GLY A 224 43.16 16.92 30.34
CA GLY A 224 42.04 17.84 30.20
C GLY A 224 41.24 17.56 28.94
N ARG A 225 40.23 18.40 28.73
CA ARG A 225 39.36 18.31 27.57
C ARG A 225 39.12 19.71 27.02
N ILE A 226 38.77 19.76 25.74
CA ILE A 226 38.36 20.99 25.08
C ILE A 226 37.04 20.71 24.38
N ASN A 227 35.98 21.40 24.80
CA ASN A 227 34.66 21.21 24.23
C ASN A 227 34.41 22.22 23.12
N TYR A 228 34.00 21.73 21.96
CA TYR A 228 33.76 22.57 20.80
C TYR A 228 32.28 22.86 20.63
N TYR A 229 31.99 24.05 20.12
CA TYR A 229 30.61 24.48 19.88
C TYR A 229 30.54 25.15 18.53
N TRP A 230 29.30 25.35 18.04
CA TRP A 230 29.10 25.96 16.74
C TRP A 230 27.76 26.69 16.73
N THR A 231 27.64 27.63 15.79
CA THR A 231 26.42 28.38 15.60
C THR A 231 26.40 28.92 14.18
N LEU A 232 25.21 29.31 13.74
CA LEU A 232 25.01 29.88 12.41
C LEU A 232 24.52 31.31 12.55
N LEU A 233 25.17 32.22 11.82
CA LEU A 233 24.81 33.64 11.84
C LEU A 233 23.99 33.96 10.60
N GLU A 234 22.82 34.54 10.81
CA GLU A 234 21.99 34.96 9.70
C GLU A 234 22.62 36.16 9.00
N PRO A 235 22.29 36.40 7.73
CA PRO A 235 22.86 37.55 7.03
C PRO A 235 22.56 38.85 7.77
N GLY A 236 23.57 39.71 7.85
CA GLY A 236 23.41 40.99 8.53
C GLY A 236 23.40 40.90 10.04
N ASP A 237 23.76 39.76 10.61
CA ASP A 237 23.74 39.55 12.05
C ASP A 237 25.14 39.81 12.63
N THR A 238 25.20 39.89 13.95
CA THR A 238 26.42 40.18 14.67
C THR A 238 26.62 39.18 15.80
N ILE A 239 27.88 38.88 16.10
CA ILE A 239 28.25 37.98 17.18
C ILE A 239 29.35 38.65 18.00
N ILE A 240 29.23 38.55 19.33
CA ILE A 240 30.18 39.17 20.26
C ILE A 240 30.82 38.07 21.08
N PHE A 241 32.15 38.05 21.08
CA PHE A 241 32.91 37.08 21.88
C PHE A 241 33.47 37.77 23.11
N GLU A 242 33.19 37.22 24.28
CA GLU A 242 33.68 37.72 25.54
C GLU A 242 34.27 36.57 26.34
N ALA A 243 35.33 36.84 27.09
CA ALA A 243 35.97 35.83 27.91
C ALA A 243 37.08 36.46 28.72
N ASN A 244 37.49 35.75 29.78
CA ASN A 244 38.64 36.15 30.57
C ASN A 244 39.49 34.93 30.93
N GLY A 245 39.48 33.92 30.08
CA GLY A 245 40.26 32.71 30.30
C GLY A 245 39.52 31.50 29.80
N ASN A 246 40.29 30.45 29.51
CA ASN A 246 39.74 29.17 29.07
C ASN A 246 38.87 29.36 27.81
N LEU A 247 39.50 29.86 26.75
CA LEU A 247 38.82 30.08 25.49
C LEU A 247 39.65 29.55 24.33
N ILE A 248 38.96 29.09 23.29
CA ILE A 248 39.59 28.70 22.03
C ILE A 248 38.90 29.51 20.94
N ALA A 249 39.48 30.66 20.61
CA ALA A 249 38.82 31.59 19.71
C ALA A 249 38.85 31.07 18.28
N PRO A 250 37.89 31.49 17.45
CA PRO A 250 37.93 31.11 16.04
C PRO A 250 39.08 31.78 15.30
N TRP A 251 39.54 31.11 14.24
CA TRP A 251 40.55 31.66 13.36
C TRP A 251 40.04 31.65 11.93
N TYR A 252 39.19 30.69 11.62
CA TYR A 252 38.58 30.57 10.31
C TYR A 252 37.10 30.27 10.46
N ALA A 253 36.32 30.66 9.44
CA ALA A 253 34.89 30.40 9.40
C ALA A 253 34.52 29.88 8.02
N PHE A 254 33.45 29.11 7.95
CA PHE A 254 33.02 28.45 6.72
C PHE A 254 31.67 29.02 6.29
N ALA A 255 31.70 30.10 5.53
CA ALA A 255 30.48 30.60 4.91
C ALA A 255 29.96 29.57 3.91
N LEU A 256 28.67 29.26 4.01
CA LEU A 256 28.10 28.14 3.28
C LEU A 256 26.89 28.58 2.47
N SER A 257 26.66 27.87 1.36
CA SER A 257 25.49 28.08 0.51
C SER A 257 24.78 26.75 0.34
N ARG A 258 23.45 26.78 0.44
CA ARG A 258 22.66 25.57 0.40
C ARG A 258 22.59 25.01 -1.03
N GLY A 259 22.38 23.70 -1.11
CA GLY A 259 22.25 23.03 -2.39
C GLY A 259 21.50 21.72 -2.28
N PHE A 260 20.49 21.54 -3.14
CA PHE A 260 19.67 20.34 -3.10
C PHE A 260 20.39 19.16 -3.71
N GLY A 261 20.11 17.97 -3.17
CA GLY A 261 20.63 16.72 -3.68
C GLY A 261 21.89 16.23 -2.99
N SER A 262 22.61 17.10 -2.30
CA SER A 262 23.84 16.69 -1.64
C SER A 262 23.53 15.88 -0.39
N GLY A 263 24.50 15.07 0.02
CA GLY A 263 24.33 14.24 1.20
C GLY A 263 25.66 13.65 1.63
N ILE A 264 25.63 12.97 2.77
CA ILE A 264 26.80 12.34 3.36
C ILE A 264 26.66 10.83 3.22
N ILE A 265 27.76 10.19 2.84
CA ILE A 265 27.78 8.75 2.60
C ILE A 265 29.00 8.14 3.26
N THR A 266 28.86 6.90 3.72
CA THR A 266 29.95 6.12 4.27
C THR A 266 30.32 5.04 3.26
N SER A 267 31.50 5.16 2.66
CA SER A 267 31.92 4.26 1.60
C SER A 267 33.43 4.11 1.64
N ASN A 268 33.92 3.08 0.93
CA ASN A 268 35.34 2.83 0.84
C ASN A 268 35.80 2.45 -0.56
N ALA A 269 34.93 2.49 -1.56
CA ALA A 269 35.32 2.08 -2.90
C ALA A 269 36.30 3.09 -3.50
N PRO A 270 37.19 2.64 -4.38
CA PRO A 270 38.16 3.57 -4.98
C PRO A 270 37.49 4.61 -5.86
N MET A 271 38.12 5.78 -5.95
CA MET A 271 37.62 6.85 -6.78
C MET A 271 38.00 6.62 -8.24
N ASP A 272 37.25 7.26 -9.12
CA ASP A 272 37.49 7.16 -10.56
C ASP A 272 36.61 8.20 -11.24
N GLU A 273 36.67 8.23 -12.58
CA GLU A 273 35.87 9.14 -13.38
C GLU A 273 34.68 8.40 -13.97
N CYS A 274 33.50 9.02 -13.87
CA CYS A 274 32.27 8.42 -14.37
C CYS A 274 31.30 9.54 -14.75
N ASP A 275 30.17 9.14 -15.33
CA ASP A 275 29.08 10.06 -15.63
C ASP A 275 27.74 9.49 -15.18
N ALA A 276 27.75 8.60 -14.19
CA ALA A 276 26.53 7.94 -13.75
C ALA A 276 25.55 8.94 -13.16
N LYS A 277 24.26 8.72 -13.45
CA LYS A 277 23.23 9.62 -12.93
C LYS A 277 23.06 9.48 -11.43
N CYS A 278 23.24 8.27 -10.90
CA CYS A 278 23.07 7.99 -9.48
C CYS A 278 24.35 7.40 -8.89
N GLN A 279 24.60 7.70 -7.62
CA GLN A 279 25.73 7.18 -6.88
C GLN A 279 25.24 6.40 -5.67
N THR A 280 25.89 5.28 -5.40
CA THR A 280 25.55 4.40 -4.30
C THR A 280 26.82 3.98 -3.58
N PRO A 281 26.76 3.74 -2.26
CA PRO A 281 27.98 3.31 -1.56
C PRO A 281 28.62 2.08 -2.14
N GLN A 282 27.82 1.15 -2.67
CA GLN A 282 28.36 -0.03 -3.33
C GLN A 282 28.76 0.23 -4.78
N GLY A 283 28.54 1.44 -5.29
CA GLY A 283 28.89 1.76 -6.65
C GLY A 283 27.90 2.69 -7.33
N ALA A 284 27.81 2.60 -8.66
CA ALA A 284 26.88 3.40 -9.44
C ALA A 284 25.97 2.48 -10.24
N ILE A 285 24.74 2.94 -10.47
CA ILE A 285 23.74 2.11 -11.14
C ILE A 285 23.82 2.26 -12.66
N ASN A 286 24.01 3.48 -13.16
CA ASN A 286 24.35 3.71 -14.57
C ASN A 286 23.17 3.47 -15.51
N SER A 287 22.04 3.01 -14.99
CA SER A 287 20.86 2.73 -15.81
C SER A 287 19.65 3.42 -15.21
N SER A 288 18.54 3.40 -15.95
CA SER A 288 17.32 4.12 -15.59
C SER A 288 16.13 3.18 -15.44
N LEU A 289 16.37 1.95 -14.97
CA LEU A 289 15.25 1.06 -14.68
C LEU A 289 14.49 1.55 -13.46
N PRO A 290 13.17 1.30 -13.40
CA PRO A 290 12.38 1.84 -12.30
C PRO A 290 12.82 1.37 -10.92
N PHE A 291 13.32 0.15 -10.81
CA PHE A 291 13.62 -0.45 -9.51
C PHE A 291 15.07 -0.87 -9.43
N GLN A 292 15.55 -1.01 -8.19
CA GLN A 292 16.90 -1.49 -7.93
C GLN A 292 16.93 -2.06 -6.52
N ASN A 293 17.95 -2.88 -6.25
CA ASN A 293 18.10 -3.47 -4.93
C ASN A 293 19.55 -3.52 -4.46
N VAL A 294 20.43 -2.70 -5.04
CA VAL A 294 21.84 -2.76 -4.67
C VAL A 294 22.05 -2.23 -3.25
N HIS A 295 21.41 -1.13 -2.91
CA HIS A 295 21.58 -0.53 -1.58
C HIS A 295 20.48 0.50 -1.32
N PRO A 296 19.89 0.52 -0.13
CA PRO A 296 18.79 1.48 0.10
C PRO A 296 19.17 2.93 -0.09
N VAL A 297 20.37 3.34 0.27
CA VAL A 297 20.75 4.74 0.23
C VAL A 297 21.22 5.11 -1.18
N THR A 298 20.84 6.31 -1.62
CA THR A 298 21.19 6.77 -2.96
C THR A 298 21.38 8.28 -2.93
N ILE A 299 22.03 8.79 -3.98
CA ILE A 299 22.24 10.22 -4.16
C ILE A 299 21.79 10.59 -5.56
N GLY A 300 21.04 11.69 -5.67
CA GLY A 300 20.53 12.13 -6.95
C GLY A 300 19.37 11.28 -7.42
N GLU A 301 18.92 11.57 -8.63
CA GLU A 301 17.84 10.79 -9.23
C GLU A 301 18.27 9.33 -9.34
N CYS A 302 17.58 8.45 -8.60
CA CYS A 302 17.95 7.05 -8.55
C CYS A 302 16.69 6.21 -8.61
N PRO A 303 16.77 4.98 -9.13
CA PRO A 303 15.63 4.08 -9.04
C PRO A 303 15.28 3.77 -7.59
N LYS A 304 13.98 3.55 -7.36
CA LYS A 304 13.51 3.24 -6.03
C LYS A 304 14.06 1.88 -5.57
N TYR A 305 14.30 1.78 -4.26
CA TYR A 305 14.85 0.56 -3.68
C TYR A 305 13.73 -0.44 -3.40
N VAL A 306 13.90 -1.66 -3.86
CA VAL A 306 12.93 -2.74 -3.66
C VAL A 306 13.66 -3.94 -3.10
N ARG A 307 13.11 -4.52 -2.03
CA ARG A 307 13.76 -5.66 -1.38
C ARG A 307 13.55 -6.96 -2.14
N SER A 308 12.61 -7.00 -3.08
CA SER A 308 12.38 -8.22 -3.84
C SER A 308 13.63 -8.63 -4.61
N ALA A 309 13.92 -9.93 -4.58
CA ALA A 309 15.11 -10.43 -5.27
C ALA A 309 15.00 -10.22 -6.79
N LYS A 310 13.83 -10.50 -7.35
CA LYS A 310 13.66 -10.42 -8.80
C LYS A 310 12.18 -10.26 -9.11
N LEU A 311 11.87 -9.46 -10.12
CA LEU A 311 10.51 -9.29 -10.59
C LEU A 311 10.53 -8.92 -12.06
N ARG A 312 9.56 -9.44 -12.82
CA ARG A 312 9.48 -9.23 -14.25
C ARG A 312 8.03 -9.09 -14.66
N MET A 313 7.82 -8.46 -15.82
CA MET A 313 6.50 -8.32 -16.41
C MET A 313 6.46 -9.08 -17.73
N VAL A 314 5.41 -9.86 -17.94
CA VAL A 314 5.24 -10.61 -19.17
C VAL A 314 4.71 -9.68 -20.25
N THR A 315 5.41 -9.65 -21.39
CA THR A 315 4.96 -8.88 -22.55
C THR A 315 4.43 -9.75 -23.68
N GLY A 316 4.71 -11.04 -23.66
CA GLY A 316 4.23 -11.94 -24.69
C GLY A 316 3.28 -12.99 -24.15
N LEU A 317 3.30 -14.18 -24.73
CA LEU A 317 2.41 -15.27 -24.36
C LEU A 317 3.18 -16.34 -23.60
N ARG A 318 2.43 -17.22 -22.95
CA ARG A 318 3.03 -18.38 -22.31
C ARG A 318 3.67 -19.27 -23.37
N ASN A 319 4.89 -19.70 -23.10
CA ASN A 319 5.66 -20.50 -24.06
C ASN A 319 5.41 -21.98 -23.77
N ILE A 320 4.60 -22.62 -24.62
CA ILE A 320 4.29 -24.04 -24.47
C ILE A 320 4.49 -24.70 -25.84
N PRO A 321 5.73 -24.86 -26.30
CA PRO A 321 5.95 -25.46 -27.62
C PRO A 321 5.63 -26.94 -27.62
N SER A 322 5.22 -27.42 -28.79
CA SER A 322 4.84 -28.82 -28.97
C SER A 322 5.63 -29.45 -30.10
N ILE B 10 -4.73 -23.73 -31.78
CA ILE B 10 -4.73 -23.09 -30.47
C ILE B 10 -4.12 -24.04 -29.44
N GLU B 11 -4.24 -25.33 -29.69
CA GLU B 11 -3.68 -26.36 -28.81
C GLU B 11 -2.24 -26.61 -29.24
N GLY B 12 -1.31 -25.84 -28.67
CA GLY B 12 0.09 -25.94 -29.01
C GLY B 12 0.57 -24.75 -29.83
N GLY B 13 1.67 -24.13 -29.40
CA GLY B 13 2.20 -22.98 -30.07
C GLY B 13 2.99 -23.34 -31.32
N TRP B 14 3.47 -22.31 -32.00
CA TRP B 14 4.25 -22.45 -33.22
C TRP B 14 5.64 -21.87 -33.03
N THR B 15 6.61 -22.42 -33.76
CA THR B 15 7.98 -21.92 -33.75
C THR B 15 8.43 -21.36 -35.08
N GLY B 16 7.95 -21.89 -36.20
CA GLY B 16 8.33 -21.35 -37.49
C GLY B 16 7.79 -19.95 -37.71
N MET B 17 6.59 -19.67 -37.21
CA MET B 17 6.00 -18.35 -37.38
C MET B 17 6.82 -17.30 -36.67
N VAL B 18 6.84 -16.10 -37.25
CA VAL B 18 7.54 -14.94 -36.69
C VAL B 18 6.79 -13.68 -37.09
N ASP B 19 7.20 -12.56 -36.51
CA ASP B 19 6.63 -11.26 -36.85
C ASP B 19 5.16 -11.15 -36.45
N GLY B 20 4.76 -11.87 -35.41
CA GLY B 20 3.38 -11.78 -34.93
C GLY B 20 3.05 -12.79 -33.86
N TRP B 21 2.32 -12.33 -32.82
CA TRP B 21 1.91 -13.24 -31.76
C TRP B 21 0.78 -14.15 -32.20
N TYR B 22 -0.08 -13.69 -33.10
CA TYR B 22 -1.21 -14.47 -33.60
C TYR B 22 -1.12 -14.56 -35.11
N GLY B 23 -1.30 -15.76 -35.64
CA GLY B 23 -1.18 -15.98 -37.07
C GLY B 23 -1.98 -17.18 -37.54
N TYR B 24 -2.10 -17.29 -38.85
CA TYR B 24 -2.86 -18.34 -39.50
C TYR B 24 -1.92 -19.36 -40.13
N HIS B 25 -2.51 -20.30 -40.86
CA HIS B 25 -1.77 -21.29 -41.63
C HIS B 25 -2.65 -21.80 -42.75
N HIS B 26 -2.02 -22.28 -43.81
CA HIS B 26 -2.75 -22.83 -44.95
C HIS B 26 -1.88 -23.85 -45.65
N GLN B 27 -2.53 -24.75 -46.40
CA GLN B 27 -1.86 -25.84 -47.09
C GLN B 27 -2.36 -25.97 -48.53
N ASN B 28 -2.88 -24.88 -49.10
CA ASN B 28 -3.36 -24.91 -50.47
C ASN B 28 -2.20 -25.11 -51.43
N GLU B 29 -2.53 -25.67 -52.61
CA GLU B 29 -1.51 -25.92 -53.62
C GLU B 29 -0.79 -24.64 -54.04
N GLN B 30 -1.41 -23.48 -53.88
CA GLN B 30 -0.76 -22.23 -54.24
C GLN B 30 0.47 -21.97 -53.40
N GLY B 31 0.57 -22.58 -52.22
CA GLY B 31 1.74 -22.39 -51.37
C GLY B 31 1.41 -22.51 -49.90
N SER B 32 2.26 -23.23 -49.16
CA SER B 32 2.07 -23.44 -47.73
C SER B 32 3.08 -22.59 -46.97
N GLY B 33 2.58 -21.81 -46.00
CA GLY B 33 3.45 -20.95 -45.22
C GLY B 33 2.70 -20.20 -44.13
N TYR B 34 3.39 -19.92 -43.03
CA TYR B 34 2.78 -19.21 -41.92
C TYR B 34 2.59 -17.74 -42.26
N ALA B 35 1.64 -17.11 -41.58
CA ALA B 35 1.37 -15.69 -41.75
C ALA B 35 0.95 -15.11 -40.41
N ALA B 36 1.06 -13.79 -40.29
CA ALA B 36 0.75 -13.09 -39.06
C ALA B 36 -0.40 -12.12 -39.28
N ASP B 37 -1.19 -11.91 -38.23
CA ASP B 37 -2.29 -10.96 -38.25
C ASP B 37 -1.78 -9.64 -37.67
N GLN B 38 -1.38 -8.72 -38.55
CA GLN B 38 -0.80 -7.46 -38.08
C GLN B 38 -1.80 -6.66 -37.27
N LYS B 39 -3.06 -6.60 -37.73
CA LYS B 39 -4.06 -5.81 -37.02
C LYS B 39 -4.26 -6.32 -35.60
N SER B 40 -4.34 -7.64 -35.43
CA SER B 40 -4.57 -8.20 -34.10
C SER B 40 -3.34 -8.03 -33.22
N THR B 41 -2.16 -8.36 -33.74
CA THR B 41 -0.95 -8.26 -32.94
C THR B 41 -0.66 -6.82 -32.54
N GLN B 42 -0.81 -5.89 -33.49
CA GLN B 42 -0.48 -4.49 -33.21
C GLN B 42 -1.38 -3.94 -32.11
N ASN B 43 -2.66 -4.29 -32.13
CA ASN B 43 -3.57 -3.82 -31.09
C ASN B 43 -3.14 -4.32 -29.72
N ALA B 44 -2.72 -5.59 -29.64
CA ALA B 44 -2.27 -6.13 -28.36
C ALA B 44 -1.05 -5.39 -27.84
N ILE B 45 -0.12 -5.03 -28.73
CA ILE B 45 1.09 -4.35 -28.30
C ILE B 45 0.77 -3.01 -27.64
N ASN B 46 -0.25 -2.32 -28.14
CA ASN B 46 -0.59 -1.02 -27.58
C ASN B 46 -0.93 -1.14 -26.09
N CYS B 47 -1.74 -2.14 -25.73
CA CYS B 47 -2.08 -2.32 -24.33
C CYS B 47 -0.86 -2.65 -23.50
N ILE B 48 0.02 -3.51 -24.01
CA ILE B 48 1.23 -3.86 -23.26
C ILE B 48 2.10 -2.63 -23.05
N THR B 49 2.31 -1.84 -24.12
CA THR B 49 3.14 -0.66 -23.99
C THR B 49 2.52 0.34 -23.01
N ASN B 50 1.20 0.54 -23.08
CA ASN B 50 0.54 1.44 -22.15
C ASN B 50 0.52 0.85 -20.74
N LYS B 51 0.44 -0.48 -20.63
CA LYS B 51 0.39 -1.10 -19.31
C LYS B 51 1.72 -0.98 -18.59
N VAL B 52 2.82 -1.28 -19.28
CA VAL B 52 4.14 -1.19 -18.65
C VAL B 52 4.49 0.26 -18.34
N ASN B 53 4.11 1.18 -19.21
CA ASN B 53 4.38 2.59 -18.96
C ASN B 53 3.67 3.07 -17.70
N SER B 54 2.41 2.63 -17.51
CA SER B 54 1.65 3.08 -16.34
C SER B 54 2.34 2.67 -15.05
N VAL B 55 2.88 1.46 -15.00
CA VAL B 55 3.57 1.00 -13.79
C VAL B 55 4.74 1.90 -13.47
N ILE B 56 5.55 2.23 -14.48
CA ILE B 56 6.72 3.07 -14.25
C ILE B 56 6.31 4.45 -13.78
N GLU B 57 5.30 5.05 -14.43
CA GLU B 57 4.91 6.41 -14.09
C GLU B 57 4.41 6.51 -12.65
N LYS B 58 3.58 5.55 -12.23
CA LYS B 58 3.05 5.60 -10.86
C LYS B 58 4.17 5.48 -9.83
N MET B 59 5.14 4.60 -10.09
CA MET B 59 6.23 4.37 -9.15
C MET B 59 7.24 5.50 -9.28
N ASN B 60 6.98 6.60 -8.59
CA ASN B 60 7.92 7.70 -8.56
C ASN B 60 9.15 7.33 -7.74
N THR B 61 10.27 7.99 -8.04
CA THR B 61 11.52 7.68 -7.37
C THR B 61 12.33 8.91 -7.01
N GLN B 62 11.80 10.11 -7.20
CA GLN B 62 12.53 11.34 -6.88
C GLN B 62 12.30 11.68 -5.41
N PHE B 63 13.29 11.41 -4.58
CA PHE B 63 13.23 11.72 -3.16
C PHE B 63 14.62 11.56 -2.57
N THR B 64 14.77 12.07 -1.34
CA THR B 64 16.05 11.99 -0.63
C THR B 64 16.04 10.78 0.29
N ALA B 65 17.10 9.97 0.19
CA ALA B 65 17.20 8.74 0.98
C ALA B 65 18.49 8.68 1.81
N VAL B 66 19.22 9.78 1.94
CA VAL B 66 20.46 9.78 2.70
C VAL B 66 20.16 9.47 4.16
N GLY B 67 20.92 8.55 4.74
CA GLY B 67 20.69 8.16 6.12
C GLY B 67 21.26 9.15 7.11
N LYS B 68 20.72 9.10 8.32
CA LYS B 68 21.15 9.94 9.43
C LYS B 68 21.76 9.08 10.53
N GLU B 69 22.43 9.73 11.47
CA GLU B 69 23.01 9.05 12.62
C GLU B 69 22.68 9.84 13.88
N PHE B 70 22.63 9.13 15.01
CA PHE B 70 22.29 9.72 16.29
C PHE B 70 23.28 9.26 17.35
N ASN B 71 23.46 10.09 18.37
CA ASN B 71 24.40 9.78 19.43
C ASN B 71 23.84 8.67 20.32
N LYS B 72 24.58 8.36 21.39
CA LYS B 72 24.22 7.23 22.25
C LYS B 72 22.97 7.52 23.08
N LEU B 73 22.78 8.76 23.51
CA LEU B 73 21.64 9.09 24.36
C LEU B 73 20.34 9.25 23.58
N GLU B 74 20.38 9.22 22.25
CA GLU B 74 19.19 9.36 21.42
C GLU B 74 18.76 8.03 20.83
N ARG B 75 18.86 6.96 21.63
CA ARG B 75 18.46 5.64 21.15
C ARG B 75 17.02 5.63 20.68
N ARG B 76 16.15 6.44 21.30
CA ARG B 76 14.76 6.49 20.87
C ARG B 76 14.65 7.00 19.43
N MET B 77 15.44 8.01 19.08
CA MET B 77 15.44 8.51 17.71
C MET B 77 15.84 7.41 16.74
N GLU B 78 16.91 6.68 17.05
CA GLU B 78 17.40 5.67 16.11
C GLU B 78 16.37 4.57 15.89
N ASN B 79 15.75 4.09 16.97
CA ASN B 79 14.72 3.07 16.83
C ASN B 79 13.52 3.60 16.05
N LEU B 80 13.08 4.82 16.37
CA LEU B 80 11.97 5.41 15.64
C LEU B 80 12.34 5.69 14.19
N ASN B 81 13.53 6.22 13.95
CA ASN B 81 13.97 6.46 12.59
C ASN B 81 14.15 5.15 11.83
N LYS B 82 14.68 4.13 12.50
CA LYS B 82 14.86 2.83 11.86
C LYS B 82 13.52 2.24 11.44
N LYS B 83 12.50 2.36 12.30
CA LYS B 83 11.19 1.82 11.97
C LYS B 83 10.61 2.49 10.73
N VAL B 84 10.78 3.81 10.62
CA VAL B 84 10.23 4.53 9.46
C VAL B 84 10.87 4.01 8.18
N ASP B 85 12.19 3.85 8.18
CA ASP B 85 12.87 3.34 6.99
C ASP B 85 12.43 1.91 6.69
N ASP B 86 12.44 1.04 7.70
CA ASP B 86 12.04 -0.34 7.48
C ASP B 86 10.58 -0.43 7.07
N GLY B 87 9.71 0.37 7.68
CA GLY B 87 8.30 0.30 7.36
C GLY B 87 8.01 0.58 5.89
N PHE B 88 8.60 1.65 5.37
CA PHE B 88 8.36 2.00 3.97
C PHE B 88 8.92 0.94 3.02
N LEU B 89 10.11 0.42 3.31
CA LEU B 89 10.69 -0.59 2.45
C LEU B 89 9.81 -1.84 2.38
N ASP B 90 9.25 -2.25 3.52
CA ASP B 90 8.33 -3.37 3.53
C ASP B 90 7.09 -3.07 2.69
N ILE B 91 6.55 -1.86 2.83
CA ILE B 91 5.34 -1.49 2.09
C ILE B 91 5.63 -1.48 0.59
N TRP B 92 6.70 -0.80 0.18
CA TRP B 92 7.01 -0.70 -1.24
C TRP B 92 7.31 -2.07 -1.83
N THR B 93 8.03 -2.92 -1.09
CA THR B 93 8.29 -4.26 -1.58
C THR B 93 7.00 -5.03 -1.82
N TYR B 94 6.05 -4.92 -0.88
CA TYR B 94 4.75 -5.58 -1.07
C TYR B 94 4.00 -4.97 -2.24
N ASN B 95 3.99 -3.64 -2.34
CA ASN B 95 3.27 -2.99 -3.44
C ASN B 95 3.89 -3.33 -4.78
N ALA B 96 5.23 -3.36 -4.87
CA ALA B 96 5.89 -3.64 -6.13
C ALA B 96 5.56 -5.04 -6.62
N GLU B 97 5.63 -6.02 -5.73
CA GLU B 97 5.35 -7.40 -6.13
C GLU B 97 3.89 -7.59 -6.47
N LEU B 98 2.99 -7.07 -5.63
CA LEU B 98 1.57 -7.28 -5.85
C LEU B 98 1.12 -6.73 -7.20
N LEU B 99 1.56 -5.50 -7.52
CA LEU B 99 1.17 -4.90 -8.79
C LEU B 99 1.74 -5.70 -9.97
N VAL B 100 3.00 -6.11 -9.88
CA VAL B 100 3.61 -6.85 -10.97
C VAL B 100 2.98 -8.22 -11.10
N LEU B 101 2.82 -8.93 -9.98
CA LEU B 101 2.21 -10.26 -10.04
C LEU B 101 0.76 -10.18 -10.54
N LEU B 102 0.01 -9.20 -10.07
CA LEU B 102 -1.39 -9.07 -10.50
C LEU B 102 -1.48 -8.75 -11.98
N GLU B 103 -0.63 -7.85 -12.47
CA GLU B 103 -0.68 -7.46 -13.87
C GLU B 103 -0.30 -8.61 -14.80
N ASN B 104 0.64 -9.46 -14.38
CA ASN B 104 1.06 -10.57 -15.23
C ASN B 104 -0.11 -11.51 -15.52
N GLU B 105 -0.91 -11.82 -14.51
CA GLU B 105 -2.04 -12.72 -14.73
C GLU B 105 -3.00 -12.16 -15.76
N ARG B 106 -3.31 -10.87 -15.67
CA ARG B 106 -4.21 -10.26 -16.65
C ARG B 106 -3.63 -10.35 -18.05
N THR B 107 -2.34 -10.08 -18.19
CA THR B 107 -1.72 -10.12 -19.52
C THR B 107 -1.81 -11.52 -20.12
N LEU B 108 -1.53 -12.55 -19.32
CA LEU B 108 -1.64 -13.91 -19.82
C LEU B 108 -3.07 -14.25 -20.25
N ASP B 109 -4.05 -13.84 -19.44
CA ASP B 109 -5.43 -14.02 -19.84
C ASP B 109 -5.81 -13.10 -21.00
N PHE B 110 -5.18 -11.92 -21.08
CA PHE B 110 -5.49 -10.99 -22.15
C PHE B 110 -5.21 -11.60 -23.51
N HIS B 111 -4.07 -12.27 -23.65
CA HIS B 111 -3.73 -12.88 -24.93
C HIS B 111 -4.73 -13.96 -25.30
N ASP B 112 -5.16 -14.77 -24.32
CA ASP B 112 -6.10 -15.84 -24.61
C ASP B 112 -7.38 -15.31 -25.22
N SER B 113 -7.90 -14.20 -24.69
CA SER B 113 -9.11 -13.62 -25.25
C SER B 113 -8.88 -13.16 -26.69
N ASN B 114 -7.74 -12.53 -26.96
CA ASN B 114 -7.46 -12.05 -28.31
C ASN B 114 -7.42 -13.19 -29.31
N VAL B 115 -6.61 -14.22 -29.03
CA VAL B 115 -6.51 -15.35 -29.94
C VAL B 115 -7.86 -16.05 -30.06
N LYS B 116 -8.52 -16.29 -28.94
CA LYS B 116 -9.84 -16.91 -28.97
C LYS B 116 -10.84 -16.02 -29.69
N ASN B 117 -10.80 -14.71 -29.43
CA ASN B 117 -11.68 -13.80 -30.13
C ASN B 117 -11.42 -13.82 -31.63
N LEU B 118 -10.14 -13.87 -32.02
CA LEU B 118 -9.82 -13.98 -33.44
C LEU B 118 -10.36 -15.28 -34.02
N TYR B 119 -10.25 -16.38 -33.28
CA TYR B 119 -10.75 -17.66 -33.76
C TYR B 119 -12.25 -17.59 -34.01
N GLU B 120 -13.00 -17.00 -33.08
CA GLU B 120 -14.43 -16.85 -33.27
C GLU B 120 -14.73 -15.94 -34.44
N LYS B 121 -13.94 -14.87 -34.61
CA LYS B 121 -14.15 -13.97 -35.74
C LYS B 121 -14.01 -14.71 -37.07
N VAL B 122 -13.03 -15.60 -37.16
CA VAL B 122 -12.89 -16.42 -38.36
C VAL B 122 -14.12 -17.29 -38.55
N LYS B 123 -14.62 -17.88 -37.47
CA LYS B 123 -15.80 -18.75 -37.57
C LYS B 123 -16.98 -17.98 -38.16
N SER B 124 -17.21 -16.76 -37.69
CA SER B 124 -18.32 -15.97 -38.23
C SER B 124 -18.11 -15.67 -39.71
N GLN B 125 -16.90 -15.26 -40.09
CA GLN B 125 -16.61 -14.97 -41.48
C GLN B 125 -16.45 -16.26 -42.28
N LEU B 126 -16.00 -17.33 -41.64
CA LEU B 126 -15.84 -18.63 -42.29
C LEU B 126 -17.04 -19.49 -41.89
N LYS B 127 -18.09 -19.41 -42.71
CA LYS B 127 -19.35 -20.05 -42.39
C LYS B 127 -19.21 -21.57 -42.49
N ASN B 128 -20.34 -22.26 -42.30
CA ASN B 128 -20.36 -23.72 -42.26
C ASN B 128 -19.72 -24.38 -43.47
N ASN B 129 -19.43 -23.62 -44.53
CA ASN B 129 -18.78 -24.21 -45.70
C ASN B 129 -17.48 -24.90 -45.33
N ALA B 130 -16.81 -24.44 -44.27
CA ALA B 130 -15.58 -25.03 -43.80
C ALA B 130 -15.87 -25.90 -42.57
N LYS B 131 -15.42 -27.15 -42.61
CA LYS B 131 -15.65 -28.06 -41.50
C LYS B 131 -14.61 -27.85 -40.41
N GLU B 132 -15.08 -27.69 -39.18
CA GLU B 132 -14.19 -27.51 -38.03
C GLU B 132 -13.80 -28.87 -37.47
N ILE B 133 -12.49 -29.09 -37.32
CA ILE B 133 -11.98 -30.35 -36.80
C ILE B 133 -11.56 -30.24 -35.35
N GLY B 134 -11.85 -29.13 -34.70
CA GLY B 134 -11.60 -28.98 -33.27
C GLY B 134 -10.27 -28.40 -32.86
N ASN B 135 -9.18 -28.97 -33.38
CA ASN B 135 -7.83 -28.59 -32.97
C ASN B 135 -7.39 -27.29 -33.66
N GLY B 136 -8.20 -26.26 -33.48
CA GLY B 136 -7.87 -24.95 -34.02
C GLY B 136 -7.64 -24.95 -35.51
N CYS B 137 -8.49 -25.65 -36.27
CA CYS B 137 -8.32 -25.74 -37.71
C CYS B 137 -9.68 -25.88 -38.37
N PHE B 138 -9.72 -25.60 -39.66
CA PHE B 138 -10.92 -25.76 -40.47
C PHE B 138 -10.58 -26.46 -41.77
N GLU B 139 -11.52 -27.24 -42.27
CA GLU B 139 -11.40 -27.94 -43.55
C GLU B 139 -12.43 -27.35 -44.50
N PHE B 140 -11.96 -26.88 -45.66
CA PHE B 140 -12.83 -26.23 -46.63
C PHE B 140 -13.47 -27.27 -47.55
N TYR B 141 -14.76 -27.10 -47.82
CA TYR B 141 -15.45 -27.90 -48.81
C TYR B 141 -15.26 -27.38 -50.22
N HIS B 142 -14.64 -26.21 -50.39
CA HIS B 142 -14.42 -25.61 -51.69
C HIS B 142 -12.93 -25.32 -51.87
N LYS B 143 -12.42 -25.62 -53.06
CA LYS B 143 -11.03 -25.33 -53.36
C LYS B 143 -10.84 -23.82 -53.47
N CYS B 144 -9.84 -23.30 -52.77
CA CYS B 144 -9.59 -21.86 -52.72
C CYS B 144 -8.12 -21.56 -53.01
N ASN B 145 -7.89 -20.48 -53.73
CA ASN B 145 -6.55 -20.04 -54.08
C ASN B 145 -6.12 -18.90 -53.14
N ASN B 146 -4.99 -18.27 -53.43
CA ASN B 146 -4.49 -17.20 -52.59
C ASN B 146 -5.52 -16.07 -52.47
N GLU B 147 -6.22 -15.77 -53.57
CA GLU B 147 -7.18 -14.67 -53.55
C GLU B 147 -8.25 -14.89 -52.49
N CYS B 148 -8.78 -16.11 -52.43
CA CYS B 148 -9.77 -16.43 -51.41
C CYS B 148 -9.13 -16.65 -50.05
N MET B 149 -7.92 -17.21 -50.01
CA MET B 149 -7.28 -17.46 -48.72
C MET B 149 -7.04 -16.17 -47.97
N GLU B 150 -6.54 -15.15 -48.65
CA GLU B 150 -6.32 -13.87 -47.99
C GLU B 150 -7.64 -13.17 -47.66
N SER B 151 -8.73 -13.54 -48.34
CA SER B 151 -10.03 -12.99 -47.99
C SER B 151 -10.40 -13.36 -46.56
N VAL B 152 -10.21 -14.62 -46.19
CA VAL B 152 -10.47 -15.04 -44.81
C VAL B 152 -9.50 -14.37 -43.87
N LYS B 153 -8.22 -14.27 -44.26
CA LYS B 153 -7.22 -13.68 -43.39
C LYS B 153 -7.55 -12.22 -43.08
N ASN B 154 -7.96 -11.45 -44.09
CA ASN B 154 -8.31 -10.06 -43.88
C ASN B 154 -9.83 -9.94 -43.73
N GLY B 155 -10.32 -8.70 -43.71
CA GLY B 155 -11.69 -8.42 -43.33
C GLY B 155 -12.73 -8.49 -44.43
N THR B 156 -12.40 -9.06 -45.59
CA THR B 156 -13.34 -9.17 -46.69
C THR B 156 -13.46 -10.63 -47.11
N TYR B 157 -14.70 -11.11 -47.24
CA TYR B 157 -14.96 -12.48 -47.66
C TYR B 157 -16.13 -12.48 -48.63
N ASP B 158 -16.22 -13.55 -49.43
CA ASP B 158 -17.16 -13.67 -50.54
C ASP B 158 -17.99 -14.94 -50.39
N TYR B 159 -18.57 -15.14 -49.20
CA TYR B 159 -19.32 -16.35 -48.91
C TYR B 159 -20.35 -16.73 -49.97
N PRO B 160 -21.21 -15.82 -50.44
CA PRO B 160 -22.25 -16.25 -51.39
C PRO B 160 -21.70 -16.84 -52.68
N LYS B 161 -20.45 -16.53 -53.05
CA LYS B 161 -19.90 -17.06 -54.29
C LYS B 161 -19.82 -18.58 -54.26
N TYR B 162 -19.40 -19.15 -53.14
CA TYR B 162 -19.18 -20.58 -53.02
C TYR B 162 -20.32 -21.22 -52.25
N SER B 163 -20.93 -22.25 -52.83
CA SER B 163 -21.98 -23.02 -52.18
C SER B 163 -21.84 -24.51 -52.46
N GLU B 164 -20.61 -24.97 -52.69
CA GLU B 164 -20.39 -26.37 -53.03
C GLU B 164 -20.79 -27.28 -51.87
N GLU B 165 -21.29 -28.46 -52.20
CA GLU B 165 -21.77 -29.43 -51.21
C GLU B 165 -22.83 -28.80 -50.32
N SER B 166 -23.74 -28.05 -50.93
CA SER B 166 -24.83 -27.42 -50.19
C SER B 166 -25.96 -27.04 -51.14
N GLN C 1 2.61 14.17 -29.19
CA GLN C 1 3.68 14.44 -30.19
C GLN C 1 5.01 13.84 -29.72
N VAL C 2 5.80 13.37 -30.68
CA VAL C 2 7.09 12.76 -30.40
C VAL C 2 8.13 13.38 -31.32
N GLN C 3 9.39 13.30 -30.88
CA GLN C 3 10.53 13.83 -31.63
C GLN C 3 11.63 12.80 -31.67
N LEU C 4 12.24 12.63 -32.84
CA LEU C 4 13.34 11.71 -33.03
C LEU C 4 14.66 12.49 -33.00
N VAL C 5 15.59 12.05 -32.17
CA VAL C 5 16.89 12.70 -32.02
C VAL C 5 17.98 11.66 -32.21
N GLN C 6 19.00 12.01 -33.00
CA GLN C 6 20.15 11.17 -33.24
C GLN C 6 21.40 11.80 -32.63
N SER C 7 22.48 11.02 -32.59
CA SER C 7 23.73 11.51 -32.04
C SER C 7 24.35 12.55 -33.00
N GLY C 8 25.39 13.21 -32.52
CA GLY C 8 26.03 14.25 -33.29
C GLY C 8 26.84 13.69 -34.45
N ALA C 9 27.22 14.60 -35.34
CA ALA C 9 28.01 14.21 -36.50
C ALA C 9 29.38 13.69 -36.06
N GLU C 10 29.87 12.69 -36.79
CA GLU C 10 31.13 12.04 -36.45
C GLU C 10 31.93 11.79 -37.73
N VAL C 11 33.25 11.74 -37.58
CA VAL C 11 34.17 11.43 -38.67
C VAL C 11 35.07 10.30 -38.21
N LYS C 12 35.28 9.31 -39.07
CA LYS C 12 36.05 8.13 -38.72
C LYS C 12 37.08 7.84 -39.80
N LYS C 13 38.20 7.26 -39.37
CA LYS C 13 39.25 6.88 -40.30
C LYS C 13 38.77 5.71 -41.16
N PRO C 14 39.26 5.60 -42.40
CA PRO C 14 38.85 4.48 -43.25
C PRO C 14 39.19 3.14 -42.61
N GLY C 15 38.31 2.16 -42.83
CA GLY C 15 38.52 0.84 -42.28
C GLY C 15 38.13 0.69 -40.83
N SER C 16 37.36 1.62 -40.28
CA SER C 16 36.93 1.60 -38.89
C SER C 16 35.42 1.33 -38.83
N SER C 17 34.88 1.40 -37.62
CA SER C 17 33.46 1.20 -37.37
C SER C 17 32.87 2.45 -36.72
N VAL C 18 31.67 2.82 -37.15
CA VAL C 18 30.99 4.02 -36.66
C VAL C 18 29.66 3.59 -36.06
N LYS C 19 29.34 4.12 -34.89
CA LYS C 19 28.10 3.83 -34.18
C LYS C 19 27.30 5.10 -34.02
N VAL C 20 26.02 5.05 -34.37
CA VAL C 20 25.10 6.18 -34.25
C VAL C 20 23.89 5.71 -33.46
N SER C 21 23.49 6.48 -32.46
CA SER C 21 22.40 6.13 -31.57
C SER C 21 21.19 7.00 -31.88
N CYS C 22 20.03 6.35 -32.06
CA CYS C 22 18.77 7.03 -32.31
C CYS C 22 17.89 6.92 -31.08
N LYS C 23 17.34 8.04 -30.63
CA LYS C 23 16.49 8.07 -29.45
C LYS C 23 15.28 8.93 -29.74
N ALA C 24 14.19 8.65 -29.02
CA ALA C 24 12.93 9.36 -29.18
C ALA C 24 12.66 10.21 -27.95
N SER C 25 12.21 11.44 -28.16
CA SER C 25 11.88 12.32 -27.05
C SER C 25 10.86 11.68 -26.14
N GLY C 26 11.08 11.79 -24.84
CA GLY C 26 10.23 11.11 -23.89
C GLY C 26 10.31 9.61 -24.10
N GLY C 27 11.53 9.09 -24.22
CA GLY C 27 11.75 7.73 -24.63
C GLY C 27 11.39 6.70 -23.58
N THR C 28 10.10 6.57 -23.27
CA THR C 28 9.62 5.52 -22.39
C THR C 28 9.55 4.22 -23.19
N PHE C 29 8.97 3.18 -22.59
CA PHE C 29 8.88 1.89 -23.28
C PHE C 29 8.12 2.05 -24.59
N SER C 30 8.70 1.55 -25.67
CA SER C 30 8.10 1.67 -26.99
C SER C 30 8.36 0.39 -27.77
N SER C 31 7.51 0.15 -28.78
CA SER C 31 7.62 -1.04 -29.62
C SER C 31 7.59 -0.70 -31.10
N TYR C 32 7.62 0.58 -31.46
CA TYR C 32 7.56 0.95 -32.87
C TYR C 32 8.79 0.44 -33.61
N GLY C 33 8.59 0.03 -34.86
CA GLY C 33 9.70 -0.43 -35.67
C GLY C 33 10.64 0.70 -36.02
N ILE C 34 11.89 0.34 -36.28
CA ILE C 34 12.94 1.29 -36.62
C ILE C 34 13.67 0.77 -37.85
N SER C 35 14.35 1.68 -38.54
CA SER C 35 15.14 1.33 -39.72
C SER C 35 16.18 2.40 -39.93
N TRP C 36 16.87 2.34 -41.08
CA TRP C 36 17.89 3.31 -41.43
C TRP C 36 17.90 3.48 -42.94
N VAL C 37 18.43 4.62 -43.38
CA VAL C 37 18.47 4.95 -44.80
C VAL C 37 19.66 5.85 -45.06
N ARG C 38 20.28 5.68 -46.22
CA ARG C 38 21.45 6.45 -46.63
C ARG C 38 21.07 7.40 -47.76
N GLN C 39 21.49 8.65 -47.64
CA GLN C 39 21.27 9.68 -48.65
C GLN C 39 22.64 10.18 -49.08
N ALA C 40 23.20 9.55 -50.12
CA ALA C 40 24.50 9.95 -50.61
C ALA C 40 24.43 11.37 -51.17
N PRO C 41 25.54 12.12 -51.12
CA PRO C 41 25.50 13.52 -51.55
C PRO C 41 25.03 13.68 -52.99
N GLY C 42 23.88 14.32 -53.16
CA GLY C 42 23.34 14.57 -54.49
C GLY C 42 22.65 13.38 -55.13
N GLN C 43 22.43 12.31 -54.38
CA GLN C 43 21.80 11.10 -54.90
C GLN C 43 20.59 10.74 -54.05
N GLY C 44 19.82 9.77 -54.53
CA GLY C 44 18.62 9.34 -53.85
C GLY C 44 18.91 8.45 -52.67
N LEU C 45 17.87 8.20 -51.88
CA LEU C 45 17.98 7.37 -50.70
C LEU C 45 18.03 5.89 -51.06
N GLU C 46 18.48 5.08 -50.11
CA GLU C 46 18.51 3.63 -50.28
C GLU C 46 18.38 2.99 -48.90
N TRP C 47 17.49 2.01 -48.81
CA TRP C 47 17.18 1.37 -47.54
C TRP C 47 18.36 0.54 -47.04
N MET C 48 18.44 0.38 -45.71
CA MET C 48 19.48 -0.41 -45.08
C MET C 48 18.95 -1.63 -44.35
N GLY C 49 17.91 -1.47 -43.54
CA GLY C 49 17.42 -2.54 -42.69
C GLY C 49 16.76 -1.97 -41.45
N GLY C 50 16.04 -2.84 -40.72
CA GLY C 50 15.28 -2.37 -39.58
C GLY C 50 14.93 -3.52 -38.64
N ILE C 51 14.32 -3.14 -37.51
CA ILE C 51 13.90 -4.07 -36.49
C ILE C 51 12.39 -4.21 -36.55
N ILE C 52 11.86 -5.26 -35.92
CA ILE C 52 10.43 -5.56 -35.93
C ILE C 52 9.98 -5.70 -34.48
N GLY C 53 9.50 -4.61 -33.90
CA GLY C 53 8.80 -4.64 -32.62
C GLY C 53 9.43 -5.49 -31.54
N MET C 54 8.60 -6.10 -30.69
CA MET C 54 9.12 -6.91 -29.60
C MET C 54 9.91 -8.11 -30.12
N PHE C 55 9.52 -8.66 -31.27
CA PHE C 55 10.12 -9.90 -31.74
C PHE C 55 11.60 -9.76 -32.05
N GLY C 56 12.08 -8.54 -32.28
CA GLY C 56 13.51 -8.35 -32.53
C GLY C 56 14.03 -9.13 -33.71
N THR C 57 13.27 -9.17 -34.80
CA THR C 57 13.69 -9.82 -36.04
C THR C 57 14.32 -8.77 -36.95
N THR C 58 15.52 -9.05 -37.45
CA THR C 58 16.30 -8.10 -38.22
C THR C 58 16.45 -8.60 -39.65
N ASN C 59 16.32 -7.68 -40.60
CA ASN C 59 16.52 -7.97 -42.01
C ASN C 59 17.37 -6.86 -42.62
N TYR C 60 18.32 -7.26 -43.46
CA TYR C 60 19.23 -6.33 -44.12
C TYR C 60 19.29 -6.64 -45.60
N ALA C 61 19.58 -5.61 -46.39
CA ALA C 61 19.71 -5.79 -47.82
C ALA C 61 20.92 -6.66 -48.15
N GLN C 62 20.86 -7.34 -49.29
CA GLN C 62 21.92 -8.24 -49.69
C GLN C 62 23.19 -7.51 -50.11
N LYS C 63 23.15 -6.18 -50.23
CA LYS C 63 24.33 -5.45 -50.67
C LYS C 63 25.50 -5.69 -49.72
N PHE C 64 25.26 -5.64 -48.41
CA PHE C 64 26.29 -5.93 -47.43
C PHE C 64 25.98 -7.18 -46.63
N GLN C 65 24.86 -7.21 -45.89
CA GLN C 65 24.34 -8.42 -45.26
C GLN C 65 25.21 -8.90 -44.10
N GLY C 66 26.40 -8.33 -43.93
CA GLY C 66 27.28 -8.71 -42.85
C GLY C 66 27.94 -7.54 -42.14
N ARG C 67 27.79 -6.35 -42.73
CA ARG C 67 28.53 -5.18 -42.26
C ARG C 67 27.73 -4.30 -41.30
N VAL C 68 26.41 -4.39 -41.31
CA VAL C 68 25.56 -3.54 -40.49
C VAL C 68 24.74 -4.43 -39.56
N THR C 69 24.75 -4.10 -38.27
CA THR C 69 23.96 -4.79 -37.26
C THR C 69 23.20 -3.76 -36.46
N ILE C 70 21.89 -3.97 -36.31
CA ILE C 70 21.01 -3.04 -35.61
C ILE C 70 20.36 -3.77 -34.44
N THR C 71 20.45 -3.16 -33.26
CA THR C 71 19.78 -3.67 -32.07
C THR C 71 19.13 -2.49 -31.36
N ALA C 72 17.90 -2.69 -30.88
CA ALA C 72 17.11 -1.63 -30.26
C ALA C 72 16.80 -1.98 -28.82
N ASP C 73 17.11 -1.06 -27.91
CA ASP C 73 16.75 -1.20 -26.50
C ASP C 73 15.36 -0.61 -26.33
N GLU C 74 14.34 -1.45 -26.48
CA GLU C 74 12.96 -0.97 -26.50
C GLU C 74 12.59 -0.23 -25.22
N PHE C 75 13.18 -0.61 -24.09
CA PHE C 75 12.83 0.04 -22.84
C PHE C 75 13.15 1.54 -22.89
N THR C 76 14.29 1.90 -23.46
CA THR C 76 14.68 3.29 -23.62
C THR C 76 14.25 3.87 -24.97
N SER C 77 13.58 3.09 -25.81
CA SER C 77 13.13 3.54 -27.12
C SER C 77 14.31 4.05 -27.95
N THR C 78 15.39 3.28 -27.94
CA THR C 78 16.61 3.64 -28.64
C THR C 78 16.97 2.57 -29.67
N ALA C 79 17.55 3.01 -30.78
CA ALA C 79 18.03 2.12 -31.83
C ALA C 79 19.49 2.44 -32.10
N TYR C 80 20.33 1.41 -32.13
CA TYR C 80 21.77 1.57 -32.29
C TYR C 80 22.21 1.08 -33.67
N MET C 81 23.47 1.38 -33.99
CA MET C 81 24.09 0.98 -35.24
C MET C 81 25.46 0.39 -34.95
N GLU C 82 25.86 -0.60 -35.75
CA GLU C 82 27.17 -1.23 -35.64
C GLU C 82 27.78 -1.42 -37.02
N LEU C 83 27.68 -0.40 -37.86
CA LEU C 83 28.26 -0.47 -39.19
C LEU C 83 29.77 -0.62 -39.11
N SER C 84 30.31 -1.49 -39.95
CA SER C 84 31.74 -1.79 -39.93
C SER C 84 32.28 -1.81 -41.36
N SER C 85 33.59 -1.64 -41.47
CA SER C 85 34.28 -1.65 -42.76
C SER C 85 33.84 -0.47 -43.64
N LEU C 86 33.92 0.72 -43.09
CA LEU C 86 33.60 1.92 -43.84
C LEU C 86 34.58 2.14 -44.98
N ARG C 87 34.11 2.77 -46.04
CA ARG C 87 34.93 3.06 -47.21
C ARG C 87 34.59 4.46 -47.70
N SER C 88 35.27 4.87 -48.78
CA SER C 88 35.04 6.20 -49.34
C SER C 88 33.61 6.33 -49.85
N GLU C 89 33.09 5.28 -50.49
CA GLU C 89 31.73 5.34 -51.02
C GLU C 89 30.69 5.50 -49.92
N ASP C 90 31.03 5.21 -48.67
CA ASP C 90 30.07 5.21 -47.58
C ASP C 90 29.80 6.60 -47.03
N THR C 91 30.53 7.62 -47.47
CA THR C 91 30.31 8.98 -46.98
C THR C 91 28.94 9.47 -47.41
N ALA C 92 28.01 9.57 -46.47
CA ALA C 92 26.64 9.97 -46.75
C ALA C 92 25.96 10.32 -45.42
N VAL C 93 24.66 10.54 -45.47
CA VAL C 93 23.87 10.94 -44.30
C VAL C 93 22.99 9.76 -43.91
N TYR C 94 22.95 9.45 -42.61
CA TYR C 94 22.13 8.38 -42.07
C TYR C 94 20.97 8.97 -41.28
N TYR C 95 19.77 8.46 -41.53
CA TYR C 95 18.55 8.95 -40.90
C TYR C 95 17.87 7.82 -40.14
N CYS C 96 17.21 8.17 -39.04
CA CYS C 96 16.45 7.23 -38.23
C CYS C 96 14.97 7.43 -38.52
N ALA C 97 14.26 6.32 -38.75
CA ALA C 97 12.86 6.37 -39.16
C ALA C 97 12.03 5.39 -38.36
N ARG C 98 10.74 5.71 -38.23
CA ARG C 98 9.77 4.84 -37.56
C ARG C 98 8.57 4.65 -38.47
N GLY C 99 7.89 3.52 -38.30
CA GLY C 99 6.76 3.18 -39.14
C GLY C 99 5.42 3.32 -38.46
N GLY C 100 5.42 3.57 -37.15
CA GLY C 100 4.18 3.68 -36.41
C GLY C 100 3.55 2.36 -36.02
N SER C 101 4.17 1.24 -36.36
CA SER C 101 3.66 -0.07 -35.99
C SER C 101 4.85 -1.02 -35.81
N TYR C 102 4.59 -2.12 -35.12
CA TYR C 102 5.66 -3.05 -34.79
C TYR C 102 6.35 -3.61 -36.03
N TYR C 103 5.68 -3.59 -37.18
CA TYR C 103 6.27 -4.11 -38.40
C TYR C 103 7.26 -3.09 -38.98
N VAL C 104 7.80 -3.40 -40.16
CA VAL C 104 8.82 -2.57 -40.80
C VAL C 104 8.20 -1.86 -41.99
N ASP C 105 6.90 -1.58 -41.91
CA ASP C 105 6.17 -0.98 -43.03
C ASP C 105 6.64 0.46 -43.23
N TYR C 106 5.95 1.17 -44.13
CA TYR C 106 6.34 2.52 -44.51
C TYR C 106 6.64 3.37 -43.29
N PHE C 107 7.47 4.38 -43.48
CA PHE C 107 7.94 5.25 -42.40
C PHE C 107 7.33 6.63 -42.55
N HIS C 108 6.94 7.24 -41.42
CA HIS C 108 6.38 8.59 -41.44
C HIS C 108 6.92 9.47 -40.32
N HIS C 109 7.90 9.00 -39.55
CA HIS C 109 8.59 9.80 -38.56
C HIS C 109 10.08 9.74 -38.82
N TRP C 110 10.74 10.90 -38.85
CA TRP C 110 12.15 11.00 -39.17
C TRP C 110 12.84 11.88 -38.15
N GLY C 111 14.13 11.60 -37.91
CA GLY C 111 14.96 12.44 -37.07
C GLY C 111 15.63 13.54 -37.85
N GLN C 112 16.53 14.25 -37.17
CA GLN C 112 17.27 15.32 -37.82
C GLN C 112 18.39 14.80 -38.70
N GLY C 113 18.75 13.53 -38.57
CA GLY C 113 19.78 12.94 -39.39
C GLY C 113 21.18 13.18 -38.83
N THR C 114 22.15 12.50 -39.44
CA THR C 114 23.54 12.62 -39.04
C THR C 114 24.43 12.49 -40.26
N LEU C 115 25.40 13.39 -40.39
CA LEU C 115 26.35 13.39 -41.48
C LEU C 115 27.65 12.75 -41.01
N VAL C 116 28.04 11.65 -41.65
CA VAL C 116 29.25 10.93 -41.31
C VAL C 116 30.13 10.88 -42.55
N THR C 117 31.40 11.25 -42.40
CA THR C 117 32.36 11.28 -43.49
C THR C 117 33.58 10.46 -43.10
N VAL C 118 34.25 9.92 -44.11
CA VAL C 118 35.41 9.05 -43.92
C VAL C 118 36.59 9.66 -44.64
N SER C 119 37.68 9.87 -43.92
CA SER C 119 38.90 10.43 -44.49
C SER C 119 39.99 10.36 -43.43
N SER C 120 41.23 10.59 -43.87
CA SER C 120 42.37 10.56 -42.97
C SER C 120 42.61 11.94 -42.37
N GLU D 1 12.24 -6.41 -51.21
CA GLU D 1 13.25 -5.78 -52.10
C GLU D 1 13.13 -6.30 -53.52
N ILE D 2 13.12 -5.39 -54.49
CA ILE D 2 13.06 -5.75 -55.90
C ILE D 2 13.44 -4.53 -56.71
N VAL D 3 14.14 -4.77 -57.83
CA VAL D 3 14.58 -3.68 -58.68
C VAL D 3 13.36 -2.93 -59.22
N LEU D 4 13.47 -1.61 -59.30
CA LEU D 4 12.42 -0.76 -59.83
C LEU D 4 12.95 0.02 -61.03
N THR D 5 12.23 -0.07 -62.14
CA THR D 5 12.58 0.71 -63.32
C THR D 5 12.13 2.16 -63.15
N GLN D 6 12.81 3.07 -63.83
CA GLN D 6 12.50 4.49 -63.74
C GLN D 6 12.63 5.12 -65.12
N SER D 7 11.65 5.96 -65.47
CA SER D 7 11.68 6.69 -66.73
C SER D 7 12.65 7.85 -66.62
N PRO D 8 12.99 8.50 -67.74
CA PRO D 8 13.92 9.63 -67.67
C PRO D 8 13.43 10.69 -66.71
N GLY D 9 14.36 11.23 -65.93
CA GLY D 9 14.04 12.18 -64.89
C GLY D 9 13.81 13.60 -65.34
N THR D 10 13.95 13.88 -66.64
CA THR D 10 13.77 15.23 -67.16
C THR D 10 12.28 15.51 -67.30
N LEU D 11 11.70 16.16 -66.30
CA LEU D 11 10.28 16.53 -66.29
C LEU D 11 10.21 18.02 -65.92
N SER D 12 10.20 18.88 -66.93
CA SER D 12 10.16 20.32 -66.74
C SER D 12 8.73 20.80 -66.88
N LEU D 13 8.28 21.61 -65.91
CA LEU D 13 6.91 22.11 -65.92
C LEU D 13 6.83 23.36 -65.05
N PHE D 14 5.79 24.15 -65.29
CA PHE D 14 5.51 25.34 -64.51
C PHE D 14 4.49 25.03 -63.42
N SER D 15 4.40 25.94 -62.45
CA SER D 15 3.47 25.79 -61.36
C SER D 15 2.04 26.14 -61.80
N GLY D 16 1.07 25.65 -61.04
CA GLY D 16 -0.32 25.93 -61.32
C GLY D 16 -0.94 25.08 -62.40
N GLU D 17 -0.30 23.98 -62.79
CA GLU D 17 -0.82 23.12 -63.83
C GLU D 17 -0.57 21.66 -63.45
N ARG D 18 -1.33 20.77 -64.10
CA ARG D 18 -1.24 19.35 -63.79
C ARG D 18 0.17 18.84 -64.04
N ALA D 19 0.68 18.03 -63.11
CA ALA D 19 2.01 17.45 -63.20
C ALA D 19 1.93 15.96 -62.88
N THR D 20 2.88 15.20 -63.44
CA THR D 20 2.92 13.75 -63.27
C THR D 20 4.35 13.31 -62.97
N LEU D 21 4.46 12.24 -62.21
CA LEU D 21 5.76 11.64 -61.86
C LEU D 21 5.69 10.15 -62.14
N SER D 22 6.75 9.61 -62.74
CA SER D 22 6.78 8.25 -63.23
C SER D 22 7.67 7.38 -62.34
N CYS D 23 7.14 6.24 -61.90
CA CYS D 23 7.90 5.27 -61.14
C CYS D 23 7.30 3.90 -61.41
N ARG D 24 8.07 3.03 -62.05
CA ARG D 24 7.60 1.73 -62.50
C ARG D 24 8.30 0.62 -61.72
N ALA D 25 7.51 -0.29 -61.16
CA ALA D 25 8.04 -1.47 -60.48
C ALA D 25 8.30 -2.57 -61.48
N SER D 26 9.41 -3.30 -61.29
CA SER D 26 9.78 -4.35 -62.23
C SER D 26 8.71 -5.44 -62.29
N GLN D 27 8.20 -5.85 -61.13
CA GLN D 27 7.22 -6.92 -61.05
C GLN D 27 6.01 -6.46 -60.26
N SER D 28 4.90 -7.18 -60.44
CA SER D 28 3.68 -6.86 -59.71
C SER D 28 3.90 -7.03 -58.21
N VAL D 29 3.39 -6.08 -57.43
CA VAL D 29 3.49 -6.11 -55.98
C VAL D 29 2.13 -5.75 -55.40
N SER D 30 1.95 -6.10 -54.12
CA SER D 30 0.69 -5.81 -53.45
C SER D 30 0.40 -4.32 -53.48
N SER D 31 -0.87 -3.97 -53.68
CA SER D 31 -1.25 -2.57 -53.72
C SER D 31 -0.87 -1.84 -52.44
N SER D 32 -0.80 -2.57 -51.31
CA SER D 32 -0.43 -2.01 -50.04
C SER D 32 1.09 -2.01 -49.82
N SER D 33 1.87 -2.06 -50.89
CA SER D 33 3.32 -2.06 -50.82
C SER D 33 3.91 -0.87 -51.57
N LEU D 34 3.30 0.31 -51.37
CA LEU D 34 3.72 1.52 -52.05
C LEU D 34 3.62 2.70 -51.10
N ALA D 35 4.41 3.73 -51.38
CA ALA D 35 4.38 4.98 -50.63
C ALA D 35 5.03 6.05 -51.49
N TRP D 36 5.05 7.28 -50.96
CA TRP D 36 5.67 8.39 -51.67
C TRP D 36 6.22 9.38 -50.64
N TYR D 37 7.45 9.84 -50.87
CA TYR D 37 8.13 10.76 -49.97
C TYR D 37 8.59 11.99 -50.75
N GLN D 38 8.55 13.14 -50.08
CA GLN D 38 8.98 14.41 -50.67
C GLN D 38 10.23 14.89 -49.94
N GLN D 39 11.28 15.18 -50.69
CA GLN D 39 12.53 15.68 -50.14
C GLN D 39 13.00 16.89 -50.92
N LYS D 40 13.39 17.94 -50.21
CA LYS D 40 14.00 19.12 -50.80
C LYS D 40 15.46 19.19 -50.38
N HIS D 41 16.28 19.79 -51.24
CA HIS D 41 17.72 19.81 -51.01
C HIS D 41 18.03 20.41 -49.63
N GLY D 42 18.88 19.71 -48.88
CA GLY D 42 19.30 20.16 -47.57
C GLY D 42 18.41 19.74 -46.42
N GLN D 43 17.30 19.07 -46.68
CA GLN D 43 16.38 18.65 -45.64
C GLN D 43 15.95 17.21 -45.90
N GLY D 44 15.53 16.54 -44.82
CA GLY D 44 15.14 15.15 -44.89
C GLY D 44 13.81 14.97 -45.60
N PRO D 45 13.49 13.73 -45.98
CA PRO D 45 12.25 13.48 -46.71
C PRO D 45 11.01 13.76 -45.88
N ARG D 46 9.83 13.62 -46.50
CA ARG D 46 8.56 13.82 -45.83
C ARG D 46 7.51 12.96 -46.50
N LEU D 47 6.58 12.43 -45.71
CA LEU D 47 5.59 11.50 -46.23
C LEU D 47 4.61 12.20 -47.15
N ILE D 48 4.18 11.47 -48.18
CA ILE D 48 3.15 11.94 -49.10
C ILE D 48 1.98 10.96 -49.08
N MET D 49 2.25 9.71 -49.47
CA MET D 49 1.22 8.72 -49.68
C MET D 49 1.62 7.39 -49.05
N TYR D 50 0.62 6.62 -48.67
CA TYR D 50 0.83 5.27 -48.14
C TYR D 50 -0.28 4.37 -48.67
N GLY D 51 0.09 3.17 -49.10
CA GLY D 51 -0.86 2.25 -49.68
C GLY D 51 -1.23 2.53 -51.11
N ALA D 52 -0.66 3.56 -51.73
CA ALA D 52 -0.88 3.95 -53.12
C ALA D 52 -2.21 4.65 -53.34
N SER D 53 -3.08 4.68 -52.33
CA SER D 53 -4.38 5.33 -52.47
C SER D 53 -4.75 6.23 -51.31
N SER D 54 -4.05 6.16 -50.18
CA SER D 54 -4.38 6.93 -48.99
C SER D 54 -3.39 8.07 -48.82
N ARG D 55 -3.91 9.28 -48.62
CA ARG D 55 -3.08 10.46 -48.46
C ARG D 55 -2.74 10.65 -46.98
N ALA D 56 -1.48 10.91 -46.69
CA ALA D 56 -1.04 11.03 -45.31
C ALA D 56 -1.69 12.23 -44.64
N THR D 57 -1.60 12.26 -43.32
CA THR D 57 -2.15 13.37 -42.56
C THR D 57 -1.42 14.67 -42.89
N GLY D 58 -2.16 15.77 -42.86
CA GLY D 58 -1.60 17.07 -43.18
C GLY D 58 -1.15 17.18 -44.62
N ILE D 59 -1.92 16.61 -45.55
CA ILE D 59 -1.62 16.68 -46.97
C ILE D 59 -2.85 17.27 -47.67
N PRO D 60 -2.69 18.32 -48.49
CA PRO D 60 -3.87 18.89 -49.15
C PRO D 60 -4.38 18.00 -50.27
N ASP D 61 -5.40 18.46 -51.00
CA ASP D 61 -6.00 17.70 -52.09
C ASP D 61 -5.27 17.90 -53.41
N ARG D 62 -4.01 18.36 -53.37
CA ARG D 62 -3.24 18.59 -54.58
C ARG D 62 -2.41 17.38 -54.99
N PHE D 63 -2.53 16.25 -54.28
CA PHE D 63 -1.78 15.05 -54.57
C PHE D 63 -2.73 13.88 -54.83
N SER D 64 -2.41 13.09 -55.84
CA SER D 64 -3.20 11.91 -56.18
C SER D 64 -2.29 10.87 -56.80
N GLY D 65 -2.65 9.60 -56.61
CA GLY D 65 -1.85 8.50 -57.13
C GLY D 65 -2.70 7.28 -57.36
N SER D 66 -2.28 6.48 -58.34
CA SER D 66 -2.99 5.25 -58.68
C SER D 66 -2.05 4.35 -59.46
N GLY D 67 -2.43 3.08 -59.56
CA GLY D 67 -1.66 2.09 -60.29
C GLY D 67 -1.67 0.75 -59.59
N PHE D 68 -1.54 -0.31 -60.38
CA PHE D 68 -1.54 -1.67 -59.86
C PHE D 68 -0.58 -2.53 -60.66
N GLY D 69 0.28 -3.26 -59.96
CA GLY D 69 1.19 -4.20 -60.58
C GLY D 69 2.47 -3.57 -61.09
N THR D 70 2.40 -2.92 -62.25
CA THR D 70 3.59 -2.32 -62.86
C THR D 70 3.36 -0.93 -63.40
N ASP D 71 2.11 -0.46 -63.53
CA ASP D 71 1.83 0.85 -64.10
C ASP D 71 1.71 1.94 -63.05
N PHE D 72 2.43 1.80 -61.93
CA PHE D 72 2.34 2.79 -60.86
C PHE D 72 2.72 4.16 -61.37
N THR D 73 1.89 5.16 -61.05
CA THR D 73 2.13 6.53 -61.46
C THR D 73 1.31 7.44 -60.56
N ILE D 74 1.71 8.70 -60.49
CA ILE D 74 1.04 9.70 -59.68
C ILE D 74 0.90 10.98 -60.49
N THR D 75 -0.01 11.85 -60.03
CA THR D 75 -0.27 13.12 -60.68
C THR D 75 -0.47 14.19 -59.62
N ILE D 76 -0.26 15.43 -60.02
CA ILE D 76 -0.43 16.60 -59.16
C ILE D 76 -1.57 17.44 -59.70
N SER D 77 -2.57 17.71 -58.86
CA SER D 77 -3.72 18.49 -59.31
C SER D 77 -3.31 19.90 -59.70
N ARG D 78 -2.57 20.58 -58.82
CA ARG D 78 -2.13 21.95 -59.08
C ARG D 78 -0.75 22.12 -58.47
N LEU D 79 0.27 22.25 -59.32
CA LEU D 79 1.64 22.40 -58.83
C LEU D 79 1.82 23.75 -58.17
N GLU D 80 2.61 23.77 -57.09
CA GLU D 80 2.93 24.99 -56.37
C GLU D 80 4.43 25.07 -56.16
N PRO D 81 4.99 26.29 -56.06
CA PRO D 81 6.45 26.40 -55.91
C PRO D 81 6.98 25.66 -54.69
N GLU D 82 6.26 25.72 -53.57
CA GLU D 82 6.72 25.00 -52.38
C GLU D 82 6.61 23.49 -52.57
N ASP D 83 5.53 23.04 -53.22
CA ASP D 83 5.35 21.61 -53.44
C ASP D 83 6.38 21.04 -54.42
N PHE D 84 7.08 21.88 -55.16
CA PHE D 84 8.10 21.40 -56.08
C PHE D 84 9.27 20.84 -55.28
N ALA D 85 9.68 19.62 -55.62
CA ALA D 85 10.77 18.93 -54.93
C ALA D 85 11.08 17.65 -55.71
N VAL D 86 12.00 16.85 -55.18
CA VAL D 86 12.33 15.55 -55.75
C VAL D 86 11.57 14.48 -54.97
N TYR D 87 10.91 13.59 -55.70
CA TYR D 87 10.00 12.60 -55.12
C TYR D 87 10.57 11.21 -55.26
N TYR D 88 10.49 10.42 -54.20
CA TYR D 88 10.97 9.05 -54.17
C TYR D 88 9.83 8.09 -53.89
N CYS D 89 9.80 6.99 -54.63
CA CYS D 89 8.77 5.96 -54.48
C CYS D 89 9.35 4.78 -53.71
N GLN D 90 8.58 4.25 -52.77
CA GLN D 90 9.01 3.15 -51.92
C GLN D 90 8.23 1.89 -52.26
N GLN D 91 8.93 0.75 -52.24
CA GLN D 91 8.33 -0.56 -52.42
C GLN D 91 8.74 -1.45 -51.25
N TYR D 92 7.76 -2.09 -50.62
CA TYR D 92 8.02 -2.96 -49.46
C TYR D 92 7.08 -4.17 -49.56
N GLY D 93 7.59 -5.25 -50.13
CA GLY D 93 6.82 -6.48 -50.23
C GLY D 93 6.50 -7.07 -48.87
N SER D 94 7.54 -7.52 -48.17
CA SER D 94 7.37 -8.03 -46.82
C SER D 94 8.73 -8.10 -46.12
N SER D 95 8.85 -7.47 -44.95
CA SER D 95 10.09 -7.48 -44.20
C SER D 95 11.25 -6.98 -45.05
N SER D 96 10.98 -5.94 -45.85
CA SER D 96 11.99 -5.38 -46.73
C SER D 96 11.54 -3.98 -47.17
N GLY D 97 12.39 -3.32 -47.94
CA GLY D 97 12.06 -2.00 -48.46
C GLY D 97 13.04 -1.61 -49.55
N THR D 98 12.61 -0.66 -50.37
CA THR D 98 13.44 -0.17 -51.46
C THR D 98 12.98 1.23 -51.85
N PHE D 99 13.86 1.97 -52.52
CA PHE D 99 13.58 3.31 -52.99
C PHE D 99 13.98 3.42 -54.46
N GLY D 100 13.68 4.57 -55.05
CA GLY D 100 14.00 4.85 -56.43
C GLY D 100 15.21 5.76 -56.59
N GLN D 101 15.63 5.91 -57.85
CA GLN D 101 16.78 6.76 -58.16
C GLN D 101 16.50 8.22 -57.80
N GLY D 102 15.32 8.72 -58.14
CA GLY D 102 14.98 10.11 -57.89
C GLY D 102 14.78 10.89 -59.16
N THR D 103 13.57 11.43 -59.35
CA THR D 103 13.26 12.18 -60.55
C THR D 103 13.95 13.54 -60.54
N LYS D 104 14.40 13.96 -61.72
CA LYS D 104 15.05 15.27 -61.89
C LYS D 104 14.00 16.31 -62.29
N LEU D 105 13.07 16.56 -61.37
CA LEU D 105 12.05 17.57 -61.59
C LEU D 105 12.71 18.95 -61.67
N GLU D 106 12.18 19.79 -62.55
CA GLU D 106 12.82 21.07 -62.85
C GLU D 106 11.78 22.11 -63.20
N MET D 107 12.16 23.37 -63.05
CA MET D 107 11.37 24.51 -63.51
C MET D 107 12.07 25.14 -64.71
N LYS D 108 11.31 25.37 -65.78
CA LYS D 108 11.87 25.94 -66.99
C LYS D 108 12.50 27.31 -66.71
N ASP E 1 -39.92 -10.65 -39.52
CA ASP E 1 -39.57 -10.00 -38.23
C ASP E 1 -38.06 -9.94 -38.04
N THR E 2 -37.62 -9.28 -36.98
CA THR E 2 -36.21 -9.17 -36.67
C THR E 2 -36.06 -8.65 -35.25
N ILE E 3 -35.06 -9.17 -34.53
CA ILE E 3 -34.76 -8.75 -33.17
C ILE E 3 -33.26 -8.52 -33.06
N CYS E 4 -32.88 -7.42 -32.41
CA CYS E 4 -31.48 -7.05 -32.26
C CYS E 4 -31.17 -6.75 -30.80
N ILE E 5 -29.89 -6.87 -30.46
CA ILE E 5 -29.39 -6.61 -29.11
C ILE E 5 -28.40 -5.47 -29.17
N GLY E 6 -28.46 -4.60 -28.16
CA GLY E 6 -27.55 -3.47 -28.09
C GLY E 6 -27.46 -2.96 -26.67
N TYR E 7 -26.66 -1.91 -26.49
CA TYR E 7 -26.46 -1.29 -25.18
C TYR E 7 -26.54 0.22 -25.31
N HIS E 8 -26.85 0.86 -24.19
CA HIS E 8 -27.08 2.30 -24.17
C HIS E 8 -25.80 3.07 -24.47
N ALA E 9 -25.95 4.22 -25.12
CA ALA E 9 -24.83 5.10 -25.43
C ALA E 9 -25.37 6.51 -25.58
N ASN E 10 -25.21 7.33 -24.54
CA ASN E 10 -25.66 8.72 -24.57
C ASN E 10 -24.56 9.59 -25.15
N ASN E 11 -24.73 10.91 -25.06
CA ASN E 11 -23.79 11.88 -25.62
C ASN E 11 -22.96 12.54 -24.53
N SER E 12 -22.60 11.79 -23.50
CA SER E 12 -21.77 12.31 -22.43
C SER E 12 -20.32 12.42 -22.90
N THR E 13 -19.52 13.17 -22.14
CA THR E 13 -18.12 13.42 -22.47
C THR E 13 -17.26 13.24 -21.23
N ASP E 14 -17.49 12.15 -20.50
CA ASP E 14 -16.69 11.82 -19.32
C ASP E 14 -15.50 10.97 -19.74
N THR E 15 -14.29 11.42 -19.38
CA THR E 15 -13.07 10.73 -19.74
C THR E 15 -12.50 10.02 -18.53
N VAL E 16 -12.17 8.74 -18.70
CA VAL E 16 -11.61 7.92 -17.62
C VAL E 16 -10.41 7.17 -18.17
N ASP E 17 -9.53 6.77 -17.25
CA ASP E 17 -8.33 6.01 -17.59
C ASP E 17 -8.37 4.64 -16.93
N THR E 18 -7.81 3.65 -17.62
CA THR E 18 -7.73 2.30 -17.09
C THR E 18 -6.30 1.78 -17.20
N VAL E 19 -6.11 0.47 -17.01
CA VAL E 19 -4.75 -0.08 -16.89
C VAL E 19 -3.94 0.22 -18.14
N CYS E 20 -4.53 0.01 -19.32
CA CYS E 20 -3.78 0.18 -20.56
C CYS E 20 -4.58 0.91 -21.65
N GLU E 21 -5.52 1.76 -21.27
CA GLU E 21 -6.20 2.64 -22.22
C GLU E 21 -6.35 4.01 -21.59
N LYS E 22 -6.23 5.05 -22.40
CA LYS E 22 -6.32 6.43 -21.94
C LYS E 22 -7.34 7.19 -22.78
N ASN E 23 -8.07 8.09 -22.12
CA ASN E 23 -9.06 8.94 -22.78
C ASN E 23 -10.11 8.08 -23.51
N VAL E 24 -10.84 7.30 -22.74
CA VAL E 24 -11.95 6.50 -23.23
C VAL E 24 -13.24 7.11 -22.69
N THR E 25 -14.15 7.46 -23.59
CA THR E 25 -15.41 8.08 -23.19
C THR E 25 -16.33 7.02 -22.58
N VAL E 26 -17.07 7.42 -21.56
CA VAL E 26 -18.01 6.54 -20.87
C VAL E 26 -19.35 7.25 -20.75
N THR E 27 -20.42 6.46 -20.69
CA THR E 27 -21.76 7.03 -20.60
C THR E 27 -21.96 7.75 -19.28
N HIS E 28 -21.64 7.10 -18.17
CA HIS E 28 -21.83 7.68 -16.85
C HIS E 28 -20.60 7.38 -15.99
N SER E 29 -20.35 8.27 -15.03
CA SER E 29 -19.21 8.11 -14.14
C SER E 29 -19.49 8.89 -12.85
N VAL E 30 -18.73 8.57 -11.82
CA VAL E 30 -18.84 9.21 -10.51
C VAL E 30 -17.48 9.79 -10.16
N ASN E 31 -17.46 11.07 -9.76
CA ASN E 31 -16.22 11.75 -9.41
C ASN E 31 -15.95 11.61 -7.93
N LEU E 32 -14.76 11.13 -7.59
CA LEU E 32 -14.37 10.91 -6.21
C LEU E 32 -13.41 11.96 -5.66
N LEU E 33 -12.79 12.76 -6.53
CA LEU E 33 -11.83 13.76 -6.12
C LEU E 33 -12.46 15.15 -6.21
N GLU E 34 -12.31 15.93 -5.15
CA GLU E 34 -12.84 17.28 -5.10
C GLU E 34 -11.68 18.28 -5.03
N ASP E 35 -11.70 19.25 -5.95
CA ASP E 35 -10.65 20.27 -6.01
C ASP E 35 -11.21 21.68 -5.94
N SER E 36 -12.40 21.85 -5.36
CA SER E 36 -13.05 23.14 -5.26
C SER E 36 -13.12 23.56 -3.80
N HIS E 37 -12.63 24.77 -3.51
CA HIS E 37 -12.66 25.32 -2.17
C HIS E 37 -13.21 26.74 -2.23
N ASN E 38 -13.95 27.12 -1.18
CA ASN E 38 -14.58 28.42 -1.15
C ASN E 38 -13.57 29.56 -1.20
N GLY E 39 -12.32 29.30 -0.84
CA GLY E 39 -11.33 30.36 -0.80
C GLY E 39 -11.67 31.45 0.20
N LYS E 40 -12.25 31.07 1.33
CA LYS E 40 -12.69 32.05 2.32
C LYS E 40 -12.74 31.37 3.68
N LEU E 41 -11.72 31.62 4.50
CA LEU E 41 -11.71 31.11 5.86
C LEU E 41 -12.91 31.65 6.62
N CYS E 42 -13.56 30.79 7.39
CA CYS E 42 -14.75 31.17 8.14
C CYS E 42 -15.01 30.12 9.22
N LEU E 43 -16.09 30.35 9.98
CA LEU E 43 -16.38 29.53 11.15
C LEU E 43 -16.63 28.08 10.76
N LEU E 44 -16.31 27.18 11.69
CA LEU E 44 -16.44 25.74 11.48
C LEU E 44 -17.25 25.12 12.61
N LYS E 45 -18.24 24.32 12.24
CA LYS E 45 -19.00 23.50 13.19
C LYS E 45 -19.63 24.35 14.28
N GLY E 46 -20.08 25.56 13.92
CA GLY E 46 -20.85 26.39 14.82
C GLY E 46 -20.04 27.18 15.84
N ILE E 47 -18.73 27.02 15.88
CA ILE E 47 -17.88 27.73 16.83
C ILE E 47 -16.84 28.53 16.03
N ALA E 48 -16.78 29.82 16.30
CA ALA E 48 -15.86 30.68 15.57
C ALA E 48 -14.42 30.40 16.00
N PRO E 49 -13.44 30.61 15.12
CA PRO E 49 -12.04 30.39 15.49
C PRO E 49 -11.42 31.62 16.14
N LEU E 50 -10.14 31.54 16.48
CA LEU E 50 -9.41 32.64 17.10
C LEU E 50 -8.49 33.26 16.05
N GLN E 51 -8.86 34.45 15.57
CA GLN E 51 -8.07 35.18 14.59
C GLN E 51 -6.98 35.94 15.35
N LEU E 52 -5.82 35.30 15.51
CA LEU E 52 -4.72 35.94 16.22
C LEU E 52 -4.30 37.24 15.56
N GLY E 53 -4.17 37.23 14.23
CA GLY E 53 -3.82 38.42 13.50
C GLY E 53 -2.34 38.71 13.48
N ASN E 54 -1.95 39.87 14.00
CA ASN E 54 -0.56 40.30 13.98
C ASN E 54 0.26 39.75 15.13
N CYS E 55 -0.34 39.02 16.06
CA CYS E 55 0.34 38.48 17.22
C CYS E 55 0.47 36.96 17.08
N SER E 56 1.68 36.46 17.25
CA SER E 56 1.91 35.02 17.21
C SER E 56 1.43 34.38 18.50
N VAL E 57 1.66 33.06 18.61
CA VAL E 57 1.29 32.36 19.84
C VAL E 57 2.10 32.91 21.02
N ALA E 58 3.40 33.17 20.81
CA ALA E 58 4.23 33.68 21.88
C ALA E 58 3.71 35.02 22.39
N GLY E 59 3.35 35.92 21.48
CA GLY E 59 2.80 37.20 21.89
C GLY E 59 1.44 37.06 22.55
N TRP E 60 0.62 36.13 22.05
CA TRP E 60 -0.70 35.91 22.64
C TRP E 60 -0.59 35.44 24.07
N ILE E 61 0.20 34.39 24.32
CA ILE E 61 0.26 33.80 25.64
C ILE E 61 0.87 34.79 26.63
N LEU E 62 1.97 35.43 26.26
CA LEU E 62 2.63 36.37 27.16
C LEU E 62 1.82 37.65 27.36
N GLY E 63 0.79 37.87 26.56
CA GLY E 63 0.01 39.09 26.68
C GLY E 63 0.75 40.30 26.15
N ASN E 64 1.01 40.32 24.85
CA ASN E 64 1.72 41.43 24.25
C ASN E 64 0.92 42.72 24.46
N PRO E 65 1.60 43.86 24.64
CA PRO E 65 0.83 45.11 24.83
C PRO E 65 -0.13 45.40 23.70
N GLU E 66 0.26 45.09 22.47
CA GLU E 66 -0.66 45.19 21.34
C GLU E 66 -1.61 43.99 21.36
N CYS E 67 -2.49 43.93 20.35
CA CYS E 67 -3.45 42.84 20.21
C CYS E 67 -4.07 42.47 21.54
N GLU E 68 -4.59 43.50 22.22
CA GLU E 68 -5.29 43.28 23.49
C GLU E 68 -6.62 42.57 23.30
N LEU E 69 -7.20 42.64 22.10
CA LEU E 69 -8.50 42.02 21.87
C LEU E 69 -8.47 40.53 22.12
N LEU E 70 -7.30 39.89 21.93
CA LEU E 70 -7.22 38.45 22.10
C LEU E 70 -7.52 38.01 23.53
N ILE E 71 -7.35 38.92 24.51
CA ILE E 71 -7.60 38.54 25.89
C ILE E 71 -9.06 38.19 26.11
N SER E 72 -9.97 38.98 25.51
CA SER E 72 -11.39 38.80 25.78
C SER E 72 -11.87 37.42 25.37
N LYS E 73 -11.46 36.95 24.19
CA LYS E 73 -11.94 35.68 23.67
C LYS E 73 -11.23 34.52 24.35
N GLU E 74 -12.00 33.52 24.78
CA GLU E 74 -11.43 32.38 25.49
C GLU E 74 -12.02 31.05 25.02
N SER E 75 -12.84 31.03 23.98
CA SER E 75 -13.39 29.79 23.43
C SER E 75 -13.22 29.82 21.92
N TRP E 76 -12.78 28.71 21.36
CA TRP E 76 -12.51 28.64 19.93
C TRP E 76 -12.49 27.18 19.50
N SER E 77 -12.45 26.98 18.18
CA SER E 77 -12.30 25.65 17.59
C SER E 77 -10.90 25.40 17.06
N TYR E 78 -10.26 26.41 16.48
CA TYR E 78 -8.90 26.28 15.97
C TYR E 78 -8.24 27.64 15.96
N ILE E 79 -6.92 27.64 15.87
CA ILE E 79 -6.11 28.86 15.92
C ILE E 79 -5.53 29.10 14.53
N VAL E 80 -5.64 30.35 14.07
CA VAL E 80 -5.13 30.75 12.77
C VAL E 80 -4.11 31.87 12.97
N GLU E 81 -3.00 31.78 12.25
CA GLU E 81 -1.89 32.71 12.41
C GLU E 81 -1.54 33.37 11.09
N THR E 82 -1.09 34.62 11.17
CA THR E 82 -0.51 35.27 10.01
C THR E 82 0.79 34.56 9.64
N PRO E 83 1.11 34.44 8.34
CA PRO E 83 2.35 33.73 7.98
C PRO E 83 3.60 34.32 8.62
N ASN E 84 3.68 35.65 8.75
CA ASN E 84 4.83 36.34 9.33
C ASN E 84 4.35 37.30 10.41
N PRO E 85 4.02 36.79 11.60
CA PRO E 85 3.56 37.68 12.67
C PRO E 85 4.64 38.70 13.03
N GLU E 86 4.19 39.92 13.34
CA GLU E 86 5.10 41.04 13.59
C GLU E 86 5.01 41.55 15.03
N ASN E 87 4.27 40.88 15.91
CA ASN E 87 4.10 41.31 17.29
C ASN E 87 4.27 40.14 18.25
N GLY E 88 5.35 39.37 18.05
CA GLY E 88 5.66 38.28 18.94
C GLY E 88 6.24 38.78 20.24
N THR E 89 7.23 38.07 20.79
CA THR E 89 7.86 38.49 22.04
C THR E 89 8.39 39.91 21.89
N CYS E 90 7.76 40.87 22.56
CA CYS E 90 8.15 42.27 22.38
C CYS E 90 9.54 42.53 22.95
N TYR E 91 9.77 42.10 24.18
CA TYR E 91 11.10 42.23 24.76
C TYR E 91 12.00 41.10 24.27
N PRO E 92 13.17 41.41 23.71
CA PRO E 92 14.00 40.35 23.12
C PRO E 92 14.39 39.31 24.16
N GLY E 93 14.42 38.06 23.74
CA GLY E 93 14.78 36.98 24.64
C GLY E 93 14.58 35.63 23.96
N TYR E 94 14.85 34.59 24.73
CA TYR E 94 14.73 33.21 24.29
C TYR E 94 13.56 32.56 25.03
N PHE E 95 12.59 32.05 24.28
CA PHE E 95 11.40 31.44 24.86
C PHE E 95 11.65 29.94 24.96
N ALA E 96 11.88 29.46 26.18
CA ALA E 96 12.24 28.06 26.37
C ALA E 96 11.10 27.14 25.96
N ASP E 97 11.44 26.09 25.21
CA ASP E 97 10.46 25.09 24.78
C ASP E 97 9.27 25.75 24.09
N TYR E 98 9.55 26.76 23.25
CA TYR E 98 8.48 27.45 22.55
C TYR E 98 7.75 26.51 21.60
N GLU E 99 8.50 25.68 20.86
CA GLU E 99 7.85 24.74 19.95
C GLU E 99 7.04 23.71 20.71
N GLU E 100 7.57 23.20 21.82
CA GLU E 100 6.85 22.20 22.61
C GLU E 100 5.60 22.78 23.25
N LEU E 101 5.56 24.10 23.50
CA LEU E 101 4.35 24.71 24.03
C LEU E 101 3.22 24.67 23.02
N ARG E 102 3.54 24.85 21.74
CA ARG E 102 2.50 24.85 20.72
C ARG E 102 1.75 23.53 20.69
N GLU E 103 2.47 22.41 20.78
CA GLU E 103 1.81 21.11 20.80
C GLU E 103 0.89 20.97 21.99
N GLN E 104 1.34 21.42 23.17
CA GLN E 104 0.48 21.43 24.35
C GLN E 104 -0.71 22.35 24.13
N LEU E 105 -0.47 23.54 23.56
CA LEU E 105 -1.53 24.51 23.35
C LEU E 105 -2.36 24.21 22.11
N SER E 106 -1.87 23.35 21.22
CA SER E 106 -2.62 23.04 20.00
C SER E 106 -3.94 22.34 20.31
N SER E 107 -3.92 21.41 21.26
CA SER E 107 -5.10 20.60 21.54
C SER E 107 -6.09 21.27 22.47
N VAL E 108 -5.75 22.43 23.04
CA VAL E 108 -6.66 23.08 23.97
C VAL E 108 -7.89 23.60 23.22
N SER E 109 -8.99 23.74 23.96
CA SER E 109 -10.24 24.25 23.42
C SER E 109 -10.69 25.57 24.03
N SER E 110 -10.41 25.81 25.31
CA SER E 110 -10.80 27.05 25.95
C SER E 110 -9.95 27.27 27.18
N PHE E 111 -9.91 28.52 27.63
CA PHE E 111 -9.15 28.92 28.81
C PHE E 111 -10.09 29.40 29.91
N GLU E 112 -9.53 29.52 31.12
CA GLU E 112 -10.18 30.21 32.23
C GLU E 112 -9.11 31.15 32.81
N ARG E 113 -8.93 32.30 32.17
CA ARG E 113 -7.88 33.22 32.58
C ARG E 113 -8.24 33.87 33.90
N PHE E 114 -7.25 34.02 34.77
CA PHE E 114 -7.48 34.58 36.10
C PHE E 114 -6.18 35.19 36.61
N GLU E 115 -6.31 36.02 37.64
CA GLU E 115 -5.18 36.74 38.21
C GLU E 115 -4.59 35.90 39.33
N ILE E 116 -3.50 35.19 39.03
CA ILE E 116 -2.90 34.29 40.02
C ILE E 116 -2.34 35.08 41.18
N PHE E 117 -1.63 36.17 40.89
CA PHE E 117 -1.05 37.04 41.92
C PHE E 117 -1.61 38.44 41.77
N PRO E 118 -2.60 38.84 42.57
CA PRO E 118 -3.11 40.20 42.47
C PRO E 118 -2.00 41.22 42.70
N LYS E 119 -1.98 42.26 41.85
CA LYS E 119 -0.93 43.27 41.94
C LYS E 119 -1.00 44.02 43.27
N GLU E 120 -2.21 44.33 43.74
CA GLU E 120 -2.35 45.19 44.91
C GLU E 120 -1.73 44.55 46.15
N SER E 121 -1.96 43.25 46.35
CA SER E 121 -1.55 42.58 47.59
C SER E 121 -0.34 41.67 47.43
N SER E 122 -0.04 41.22 46.21
CA SER E 122 1.04 40.25 46.05
C SER E 122 2.40 40.86 46.42
N TRP E 123 2.66 42.09 46.00
CA TRP E 123 3.97 42.71 46.12
C TRP E 123 3.83 44.08 46.77
N PRO E 124 3.61 44.12 48.08
CA PRO E 124 3.54 45.42 48.78
C PRO E 124 4.89 46.04 49.06
N ASN E 125 6.00 45.31 48.86
CA ASN E 125 7.33 45.79 49.18
C ASN E 125 8.21 45.95 47.95
N HIS E 126 7.65 45.80 46.75
CA HIS E 126 8.42 45.89 45.51
C HIS E 126 7.72 46.84 44.54
N THR E 127 8.50 47.66 43.86
CA THR E 127 7.95 48.46 42.78
C THR E 127 7.44 47.56 41.67
N VAL E 128 6.24 47.85 41.17
CA VAL E 128 5.56 46.97 40.22
C VAL E 128 5.31 47.64 38.88
N THR E 129 5.68 48.92 38.72
CA THR E 129 5.45 49.62 37.46
C THR E 129 6.49 49.17 36.45
N GLY E 130 6.07 48.38 35.47
CA GLY E 130 6.96 47.90 34.43
C GLY E 130 7.05 48.86 33.27
N VAL E 131 8.25 49.34 32.97
CA VAL E 131 8.48 50.34 31.93
C VAL E 131 9.47 49.78 30.93
N SER E 132 9.13 49.89 29.65
CA SER E 132 10.02 49.46 28.58
C SER E 132 9.62 50.15 27.29
N ALA E 133 10.60 50.66 26.55
CA ALA E 133 10.31 51.36 25.30
C ALA E 133 9.99 50.38 24.18
N SER E 134 10.68 49.24 24.14
CA SER E 134 10.49 48.29 23.05
C SER E 134 9.07 47.74 23.03
N CYS E 135 8.45 47.60 24.20
CA CYS E 135 7.09 47.07 24.32
C CYS E 135 6.06 48.18 24.48
N SER E 136 6.29 49.31 23.80
CA SER E 136 5.41 50.47 23.97
C SER E 136 4.01 50.17 23.45
N HIS E 137 3.02 50.76 24.10
CA HIS E 137 1.61 50.63 23.71
C HIS E 137 1.01 52.02 23.62
N ASN E 138 0.25 52.28 22.55
CA ASN E 138 -0.36 53.59 22.32
C ASN E 138 0.70 54.70 22.37
N GLY E 139 1.87 54.40 21.81
CA GLY E 139 2.95 55.38 21.80
C GLY E 139 3.40 55.79 23.18
N LYS E 140 3.44 54.84 24.12
CA LYS E 140 3.89 55.12 25.48
C LYS E 140 4.46 53.85 26.09
N SER E 141 5.19 54.02 27.19
CA SER E 141 5.81 52.88 27.87
C SER E 141 4.75 51.90 28.35
N SER E 142 5.05 50.61 28.24
CA SER E 142 4.15 49.56 28.70
C SER E 142 4.95 48.27 28.77
N PHE E 143 4.25 47.16 29.03
CA PHE E 143 4.89 45.86 29.21
C PHE E 143 3.83 44.79 29.01
N TYR E 144 4.26 43.53 29.07
CA TYR E 144 3.33 42.42 28.90
C TYR E 144 2.12 42.59 29.81
N ARG E 145 0.99 42.01 29.39
CA ARG E 145 -0.23 42.07 30.16
C ARG E 145 -0.37 40.93 31.16
N ASN E 146 0.29 39.79 30.92
CA ASN E 146 0.20 38.64 31.80
C ASN E 146 1.37 38.54 32.78
N LEU E 147 2.50 39.19 32.49
CA LEU E 147 3.68 39.12 33.33
C LEU E 147 3.78 40.38 34.19
N LEU E 148 4.83 40.45 34.99
CA LEU E 148 5.01 41.54 35.94
C LEU E 148 6.49 41.73 36.19
N TRP E 149 6.94 42.98 36.15
CA TRP E 149 8.36 43.32 36.30
C TRP E 149 8.57 43.86 37.72
N LEU E 150 9.33 43.11 38.52
CA LEU E 150 9.61 43.49 39.90
C LEU E 150 10.84 44.36 39.99
N THR E 151 10.83 45.29 40.95
CA THR E 151 11.96 46.17 41.19
C THR E 151 11.92 46.61 42.65
N GLY E 152 13.10 46.86 43.22
CA GLY E 152 13.22 47.21 44.62
C GLY E 152 13.05 48.69 44.84
N LYS E 153 12.12 49.05 45.73
CA LYS E 153 11.90 50.44 46.11
C LYS E 153 12.77 50.80 47.30
N ASN E 154 13.12 52.09 47.40
CA ASN E 154 13.90 52.62 48.51
C ASN E 154 15.27 51.95 48.64
N GLY E 155 15.76 51.35 47.55
CA GLY E 155 17.05 50.71 47.56
C GLY E 155 17.08 49.32 48.14
N LEU E 156 15.94 48.77 48.55
CA LEU E 156 15.86 47.44 49.13
C LEU E 156 15.07 46.53 48.22
N TYR E 157 15.54 45.30 48.07
CA TYR E 157 14.85 44.25 47.31
C TYR E 157 14.76 43.00 48.18
N PRO E 158 13.91 43.02 49.20
CA PRO E 158 13.84 41.87 50.11
C PRO E 158 13.41 40.62 49.36
N ASN E 159 13.93 39.48 49.83
CA ASN E 159 13.64 38.21 49.16
C ASN E 159 12.14 37.99 49.11
N LEU E 160 11.64 37.61 47.94
CA LEU E 160 10.22 37.32 47.75
C LEU E 160 10.04 35.81 47.66
N SER E 161 9.17 35.27 48.52
CA SER E 161 8.91 33.84 48.60
C SER E 161 7.39 33.64 48.59
N LYS E 162 6.83 33.49 47.40
CA LYS E 162 5.40 33.30 47.22
C LYS E 162 5.14 31.97 46.52
N SER E 163 4.08 31.29 46.94
CA SER E 163 3.68 30.01 46.38
C SER E 163 2.19 30.03 46.07
N TYR E 164 1.81 29.26 45.06
CA TYR E 164 0.42 29.16 44.62
C TYR E 164 -0.01 27.71 44.68
N VAL E 165 -1.24 27.49 45.15
CA VAL E 165 -1.84 26.17 45.24
C VAL E 165 -3.00 26.09 44.27
N ASN E 166 -3.02 25.06 43.44
CA ASN E 166 -4.03 24.91 42.39
C ASN E 166 -5.27 24.30 43.01
N ASN E 167 -6.22 25.14 43.40
CA ASN E 167 -7.50 24.70 43.95
C ASN E 167 -8.54 24.54 42.84
N LYS E 168 -8.18 23.77 41.81
CA LYS E 168 -9.06 23.54 40.67
C LYS E 168 -8.87 22.10 40.20
N GLU E 169 -9.80 21.66 39.35
CA GLU E 169 -9.75 20.34 38.75
C GLU E 169 -9.16 20.36 37.33
N LYS E 170 -8.60 21.50 36.91
CA LYS E 170 -8.06 21.66 35.57
C LYS E 170 -6.63 22.15 35.65
N GLU E 171 -5.79 21.65 34.75
CA GLU E 171 -4.39 22.05 34.72
C GLU E 171 -4.27 23.55 34.46
N VAL E 172 -3.30 24.19 35.10
CA VAL E 172 -3.10 25.62 35.01
C VAL E 172 -1.70 25.89 34.46
N LEU E 173 -1.62 26.77 33.46
CA LEU E 173 -0.36 27.14 32.83
C LEU E 173 0.20 28.37 33.54
N VAL E 174 1.47 28.30 33.93
CA VAL E 174 2.14 29.36 34.66
C VAL E 174 3.33 29.84 33.85
N LEU E 175 3.53 31.16 33.83
CA LEU E 175 4.61 31.78 33.06
C LEU E 175 5.44 32.67 33.98
N TRP E 176 6.76 32.62 33.79
CA TRP E 176 7.66 33.49 34.53
C TRP E 176 8.89 33.75 33.69
N GLY E 177 9.54 34.87 33.95
CA GLY E 177 10.71 35.27 33.18
C GLY E 177 11.83 35.71 34.09
N VAL E 178 13.06 35.61 33.56
CA VAL E 178 14.27 35.98 34.25
C VAL E 178 14.95 37.10 33.48
N HIS E 179 15.33 38.16 34.19
CA HIS E 179 15.97 39.30 33.55
C HIS E 179 17.47 39.06 33.40
N HIS E 180 18.02 39.56 32.30
CA HIS E 180 19.45 39.46 32.00
C HIS E 180 19.96 40.85 31.66
N PRO E 181 20.22 41.68 32.68
CA PRO E 181 20.64 43.05 32.40
C PRO E 181 21.95 43.06 31.63
N PRO E 182 22.18 44.08 30.81
CA PRO E 182 23.40 44.08 29.97
C PRO E 182 24.68 44.28 30.74
N ASN E 183 24.69 45.23 31.67
CA ASN E 183 25.90 45.59 32.40
C ASN E 183 25.60 45.65 33.90
N ILE E 184 26.66 45.84 34.68
CA ILE E 184 26.51 45.91 36.13
C ILE E 184 25.67 47.11 36.54
N GLY E 185 25.81 48.21 35.81
CA GLY E 185 25.11 49.43 36.18
C GLY E 185 23.60 49.23 36.27
N ASN E 186 23.02 48.58 35.25
CA ASN E 186 21.58 48.32 35.30
C ASN E 186 21.24 47.25 36.32
N GLN E 187 22.17 46.32 36.58
CA GLN E 187 21.90 45.27 37.55
C GLN E 187 21.79 45.85 38.97
N ARG E 188 22.76 46.66 39.37
CA ARG E 188 22.74 47.23 40.71
C ARG E 188 21.59 48.22 40.88
N ALA E 189 21.34 49.04 39.86
CA ALA E 189 20.31 50.07 39.97
C ALA E 189 18.90 49.49 39.98
N LEU E 190 18.74 48.22 39.57
CA LEU E 190 17.43 47.59 39.52
C LEU E 190 17.15 46.68 40.71
N TYR E 191 18.15 45.95 41.20
CA TYR E 191 17.97 45.03 42.31
C TYR E 191 18.98 45.21 43.43
N HIS E 192 20.04 46.00 43.24
CA HIS E 192 21.00 46.30 44.29
C HIS E 192 21.68 45.02 44.81
N THR E 193 21.85 44.04 43.93
CA THR E 193 22.50 42.78 44.29
C THR E 193 23.28 42.29 43.07
N GLU E 194 24.61 42.25 43.18
CA GLU E 194 25.42 41.82 42.06
C GLU E 194 25.16 40.36 41.71
N ASN E 195 25.01 39.51 42.73
CA ASN E 195 24.75 38.08 42.54
C ASN E 195 23.31 37.81 42.97
N ALA E 196 22.47 37.39 42.02
CA ALA E 196 21.06 37.13 42.28
C ALA E 196 20.66 35.79 41.66
N TYR E 197 19.66 35.18 42.27
CA TYR E 197 19.16 33.88 41.82
C TYR E 197 17.63 33.90 41.84
N VAL E 198 17.04 33.09 40.97
CA VAL E 198 15.59 32.88 40.95
C VAL E 198 15.33 31.38 40.89
N SER E 199 14.48 30.89 41.78
CA SER E 199 14.20 29.47 41.89
C SER E 199 12.70 29.24 41.79
N VAL E 200 12.30 28.30 40.93
CA VAL E 200 10.91 27.89 40.79
C VAL E 200 10.87 26.38 40.98
N VAL E 201 10.06 25.93 41.95
CA VAL E 201 9.98 24.52 42.29
C VAL E 201 8.51 24.11 42.37
N SER E 202 8.28 22.81 42.24
CA SER E 202 6.94 22.24 42.30
C SER E 202 7.06 20.78 42.73
N SER E 203 5.93 20.07 42.69
CA SER E 203 5.96 18.66 43.07
C SER E 203 6.82 17.85 42.10
N HIS E 204 6.74 18.14 40.81
CA HIS E 204 7.45 17.40 39.78
C HIS E 204 8.14 18.36 38.82
N TYR E 205 8.79 19.38 39.37
CA TYR E 205 9.49 20.36 38.55
C TYR E 205 10.36 21.22 39.46
N SER E 206 11.57 21.53 39.01
CA SER E 206 12.49 22.35 39.79
C SER E 206 13.69 22.69 38.94
N ARG E 207 14.18 23.92 39.08
CA ARG E 207 15.41 24.35 38.42
C ARG E 207 15.76 25.75 38.92
N ARG E 208 17.04 26.07 38.87
CA ARG E 208 17.57 27.33 39.39
C ARG E 208 18.25 28.09 38.25
N PHE E 209 17.86 29.35 38.07
CA PHE E 209 18.43 30.20 37.04
C PHE E 209 19.35 31.24 37.65
N THR E 210 20.19 31.81 36.81
CA THR E 210 21.07 32.91 37.18
C THR E 210 21.08 33.94 36.07
N PRO E 211 21.27 35.22 36.39
CA PRO E 211 21.34 36.24 35.34
C PRO E 211 22.67 36.18 34.60
N GLU E 212 22.60 36.26 33.28
CA GLU E 212 23.79 36.24 32.41
C GLU E 212 24.05 37.66 31.93
N ILE E 213 24.79 38.42 32.73
CA ILE E 213 25.06 39.82 32.42
C ILE E 213 26.23 39.90 31.45
N ALA E 214 25.98 40.49 30.28
CA ALA E 214 27.02 40.71 29.27
C ALA E 214 26.42 41.52 28.13
N LYS E 215 27.26 42.34 27.51
CA LYS E 215 26.81 43.12 26.37
C LYS E 215 26.39 42.21 25.22
N ARG E 216 25.38 42.65 24.48
CA ARG E 216 24.83 41.88 23.37
C ARG E 216 24.55 42.83 22.21
N PRO E 217 24.49 42.31 20.99
CA PRO E 217 24.15 43.17 19.84
C PRO E 217 22.74 43.73 19.99
N LYS E 218 22.56 44.94 19.46
CA LYS E 218 21.27 45.62 19.58
C LYS E 218 20.18 44.84 18.84
N VAL E 219 19.09 44.58 19.54
CA VAL E 219 17.89 44.00 18.94
C VAL E 219 16.69 44.75 19.50
N ARG E 220 15.85 45.29 18.62
CA ARG E 220 14.71 46.10 19.02
C ARG E 220 15.15 47.24 19.92
N ASP E 221 16.33 47.79 19.63
CA ASP E 221 16.90 48.91 20.38
C ASP E 221 16.97 48.58 21.86
N GLN E 222 17.34 47.34 22.17
CA GLN E 222 17.50 46.89 23.55
C GLN E 222 18.80 46.10 23.67
N GLU E 223 19.43 46.20 24.84
CA GLU E 223 20.70 45.54 25.09
C GLU E 223 20.51 44.21 25.81
N GLY E 224 19.78 44.21 26.92
CA GLY E 224 19.57 43.00 27.70
C GLY E 224 18.52 42.10 27.08
N ARG E 225 18.27 40.99 27.76
CA ARG E 225 17.30 40.00 27.32
C ARG E 225 16.48 39.53 28.52
N ILE E 226 15.29 39.03 28.24
CA ILE E 226 14.43 38.41 29.24
C ILE E 226 14.00 37.06 28.70
N ASN E 227 14.37 35.99 29.40
CA ASN E 227 14.05 34.64 28.97
C ASN E 227 12.78 34.17 29.67
N TYR E 228 11.82 33.69 28.88
CA TYR E 228 10.53 33.24 29.38
C TYR E 228 10.50 31.73 29.51
N TYR E 229 9.78 31.26 30.52
CA TYR E 229 9.64 29.84 30.78
C TYR E 229 8.18 29.54 31.11
N TRP E 230 7.83 28.25 31.10
CA TRP E 230 6.46 27.84 31.36
C TRP E 230 6.46 26.44 31.96
N THR E 231 5.36 26.12 32.65
CA THR E 231 5.18 24.80 33.22
C THR E 231 3.68 24.56 33.42
N LEU E 232 3.32 23.30 33.61
CA LEU E 232 1.95 22.89 33.82
C LEU E 232 1.82 22.27 35.20
N LEU E 233 0.82 22.72 35.95
CA LEU E 233 0.56 22.21 37.29
C LEU E 233 -0.60 21.23 37.25
N GLU E 234 -0.38 20.04 37.80
CA GLU E 234 -1.45 19.06 37.88
C GLU E 234 -2.47 19.50 38.93
N PRO E 235 -3.70 19.01 38.83
CA PRO E 235 -4.71 19.40 39.83
C PRO E 235 -4.26 19.05 41.24
N GLY E 236 -4.52 19.96 42.17
CA GLY E 236 -4.13 19.74 43.54
C GLY E 236 -2.65 19.91 43.82
N ASP E 237 -1.89 20.45 42.87
CA ASP E 237 -0.44 20.61 43.03
C ASP E 237 -0.12 22.02 43.50
N THR E 238 1.15 22.22 43.88
CA THR E 238 1.61 23.48 44.43
C THR E 238 2.90 23.89 43.73
N ILE E 239 3.09 25.21 43.61
CA ILE E 239 4.29 25.79 43.02
C ILE E 239 4.80 26.89 43.93
N ILE E 240 6.11 26.93 44.14
CA ILE E 240 6.75 27.89 45.04
C ILE E 240 7.71 28.74 44.22
N PHE E 241 7.56 30.06 44.31
CA PHE E 241 8.43 31.01 43.63
C PHE E 241 9.39 31.61 44.64
N GLU E 242 10.69 31.51 44.36
CA GLU E 242 11.73 32.08 45.19
C GLU E 242 12.68 32.88 44.31
N ALA E 243 13.20 33.99 44.84
CA ALA E 243 14.14 34.81 44.09
C ALA E 243 14.62 35.94 44.99
N ASN E 244 15.75 36.53 44.59
CA ASN E 244 16.27 37.74 45.23
C ASN E 244 16.78 38.73 44.20
N GLY E 245 16.19 38.74 43.02
CA GLY E 245 16.57 39.66 41.96
C GLY E 245 16.44 39.00 40.60
N ASN E 246 16.33 39.85 39.59
CA ASN E 246 16.25 39.39 38.19
C ASN E 246 15.11 38.38 38.01
N LEU E 247 13.89 38.82 38.31
CA LEU E 247 12.70 37.99 38.18
C LEU E 247 11.60 38.74 37.46
N ILE E 248 10.78 38.00 36.72
CA ILE E 248 9.57 38.52 36.09
C ILE E 248 8.43 37.63 36.57
N ALA E 249 7.78 38.02 37.65
CA ALA E 249 6.79 37.17 38.28
C ALA E 249 5.52 37.09 37.43
N PRO E 250 4.74 36.01 37.57
CA PRO E 250 3.46 35.93 36.87
C PRO E 250 2.45 36.92 37.43
N TRP E 251 1.52 37.33 36.56
CA TRP E 251 0.41 38.18 36.97
C TRP E 251 -0.90 37.52 36.57
N TYR E 252 -0.87 36.74 35.49
CA TYR E 252 -2.04 36.01 35.03
C TYR E 252 -1.63 34.59 34.66
N ALA E 253 -2.58 33.67 34.76
CA ALA E 253 -2.37 32.28 34.40
C ALA E 253 -3.55 31.80 33.57
N PHE E 254 -3.30 30.81 32.71
CA PHE E 254 -4.29 30.33 31.75
C PHE E 254 -4.65 28.88 32.10
N ALA E 255 -5.65 28.72 32.97
CA ALA E 255 -6.20 27.39 33.20
C ALA E 255 -6.87 26.89 31.93
N LEU E 256 -6.54 25.66 31.54
CA LEU E 256 -6.91 25.14 30.22
C LEU E 256 -7.63 23.81 30.35
N SER E 257 -8.51 23.54 29.39
CA SER E 257 -9.22 22.29 29.28
C SER E 257 -8.98 21.69 27.90
N ARG E 258 -8.73 20.39 27.85
CA ARG E 258 -8.38 19.74 26.60
C ARG E 258 -9.63 19.58 25.71
N GLY E 259 -9.38 19.49 24.41
CA GLY E 259 -10.44 19.30 23.44
C GLY E 259 -9.94 18.69 22.15
N PHE E 260 -10.60 17.63 21.70
CA PHE E 260 -10.18 16.94 20.49
C PHE E 260 -10.59 17.71 19.25
N GLY E 261 -9.74 17.64 18.22
CA GLY E 261 -10.02 18.23 16.92
C GLY E 261 -9.42 19.60 16.70
N SER E 262 -9.04 20.31 17.77
CA SER E 262 -8.48 21.63 17.61
C SER E 262 -7.04 21.55 17.11
N GLY E 263 -6.60 22.64 16.49
CA GLY E 263 -5.25 22.69 15.95
C GLY E 263 -4.88 24.11 15.59
N ILE E 264 -3.61 24.27 15.20
CA ILE E 264 -3.05 25.56 14.82
C ILE E 264 -2.83 25.56 13.31
N ILE E 265 -3.20 26.67 12.68
CA ILE E 265 -3.11 26.81 11.22
C ILE E 265 -2.49 28.16 10.89
N THR E 266 -1.76 28.19 9.79
CA THR E 266 -1.19 29.43 9.24
C THR E 266 -1.97 29.79 7.99
N SER E 267 -2.72 30.88 8.06
CA SER E 267 -3.61 31.28 6.97
C SER E 267 -3.75 32.79 6.95
N ASN E 268 -4.26 33.30 5.84
CA ASN E 268 -4.49 34.73 5.68
C ASN E 268 -5.82 35.07 5.02
N ALA E 269 -6.67 34.08 4.75
CA ALA E 269 -7.93 34.36 4.08
C ALA E 269 -8.86 35.16 4.98
N PRO E 270 -9.73 35.99 4.41
CA PRO E 270 -10.64 36.79 5.23
C PRO E 270 -11.64 35.92 5.97
N MET E 271 -12.06 36.42 7.14
CA MET E 271 -13.05 35.72 7.95
C MET E 271 -14.45 35.96 7.40
N ASP E 272 -15.36 35.06 7.75
CA ASP E 272 -16.75 35.14 7.33
C ASP E 272 -17.54 34.09 8.11
N GLU E 273 -18.84 34.00 7.82
CA GLU E 273 -19.71 33.03 8.45
C GLU E 273 -19.96 31.86 7.51
N CYS E 274 -19.86 30.64 8.03
CA CYS E 274 -20.04 29.43 7.24
C CYS E 274 -20.53 28.32 8.16
N ASP E 275 -20.83 27.16 7.55
CA ASP E 275 -21.18 25.96 8.28
C ASP E 275 -20.45 24.74 7.73
N ALA E 276 -19.28 24.95 7.12
CA ALA E 276 -18.56 23.85 6.50
C ALA E 276 -18.10 22.83 7.53
N LYS E 277 -18.11 21.56 7.15
CA LYS E 277 -17.69 20.50 8.05
C LYS E 277 -16.18 20.50 8.25
N CYS E 278 -15.42 20.88 7.23
CA CYS E 278 -13.97 20.88 7.28
C CYS E 278 -13.43 22.27 6.95
N GLN E 279 -12.31 22.62 7.56
CA GLN E 279 -11.63 23.89 7.32
C GLN E 279 -10.21 23.62 6.81
N THR E 280 -9.79 24.41 5.84
CA THR E 280 -8.48 24.30 5.22
C THR E 280 -7.87 25.69 5.08
N PRO E 281 -6.53 25.80 5.16
CA PRO E 281 -5.92 27.13 5.01
C PRO E 281 -6.30 27.83 3.72
N GLN E 282 -6.50 27.08 2.64
CA GLN E 282 -6.95 27.66 1.38
C GLN E 282 -8.45 27.87 1.33
N GLY E 283 -9.19 27.47 2.36
CA GLY E 283 -10.63 27.64 2.39
C GLY E 283 -11.35 26.48 3.03
N ALA E 284 -12.60 26.26 2.64
CA ALA E 284 -13.42 25.17 3.16
C ALA E 284 -13.85 24.27 2.01
N ILE E 285 -14.02 22.99 2.30
CA ILE E 285 -14.36 22.01 1.27
C ILE E 285 -15.86 21.91 1.05
N ASN E 286 -16.65 21.91 2.12
CA ASN E 286 -18.09 22.06 2.03
C ASN E 286 -18.80 20.83 1.49
N SER E 287 -18.04 19.80 1.09
CA SER E 287 -18.62 18.58 0.54
C SER E 287 -18.03 17.38 1.26
N SER E 288 -18.60 16.21 0.96
CA SER E 288 -18.26 14.96 1.66
C SER E 288 -17.75 13.90 0.69
N LEU E 289 -17.04 14.31 -0.36
CA LEU E 289 -16.43 13.32 -1.24
C LEU E 289 -15.26 12.65 -0.54
N PRO E 290 -14.96 11.40 -0.89
CA PRO E 290 -13.91 10.67 -0.17
C PRO E 290 -12.54 11.31 -0.27
N PHE E 291 -12.21 11.96 -1.39
CA PHE E 291 -10.87 12.46 -1.64
C PHE E 291 -10.89 13.96 -1.91
N GLN E 292 -9.73 14.59 -1.71
CA GLN E 292 -9.54 16.00 -2.01
C GLN E 292 -8.05 16.25 -2.22
N ASN E 293 -7.74 17.37 -2.87
CA ASN E 293 -6.34 17.72 -3.12
C ASN E 293 -6.09 19.22 -2.96
N VAL E 294 -6.95 19.93 -2.23
CA VAL E 294 -6.77 21.38 -2.09
C VAL E 294 -5.54 21.69 -1.22
N HIS E 295 -5.37 20.96 -0.12
CA HIS E 295 -4.26 21.22 0.78
C HIS E 295 -4.08 20.05 1.74
N PRO E 296 -2.85 19.61 2.01
CA PRO E 296 -2.67 18.44 2.90
C PRO E 296 -3.25 18.63 4.29
N VAL E 297 -3.17 19.83 4.86
CA VAL E 297 -3.58 20.04 6.24
C VAL E 297 -5.08 20.30 6.30
N THR E 298 -5.73 19.76 7.33
CA THR E 298 -7.17 19.90 7.50
C THR E 298 -7.50 19.93 8.98
N ILE E 299 -8.71 20.40 9.28
CA ILE E 299 -9.24 20.44 10.64
C ILE E 299 -10.63 19.80 10.63
N GLY E 300 -10.87 18.92 11.60
CA GLY E 300 -12.15 18.24 11.69
C GLY E 300 -12.25 17.13 10.66
N GLU E 301 -13.43 16.51 10.63
CA GLU E 301 -13.69 15.47 9.64
C GLU E 301 -13.52 16.03 8.24
N CYS E 302 -12.52 15.53 7.52
CA CYS E 302 -12.20 16.05 6.19
C CYS E 302 -11.90 14.89 5.26
N PRO E 303 -12.14 15.05 3.96
CA PRO E 303 -11.70 14.02 3.01
C PRO E 303 -10.18 13.87 3.03
N LYS E 304 -9.74 12.63 2.77
CA LYS E 304 -8.31 12.35 2.74
C LYS E 304 -7.64 13.08 1.59
N TYR E 305 -6.39 13.48 1.81
CA TYR E 305 -5.62 14.21 0.82
C TYR E 305 -4.97 13.24 -0.16
N VAL E 306 -5.17 13.49 -1.45
CA VAL E 306 -4.60 12.66 -2.51
C VAL E 306 -3.89 13.57 -3.49
N ARG E 307 -2.65 13.21 -3.84
CA ARG E 307 -1.85 14.03 -4.74
C ARG E 307 -2.27 13.89 -6.20
N SER E 308 -3.04 12.87 -6.53
CA SER E 308 -3.48 12.69 -7.91
C SER E 308 -4.29 13.88 -8.38
N ALA E 309 -4.03 14.33 -9.61
CA ALA E 309 -4.74 15.48 -10.14
C ALA E 309 -6.22 15.18 -10.32
N LYS E 310 -6.54 13.99 -10.84
CA LYS E 310 -7.93 13.65 -11.12
C LYS E 310 -8.06 12.13 -11.16
N LEU E 311 -9.19 11.63 -10.66
CA LEU E 311 -9.49 10.21 -10.71
C LEU E 311 -11.00 10.03 -10.69
N ARG E 312 -11.48 9.05 -11.46
CA ARG E 312 -12.90 8.79 -11.59
C ARG E 312 -13.14 7.29 -11.67
N MET E 313 -14.37 6.89 -11.35
CA MET E 313 -14.81 5.51 -11.46
C MET E 313 -15.90 5.40 -12.52
N VAL E 314 -15.78 4.42 -13.40
CA VAL E 314 -16.78 4.19 -14.43
C VAL E 314 -17.96 3.45 -13.83
N THR E 315 -19.15 4.00 -14.01
CA THR E 315 -20.39 3.35 -13.58
C THR E 315 -21.21 2.79 -14.73
N GLY E 316 -20.94 3.21 -15.96
CA GLY E 316 -21.66 2.72 -17.11
C GLY E 316 -20.78 1.95 -18.07
N LEU E 317 -21.08 2.03 -19.36
CA LEU E 317 -20.35 1.32 -20.39
C LEU E 317 -19.48 2.27 -21.19
N ARG E 318 -18.55 1.70 -21.95
CA ARG E 318 -17.75 2.49 -22.88
C ARG E 318 -18.66 3.11 -23.93
N ASN E 319 -18.45 4.40 -24.21
CA ASN E 319 -19.29 5.13 -25.15
C ASN E 319 -18.65 5.07 -26.53
N ILE E 320 -19.22 4.25 -27.41
CA ILE E 320 -18.74 4.10 -28.77
C ILE E 320 -19.93 4.23 -29.72
N PRO E 321 -20.50 5.42 -29.87
CA PRO E 321 -21.68 5.56 -30.74
C PRO E 321 -21.33 5.40 -32.21
N SER E 322 -22.29 4.92 -32.97
CA SER E 322 -22.11 4.68 -34.41
C SER E 322 -23.20 5.38 -35.21
N ILE F 10 -24.70 -5.70 -30.87
CA ILE F 10 -23.59 -5.60 -29.94
C ILE F 10 -22.46 -4.78 -30.55
N GLU F 11 -22.40 -4.78 -31.89
CA GLU F 11 -21.40 -4.02 -32.62
C GLU F 11 -21.95 -2.62 -32.85
N GLY F 12 -21.69 -1.73 -31.89
CA GLY F 12 -22.19 -0.37 -31.97
C GLY F 12 -23.30 -0.11 -30.97
N GLY F 13 -23.16 0.96 -30.18
CA GLY F 13 -24.15 1.30 -29.18
C GLY F 13 -25.37 1.97 -29.78
N TRP F 14 -26.32 2.29 -28.90
CA TRP F 14 -27.56 2.94 -29.29
C TRP F 14 -27.70 4.27 -28.55
N THR F 15 -28.41 5.20 -29.19
CA THR F 15 -28.68 6.50 -28.60
C THR F 15 -30.16 6.74 -28.33
N GLY F 16 -31.06 6.21 -29.17
CA GLY F 16 -32.48 6.38 -28.92
C GLY F 16 -32.93 5.68 -27.66
N MET F 17 -32.34 4.51 -27.37
CA MET F 17 -32.73 3.77 -26.18
C MET F 17 -32.38 4.54 -24.91
N VAL F 18 -33.21 4.38 -23.89
CA VAL F 18 -33.02 5.01 -22.59
C VAL F 18 -33.58 4.09 -21.52
N ASP F 19 -33.35 4.44 -20.25
CA ASP F 19 -33.89 3.72 -19.11
C ASP F 19 -33.34 2.30 -19.01
N GLY F 20 -32.13 2.08 -19.52
CA GLY F 20 -31.52 0.77 -19.42
C GLY F 20 -30.20 0.65 -20.16
N TRP F 21 -29.22 0.00 -19.53
CA TRP F 21 -27.93 -0.19 -20.19
C TRP F 21 -28.00 -1.27 -21.26
N TYR F 22 -28.88 -2.26 -21.09
CA TYR F 22 -29.03 -3.36 -22.03
C TYR F 22 -30.49 -3.42 -22.48
N GLY F 23 -30.69 -3.52 -23.80
CA GLY F 23 -32.04 -3.54 -24.33
C GLY F 23 -32.10 -4.24 -25.66
N TYR F 24 -33.32 -4.49 -26.11
CA TYR F 24 -33.61 -5.22 -27.35
C TYR F 24 -34.11 -4.25 -28.41
N HIS F 25 -34.51 -4.82 -29.54
CA HIS F 25 -35.13 -4.06 -30.62
C HIS F 25 -35.99 -5.02 -31.44
N HIS F 26 -36.99 -4.45 -32.12
CA HIS F 26 -37.86 -5.25 -32.96
C HIS F 26 -38.43 -4.35 -34.06
N GLN F 27 -38.86 -5.00 -35.15
CA GLN F 27 -39.37 -4.29 -36.31
C GLN F 27 -40.66 -4.93 -36.82
N ASN F 28 -41.39 -5.63 -35.94
CA ASN F 28 -42.64 -6.25 -36.34
C ASN F 28 -43.68 -5.18 -36.67
N GLU F 29 -44.65 -5.57 -37.51
CA GLU F 29 -45.69 -4.65 -37.92
C GLU F 29 -46.49 -4.12 -36.73
N GLN F 30 -46.51 -4.85 -35.61
CA GLN F 30 -47.23 -4.38 -34.43
C GLN F 30 -46.65 -3.08 -33.88
N GLY F 31 -45.39 -2.77 -34.20
CA GLY F 31 -44.76 -1.55 -33.74
C GLY F 31 -43.27 -1.69 -33.53
N SER F 32 -42.51 -0.69 -33.97
CA SER F 32 -41.06 -0.68 -33.85
C SER F 32 -40.66 0.29 -32.75
N GLY F 33 -39.84 -0.17 -31.82
CA GLY F 33 -39.39 0.67 -30.73
C GLY F 33 -38.40 -0.02 -29.81
N TYR F 34 -37.50 0.75 -29.23
CA TYR F 34 -36.50 0.19 -28.33
C TYR F 34 -37.14 -0.19 -27.00
N ALA F 35 -36.49 -1.12 -26.29
CA ALA F 35 -36.95 -1.55 -24.99
C ALA F 35 -35.72 -1.88 -24.14
N ALA F 36 -35.92 -1.90 -22.83
CA ALA F 36 -34.86 -2.15 -21.87
C ALA F 36 -35.13 -3.41 -21.08
N ASP F 37 -34.06 -4.09 -20.69
CA ASP F 37 -34.14 -5.29 -19.86
C ASP F 37 -33.95 -4.86 -18.41
N GLN F 38 -35.05 -4.66 -17.69
CA GLN F 38 -34.97 -4.18 -16.31
C GLN F 38 -34.24 -5.17 -15.43
N LYS F 39 -34.52 -6.46 -15.58
CA LYS F 39 -33.89 -7.46 -14.73
C LYS F 39 -32.38 -7.46 -14.90
N SER F 40 -31.91 -7.38 -16.14
CA SER F 40 -30.47 -7.39 -16.38
C SER F 40 -29.81 -6.10 -15.92
N THR F 41 -30.40 -4.95 -16.28
CA THR F 41 -29.80 -3.68 -15.89
C THR F 41 -29.80 -3.50 -14.38
N GLN F 42 -30.90 -3.85 -13.71
CA GLN F 42 -30.98 -3.64 -12.28
C GLN F 42 -29.92 -4.46 -11.54
N ASN F 43 -29.70 -5.70 -11.97
CA ASN F 43 -28.68 -6.53 -11.35
C ASN F 43 -27.31 -5.89 -11.47
N ALA F 44 -27.00 -5.34 -12.65
CA ALA F 44 -25.70 -4.70 -12.84
C ALA F 44 -25.53 -3.50 -11.90
N ILE F 45 -26.59 -2.73 -11.71
CA ILE F 45 -26.50 -1.54 -10.86
C ILE F 45 -26.12 -1.92 -9.43
N ASN F 46 -26.62 -3.06 -8.95
CA ASN F 46 -26.34 -3.46 -7.58
C ASN F 46 -24.84 -3.63 -7.37
N CYS F 47 -24.15 -4.28 -8.31
CA CYS F 47 -22.71 -4.46 -8.18
C CYS F 47 -21.99 -3.12 -8.20
N ILE F 48 -22.40 -2.21 -9.09
CA ILE F 48 -21.76 -0.90 -9.16
C ILE F 48 -21.95 -0.15 -7.84
N THR F 49 -23.18 -0.15 -7.32
CA THR F 49 -23.44 0.56 -6.07
C THR F 49 -22.64 -0.05 -4.92
N ASN F 50 -22.58 -1.38 -4.86
CA ASN F 50 -21.79 -2.02 -3.81
C ASN F 50 -20.30 -1.84 -4.06
N LYS F 51 -19.87 -1.78 -5.31
CA LYS F 51 -18.46 -1.61 -5.61
C LYS F 51 -17.97 -0.23 -5.21
N VAL F 52 -18.72 0.81 -5.59
CA VAL F 52 -18.30 2.17 -5.25
C VAL F 52 -18.38 2.40 -3.75
N ASN F 53 -19.39 1.83 -3.08
CA ASN F 53 -19.49 1.97 -1.64
C ASN F 53 -18.29 1.35 -0.94
N SER F 54 -17.84 0.18 -1.40
CA SER F 54 -16.73 -0.49 -0.75
C SER F 54 -15.47 0.37 -0.79
N VAL F 55 -15.21 1.05 -1.90
CA VAL F 55 -14.03 1.89 -2.01
C VAL F 55 -14.07 2.99 -0.96
N ILE F 56 -15.22 3.65 -0.83
CA ILE F 56 -15.33 4.75 0.12
C ILE F 56 -15.15 4.25 1.54
N GLU F 57 -15.77 3.12 1.88
CA GLU F 57 -15.69 2.62 3.26
C GLU F 57 -14.26 2.28 3.64
N LYS F 58 -13.53 1.61 2.76
CA LYS F 58 -12.15 1.24 3.08
C LYS F 58 -11.28 2.46 3.29
N MET F 59 -11.46 3.49 2.46
CA MET F 59 -10.63 4.69 2.55
C MET F 59 -11.16 5.55 3.69
N ASN F 60 -10.70 5.25 4.90
CA ASN F 60 -11.04 6.07 6.06
C ASN F 60 -10.32 7.41 5.98
N THR F 61 -10.91 8.40 6.65
CA THR F 61 -10.37 9.76 6.59
C THR F 61 -10.39 10.47 7.94
N GLN F 62 -10.78 9.79 9.02
CA GLN F 62 -10.85 10.42 10.34
C GLN F 62 -9.48 10.32 11.00
N PHE F 63 -8.74 11.42 11.00
CA PHE F 63 -7.44 11.48 11.64
C PHE F 63 -7.01 12.93 11.74
N THR F 64 -5.98 13.18 12.52
CA THR F 64 -5.44 14.52 12.71
C THR F 64 -4.27 14.75 11.77
N ALA F 65 -4.31 15.86 11.03
CA ALA F 65 -3.28 16.19 10.04
C ALA F 65 -2.65 17.55 10.27
N VAL F 66 -2.86 18.17 11.44
CA VAL F 66 -2.29 19.48 11.70
C VAL F 66 -0.77 19.37 11.73
N GLY F 67 -0.10 20.28 11.03
CA GLY F 67 1.34 20.25 10.97
C GLY F 67 2.01 20.80 12.21
N LYS F 68 3.26 20.40 12.41
CA LYS F 68 4.09 20.86 13.52
C LYS F 68 5.26 21.67 12.98
N GLU F 69 5.94 22.36 13.88
CA GLU F 69 7.13 23.14 13.53
C GLU F 69 8.21 22.88 14.57
N PHE F 70 9.46 23.02 14.15
CA PHE F 70 10.61 22.77 15.00
C PHE F 70 11.60 23.91 14.88
N ASN F 71 12.39 24.11 15.95
CA ASN F 71 13.35 25.20 15.97
C ASN F 71 14.54 24.87 15.07
N LYS F 72 15.54 25.76 15.09
CA LYS F 72 16.66 25.61 14.17
C LYS F 72 17.57 24.44 14.55
N LEU F 73 17.71 24.16 15.84
CA LEU F 73 18.61 23.09 16.28
C LEU F 73 18.00 21.70 16.14
N GLU F 74 16.72 21.59 15.78
CA GLU F 74 16.04 20.32 15.64
C GLU F 74 15.85 19.96 14.17
N ARG F 75 16.85 20.26 13.33
CA ARG F 75 16.75 19.95 11.92
C ARG F 75 16.48 18.46 11.68
N ARG F 76 17.00 17.60 12.54
CA ARG F 76 16.74 16.17 12.39
C ARG F 76 15.26 15.86 12.53
N MET F 77 14.59 16.50 13.48
CA MET F 77 13.15 16.30 13.63
C MET F 77 12.41 16.71 12.37
N GLU F 78 12.74 17.88 11.82
CA GLU F 78 12.00 18.38 10.67
C GLU F 78 12.16 17.46 9.47
N ASN F 79 13.38 17.00 9.20
CA ASN F 79 13.60 16.08 8.10
C ASN F 79 12.88 14.76 8.33
N LEU F 80 12.96 14.23 9.56
CA LEU F 80 12.28 12.98 9.87
C LEU F 80 10.76 13.17 9.82
N ASN F 81 10.26 14.26 10.38
CA ASN F 81 8.83 14.53 10.31
C ASN F 81 8.38 14.76 8.87
N LYS F 82 9.20 15.47 8.09
CA LYS F 82 8.85 15.71 6.69
C LYS F 82 8.76 14.40 5.92
N LYS F 83 9.70 13.48 6.16
CA LYS F 83 9.68 12.20 5.44
C LYS F 83 8.42 11.43 5.76
N VAL F 84 7.99 11.42 7.03
CA VAL F 84 6.79 10.68 7.41
C VAL F 84 5.57 11.22 6.66
N ASP F 85 5.43 12.54 6.61
CA ASP F 85 4.30 13.13 5.90
C ASP F 85 4.38 12.82 4.40
N ASP F 86 5.55 13.05 3.80
CA ASP F 86 5.70 12.77 2.38
C ASP F 86 5.51 11.29 2.08
N GLY F 87 6.05 10.42 2.94
CA GLY F 87 5.95 8.99 2.67
C GLY F 87 4.51 8.52 2.58
N PHE F 88 3.68 8.93 3.54
CA PHE F 88 2.28 8.49 3.53
C PHE F 88 1.53 9.06 2.32
N LEU F 89 1.78 10.32 1.97
CA LEU F 89 1.10 10.90 0.81
C LEU F 89 1.43 10.13 -0.46
N ASP F 90 2.71 9.75 -0.62
CA ASP F 90 3.08 8.94 -1.78
C ASP F 90 2.37 7.60 -1.77
N ILE F 91 2.30 6.96 -0.60
CA ILE F 91 1.66 5.66 -0.50
C ILE F 91 0.17 5.77 -0.83
N TRP F 92 -0.52 6.72 -0.18
CA TRP F 92 -1.95 6.86 -0.41
C TRP F 92 -2.26 7.23 -1.85
N THR F 93 -1.44 8.12 -2.45
CA THR F 93 -1.65 8.48 -3.84
C THR F 93 -1.54 7.26 -4.74
N TYR F 94 -0.53 6.42 -4.51
CA TYR F 94 -0.39 5.20 -5.29
C TYR F 94 -1.54 4.24 -5.05
N ASN F 95 -1.94 4.08 -3.78
CA ASN F 95 -3.03 3.16 -3.46
C ASN F 95 -4.35 3.65 -4.06
N ALA F 96 -4.61 4.95 -3.99
CA ALA F 96 -5.86 5.49 -4.50
C ALA F 96 -5.98 5.26 -6.01
N GLU F 97 -4.91 5.55 -6.75
CA GLU F 97 -4.95 5.39 -8.20
C GLU F 97 -5.04 3.92 -8.58
N LEU F 98 -4.23 3.06 -7.95
CA LEU F 98 -4.21 1.65 -8.32
C LEU F 98 -5.56 1.01 -8.13
N LEU F 99 -6.21 1.28 -6.99
CA LEU F 99 -7.53 0.70 -6.75
C LEU F 99 -8.56 1.22 -7.75
N VAL F 100 -8.53 2.52 -8.03
CA VAL F 100 -9.50 3.09 -8.96
C VAL F 100 -9.24 2.59 -10.38
N LEU F 101 -7.98 2.62 -10.81
CA LEU F 101 -7.66 2.15 -12.16
C LEU F 101 -7.98 0.67 -12.30
N LEU F 102 -7.64 -0.15 -11.30
CA LEU F 102 -7.91 -1.58 -11.38
C LEU F 102 -9.41 -1.86 -11.43
N GLU F 103 -10.18 -1.16 -10.60
CA GLU F 103 -11.62 -1.41 -10.56
C GLU F 103 -12.30 -1.01 -11.86
N ASN F 104 -11.83 0.06 -12.50
CA ASN F 104 -12.46 0.50 -13.75
C ASN F 104 -12.38 -0.58 -14.81
N GLU F 105 -11.23 -1.24 -14.94
CA GLU F 105 -11.09 -2.27 -15.96
C GLU F 105 -12.09 -3.39 -15.74
N ARG F 106 -12.27 -3.82 -14.49
CA ARG F 106 -13.22 -4.89 -14.21
C ARG F 106 -14.64 -4.47 -14.57
N THR F 107 -15.00 -3.22 -14.25
CA THR F 107 -16.36 -2.75 -14.56
C THR F 107 -16.60 -2.76 -16.06
N LEU F 108 -15.63 -2.31 -16.86
CA LEU F 108 -15.78 -2.32 -18.31
C LEU F 108 -15.94 -3.74 -18.83
N ASP F 109 -15.13 -4.67 -18.31
CA ASP F 109 -15.29 -6.07 -18.68
C ASP F 109 -16.58 -6.65 -18.10
N PHE F 110 -16.99 -6.17 -16.93
CA PHE F 110 -18.20 -6.71 -16.30
C PHE F 110 -19.42 -6.49 -17.19
N HIS F 111 -19.55 -5.29 -17.78
CA HIS F 111 -20.69 -5.03 -18.66
C HIS F 111 -20.66 -5.94 -19.88
N ASP F 112 -19.48 -6.17 -20.44
CA ASP F 112 -19.39 -7.01 -21.63
C ASP F 112 -19.93 -8.41 -21.37
N SER F 113 -19.59 -8.97 -20.21
CA SER F 113 -20.11 -10.30 -19.87
C SER F 113 -21.63 -10.28 -19.76
N ASN F 114 -22.19 -9.25 -19.13
CA ASN F 114 -23.64 -9.18 -18.96
C ASN F 114 -24.34 -9.13 -20.31
N VAL F 115 -23.93 -8.19 -21.18
CA VAL F 115 -24.58 -8.08 -22.48
C VAL F 115 -24.35 -9.34 -23.31
N LYS F 116 -23.12 -9.86 -23.30
CA LYS F 116 -22.85 -11.10 -24.02
C LYS F 116 -23.62 -12.26 -23.40
N ASN F 117 -23.67 -12.32 -22.07
CA ASN F 117 -24.43 -13.37 -21.42
C ASN F 117 -25.91 -13.27 -21.77
N LEU F 118 -26.45 -12.05 -21.81
CA LEU F 118 -27.84 -11.86 -22.22
C LEU F 118 -28.04 -12.33 -23.66
N TYR F 119 -27.09 -12.02 -24.54
CA TYR F 119 -27.19 -12.44 -25.93
C TYR F 119 -27.24 -13.96 -26.04
N GLU F 120 -26.38 -14.66 -25.31
CA GLU F 120 -26.41 -16.12 -25.32
C GLU F 120 -27.71 -16.64 -24.74
N LYS F 121 -28.22 -15.99 -23.68
CA LYS F 121 -29.49 -16.41 -23.09
C LYS F 121 -30.62 -16.34 -24.11
N VAL F 122 -30.63 -15.29 -24.93
CA VAL F 122 -31.63 -15.20 -26.00
C VAL F 122 -31.45 -16.34 -26.98
N LYS F 123 -30.20 -16.66 -27.34
CA LYS F 123 -29.95 -17.74 -28.28
C LYS F 123 -30.54 -19.05 -27.78
N SER F 124 -30.33 -19.36 -26.50
CA SER F 124 -30.87 -20.60 -25.94
C SER F 124 -32.40 -20.59 -25.99
N GLN F 125 -33.02 -19.48 -25.58
CA GLN F 125 -34.47 -19.38 -25.62
C GLN F 125 -34.97 -19.18 -27.05
N LEU F 126 -34.16 -18.56 -27.90
CA LEU F 126 -34.51 -18.33 -29.31
C LEU F 126 -33.78 -19.38 -30.14
N LYS F 127 -34.45 -20.51 -30.32
CA LYS F 127 -33.83 -21.66 -30.96
C LYS F 127 -33.59 -21.37 -32.45
N ASN F 128 -33.12 -22.40 -33.16
CA ASN F 128 -32.74 -22.25 -34.57
C ASN F 128 -33.85 -21.68 -35.44
N ASN F 129 -35.09 -21.60 -34.94
CA ASN F 129 -36.16 -21.02 -35.74
C ASN F 129 -35.81 -19.62 -36.22
N ALA F 130 -35.01 -18.88 -35.45
CA ALA F 130 -34.56 -17.55 -35.83
C ALA F 130 -33.16 -17.64 -36.40
N LYS F 131 -32.97 -17.04 -37.58
CA LYS F 131 -31.66 -17.05 -38.23
C LYS F 131 -30.79 -15.93 -37.69
N GLU F 132 -29.59 -16.27 -37.27
CA GLU F 132 -28.62 -15.30 -36.76
C GLU F 132 -27.84 -14.70 -37.92
N ILE F 133 -27.81 -13.37 -37.99
CA ILE F 133 -27.09 -12.67 -39.04
C ILE F 133 -25.77 -12.09 -38.56
N GLY F 134 -25.35 -12.44 -37.35
CA GLY F 134 -24.04 -12.05 -36.85
C GLY F 134 -23.96 -10.74 -36.09
N ASN F 135 -24.47 -9.66 -36.69
CA ASN F 135 -24.33 -8.32 -36.12
C ASN F 135 -25.35 -8.11 -35.00
N GLY F 136 -25.31 -8.99 -34.01
CA GLY F 136 -26.17 -8.86 -32.84
C GLY F 136 -27.64 -8.80 -33.19
N CYS F 137 -28.11 -9.64 -34.10
CA CYS F 137 -29.50 -9.63 -34.52
C CYS F 137 -29.91 -11.03 -34.91
N PHE F 138 -31.23 -11.24 -34.97
CA PHE F 138 -31.80 -12.51 -35.39
C PHE F 138 -32.96 -12.23 -36.34
N GLU F 139 -33.14 -13.14 -37.31
CA GLU F 139 -34.23 -13.08 -38.26
C GLU F 139 -35.15 -14.27 -37.99
N PHE F 140 -36.43 -13.98 -37.78
CA PHE F 140 -37.40 -15.02 -37.45
C PHE F 140 -37.98 -15.65 -38.71
N TYR F 141 -38.10 -16.98 -38.71
CA TYR F 141 -38.78 -17.68 -39.78
C TYR F 141 -40.29 -17.70 -39.60
N HIS F 142 -40.79 -17.25 -38.45
CA HIS F 142 -42.21 -17.23 -38.16
C HIS F 142 -42.64 -15.82 -37.80
N LYS F 143 -43.78 -15.40 -38.35
CA LYS F 143 -44.33 -14.09 -38.02
C LYS F 143 -44.79 -14.07 -36.57
N CYS F 144 -44.38 -13.05 -35.81
CA CYS F 144 -44.69 -12.95 -34.40
C CYS F 144 -45.23 -11.57 -34.07
N ASN F 145 -46.21 -11.51 -33.17
CA ASN F 145 -46.80 -10.26 -32.73
C ASN F 145 -46.21 -9.87 -31.38
N ASN F 146 -46.80 -8.85 -30.74
CA ASN F 146 -46.29 -8.39 -29.46
C ASN F 146 -46.30 -9.51 -28.42
N GLU F 147 -47.33 -10.35 -28.44
CA GLU F 147 -47.44 -11.42 -27.44
C GLU F 147 -46.22 -12.33 -27.50
N CYS F 148 -45.81 -12.72 -28.71
CA CYS F 148 -44.63 -13.56 -28.86
C CYS F 148 -43.35 -12.76 -28.70
N MET F 149 -43.34 -11.49 -29.14
CA MET F 149 -42.13 -10.69 -29.03
C MET F 149 -41.73 -10.51 -27.58
N GLU F 150 -42.68 -10.19 -26.71
CA GLU F 150 -42.38 -10.04 -25.29
C GLU F 150 -42.05 -11.38 -24.65
N SER F 151 -42.47 -12.49 -25.25
CA SER F 151 -42.10 -13.80 -24.73
C SER F 151 -40.57 -13.98 -24.77
N VAL F 152 -39.96 -13.61 -25.90
CA VAL F 152 -38.51 -13.67 -26.01
C VAL F 152 -37.86 -12.68 -25.05
N LYS F 153 -38.44 -11.48 -24.95
CA LYS F 153 -37.85 -10.45 -24.09
C LYS F 153 -37.84 -10.90 -22.63
N ASN F 154 -38.94 -11.48 -22.15
CA ASN F 154 -39.01 -11.96 -20.78
C ASN F 154 -38.68 -13.46 -20.75
N GLY F 155 -38.86 -14.08 -19.59
CA GLY F 155 -38.39 -15.42 -19.34
C GLY F 155 -39.29 -16.55 -19.74
N THR F 156 -40.32 -16.31 -20.54
CA THR F 156 -41.24 -17.35 -20.98
C THR F 156 -41.30 -17.36 -22.51
N TYR F 157 -41.16 -18.54 -23.10
CA TYR F 157 -41.22 -18.70 -24.55
C TYR F 157 -42.01 -19.96 -24.86
N ASP F 158 -42.52 -20.02 -26.10
CA ASP F 158 -43.43 -21.07 -26.55
C ASP F 158 -42.90 -21.73 -27.81
N TYR F 159 -41.64 -22.15 -27.77
CA TYR F 159 -40.97 -22.73 -28.94
C TYR F 159 -41.77 -23.83 -29.62
N PRO F 160 -42.32 -24.82 -28.92
CA PRO F 160 -43.01 -25.91 -29.63
C PRO F 160 -44.19 -25.45 -30.47
N LYS F 161 -44.78 -24.29 -30.17
CA LYS F 161 -45.93 -23.83 -30.93
C LYS F 161 -45.58 -23.58 -32.39
N TYR F 162 -44.41 -23.00 -32.64
CA TYR F 162 -44.00 -22.61 -33.99
C TYR F 162 -42.96 -23.58 -34.51
N SER F 163 -43.22 -24.13 -35.69
CA SER F 163 -42.28 -25.03 -36.36
C SER F 163 -42.23 -24.76 -37.86
N GLU F 164 -42.51 -23.53 -38.27
CA GLU F 164 -42.55 -23.20 -39.69
C GLU F 164 -41.17 -23.36 -40.31
N GLU F 165 -41.16 -23.77 -41.58
CA GLU F 165 -39.92 -24.02 -42.31
C GLU F 165 -39.05 -25.05 -41.59
N SER F 166 -39.70 -26.09 -41.07
CA SER F 166 -38.99 -27.15 -40.37
C SER F 166 -39.84 -28.42 -40.31
N GLN G 1 -31.78 -2.21 6.95
CA GLN G 1 -32.94 -1.28 7.05
C GLN G 1 -32.52 0.14 6.71
N VAL G 2 -33.43 0.88 6.07
CA VAL G 2 -33.18 2.26 5.66
C VAL G 2 -34.34 3.12 6.11
N GLN G 3 -34.06 4.42 6.24
CA GLN G 3 -35.05 5.40 6.66
C GLN G 3 -35.00 6.60 5.73
N LEU G 4 -36.17 7.11 5.35
CA LEU G 4 -36.28 8.28 4.50
C LEU G 4 -36.63 9.49 5.35
N VAL G 5 -35.83 10.55 5.22
CA VAL G 5 -36.00 11.78 5.99
C VAL G 5 -36.07 12.95 5.03
N GLN G 6 -37.04 13.83 5.24
CA GLN G 6 -37.21 15.04 4.46
C GLN G 6 -36.94 16.26 5.32
N SER G 7 -36.86 17.43 4.67
CA SER G 7 -36.62 18.66 5.38
C SER G 7 -37.85 19.06 6.19
N GLY G 8 -37.68 20.05 7.05
CA GLY G 8 -38.76 20.49 7.92
C GLY G 8 -39.85 21.23 7.17
N ALA G 9 -40.97 21.41 7.86
CA ALA G 9 -42.10 22.12 7.26
C ALA G 9 -41.72 23.57 6.98
N GLU G 10 -42.28 24.10 5.89
CA GLU G 10 -41.97 25.46 5.46
C GLU G 10 -43.24 26.13 4.96
N VAL G 11 -43.24 27.45 5.04
CA VAL G 11 -44.34 28.29 4.55
C VAL G 11 -43.75 29.35 3.64
N LYS G 12 -44.38 29.56 2.47
CA LYS G 12 -43.87 30.47 1.47
C LYS G 12 -44.97 31.42 1.02
N LYS G 13 -44.57 32.62 0.65
CA LYS G 13 -45.51 33.61 0.14
C LYS G 13 -46.02 33.19 -1.23
N PRO G 14 -47.25 33.54 -1.59
CA PRO G 14 -47.77 33.15 -2.91
C PRO G 14 -46.89 33.70 -4.03
N GLY G 15 -46.78 32.92 -5.10
CA GLY G 15 -45.97 33.32 -6.24
C GLY G 15 -44.48 33.11 -6.07
N SER G 16 -44.07 32.31 -5.09
CA SER G 16 -42.66 32.04 -4.82
C SER G 16 -42.35 30.59 -5.18
N SER G 17 -41.12 30.17 -4.88
CA SER G 17 -40.66 28.81 -5.12
C SER G 17 -40.23 28.18 -3.80
N VAL G 18 -40.58 26.90 -3.63
CA VAL G 18 -40.30 26.16 -2.42
C VAL G 18 -39.45 24.94 -2.79
N LYS G 19 -38.39 24.72 -2.02
CA LYS G 19 -37.48 23.59 -2.23
C LYS G 19 -37.51 22.68 -1.01
N VAL G 20 -37.68 21.39 -1.25
CA VAL G 20 -37.70 20.38 -0.20
C VAL G 20 -36.68 19.31 -0.56
N SER G 21 -35.85 18.95 0.40
CA SER G 21 -34.76 17.99 0.19
C SER G 21 -35.11 16.67 0.86
N CYS G 22 -34.99 15.58 0.11
CA CYS G 22 -35.22 14.23 0.61
C CYS G 22 -33.89 13.50 0.72
N LYS G 23 -33.64 12.89 1.87
CA LYS G 23 -32.40 12.17 2.11
C LYS G 23 -32.73 10.84 2.78
N ALA G 24 -31.84 9.88 2.60
CA ALA G 24 -31.99 8.54 3.16
C ALA G 24 -30.95 8.32 4.26
N SER G 25 -31.38 7.70 5.35
CA SER G 25 -30.47 7.41 6.44
C SER G 25 -29.31 6.57 5.94
N GLY G 26 -28.10 6.90 6.40
CA GLY G 26 -26.91 6.26 5.87
C GLY G 26 -26.80 6.49 4.38
N GLY G 27 -26.95 7.74 3.97
CA GLY G 27 -27.06 8.07 2.57
C GLY G 27 -25.77 7.94 1.79
N THR G 28 -25.28 6.72 1.63
CA THR G 28 -24.13 6.45 0.78
C THR G 28 -24.59 6.45 -0.67
N PHE G 29 -23.70 6.06 -1.59
CA PHE G 29 -24.06 6.03 -2.99
C PHE G 29 -25.26 5.11 -3.20
N SER G 30 -26.27 5.62 -3.92
CA SER G 30 -27.49 4.87 -4.16
C SER G 30 -27.99 5.17 -5.57
N SER G 31 -28.79 4.24 -6.10
CA SER G 31 -29.34 4.38 -7.44
C SER G 31 -30.85 4.15 -7.47
N TYR G 32 -31.49 4.01 -6.30
CA TYR G 32 -32.92 3.77 -6.29
C TYR G 32 -33.67 4.97 -6.86
N GLY G 33 -34.73 4.68 -7.62
CA GLY G 33 -35.54 5.75 -8.17
C GLY G 33 -36.30 6.49 -7.09
N ILE G 34 -36.60 7.76 -7.37
CA ILE G 34 -37.30 8.63 -6.45
C ILE G 34 -38.47 9.27 -7.19
N SER G 35 -39.44 9.75 -6.41
CA SER G 35 -40.60 10.43 -6.99
C SER G 35 -41.18 11.35 -5.92
N TRP G 36 -42.36 11.91 -6.21
CA TRP G 36 -43.05 12.78 -5.27
C TRP G 36 -44.55 12.61 -5.46
N VAL G 37 -45.30 12.95 -4.42
CA VAL G 37 -46.75 12.81 -4.44
C VAL G 37 -47.36 13.85 -3.52
N ARG G 38 -48.53 14.36 -3.92
CA ARG G 38 -49.25 15.38 -3.17
C ARG G 38 -50.50 14.77 -2.56
N GLN G 39 -50.73 15.09 -1.28
CA GLN G 39 -51.92 14.65 -0.55
C GLN G 39 -52.63 15.91 -0.08
N ALA G 40 -53.56 16.42 -0.90
CA ALA G 40 -54.30 17.61 -0.54
C ALA G 40 -55.14 17.34 0.70
N PRO G 41 -55.41 18.36 1.52
CA PRO G 41 -56.14 18.13 2.77
C PRO G 41 -57.51 17.52 2.53
N GLY G 42 -57.71 16.29 3.03
CA GLY G 42 -58.98 15.62 2.88
C GLY G 42 -59.23 15.00 1.52
N GLN G 43 -58.20 14.91 0.68
CA GLN G 43 -58.34 14.36 -0.66
C GLN G 43 -57.27 13.30 -0.90
N GLY G 44 -57.44 12.56 -2.00
CA GLY G 44 -56.52 11.50 -2.31
C GLY G 44 -55.21 12.00 -2.91
N LEU G 45 -54.26 11.09 -3.02
CA LEU G 45 -52.94 11.42 -3.53
C LEU G 45 -52.97 11.60 -5.05
N GLU G 46 -51.92 12.24 -5.58
CA GLU G 46 -51.76 12.41 -7.01
C GLU G 46 -50.27 12.50 -7.32
N TRP G 47 -49.84 11.74 -8.32
CA TRP G 47 -48.42 11.63 -8.67
C TRP G 47 -47.91 12.95 -9.25
N MET G 48 -46.60 13.18 -9.07
CA MET G 48 -45.94 14.36 -9.61
C MET G 48 -44.88 14.04 -10.65
N GLY G 49 -44.01 13.08 -10.39
CA GLY G 49 -42.87 12.80 -11.24
C GLY G 49 -41.73 12.20 -10.45
N GLY G 50 -40.74 11.68 -11.17
CA GLY G 50 -39.64 11.01 -10.51
C GLY G 50 -38.43 10.88 -11.41
N ILE G 51 -37.35 10.38 -10.82
CA ILE G 51 -36.09 10.17 -11.52
C ILE G 51 -35.93 8.67 -11.78
N ILE G 52 -35.02 8.33 -12.70
CA ILE G 52 -34.78 6.94 -13.10
C ILE G 52 -33.29 6.67 -12.93
N GLY G 53 -32.91 6.14 -11.77
CA GLY G 53 -31.58 5.58 -11.55
C GLY G 53 -30.43 6.42 -12.06
N MET G 54 -29.36 5.76 -12.52
CA MET G 54 -28.19 6.48 -13.00
C MET G 54 -28.52 7.34 -14.22
N PHE G 55 -29.45 6.88 -15.06
CA PHE G 55 -29.70 7.56 -16.33
C PHE G 55 -30.21 8.98 -16.15
N GLY G 56 -30.79 9.30 -14.99
CA GLY G 56 -31.24 10.65 -14.75
C GLY G 56 -32.28 11.12 -15.75
N THR G 57 -33.22 10.26 -16.10
CA THR G 57 -34.33 10.62 -16.99
C THR G 57 -35.53 11.03 -16.14
N THR G 58 -36.08 12.19 -16.44
CA THR G 58 -37.15 12.78 -15.63
C THR G 58 -38.44 12.85 -16.44
N ASN G 59 -39.54 12.47 -15.81
CA ASN G 59 -40.86 12.55 -16.41
C ASN G 59 -41.82 13.20 -15.41
N TYR G 60 -42.66 14.09 -15.92
CA TYR G 60 -43.62 14.81 -15.10
C TYR G 60 -44.99 14.75 -15.75
N ALA G 61 -46.02 14.84 -14.93
CA ALA G 61 -47.38 14.83 -15.44
C ALA G 61 -47.65 16.09 -16.26
N GLN G 62 -48.60 15.98 -17.19
CA GLN G 62 -48.90 17.09 -18.08
C GLN G 62 -49.65 18.22 -17.38
N LYS G 63 -50.06 18.03 -16.13
CA LYS G 63 -50.80 19.08 -15.44
C LYS G 63 -49.98 20.37 -15.36
N PHE G 64 -48.70 20.26 -15.03
CA PHE G 64 -47.81 21.42 -15.00
C PHE G 64 -46.71 21.33 -16.05
N GLN G 65 -45.85 20.31 -15.99
CA GLN G 65 -44.89 20.00 -17.04
C GLN G 65 -43.77 21.03 -17.14
N GLY G 66 -43.90 22.16 -16.45
CA GLY G 66 -42.88 23.19 -16.48
C GLY G 66 -42.57 23.78 -15.12
N ARG G 67 -43.38 23.44 -14.13
CA ARG G 67 -43.30 24.10 -12.82
C ARG G 67 -42.48 23.32 -11.81
N VAL G 68 -42.30 22.02 -12.00
CA VAL G 68 -41.58 21.18 -11.05
C VAL G 68 -40.37 20.57 -11.75
N THR G 69 -39.21 20.69 -11.12
CA THR G 69 -37.97 20.10 -11.62
C THR G 69 -37.32 19.32 -10.48
N ILE G 70 -36.96 18.06 -10.76
CA ILE G 70 -36.38 17.17 -9.76
C ILE G 70 -35.00 16.74 -10.24
N THR G 71 -34.01 16.89 -9.36
CA THR G 71 -32.67 16.40 -9.62
C THR G 71 -32.17 15.70 -8.36
N ALA G 72 -31.49 14.57 -8.54
CA ALA G 72 -31.05 13.73 -7.44
C ALA G 72 -29.53 13.63 -7.45
N ASP G 73 -28.91 13.92 -6.31
CA ASP G 73 -27.46 13.73 -6.14
C ASP G 73 -27.26 12.31 -5.63
N GLU G 74 -27.07 11.40 -6.57
CA GLU G 74 -27.03 9.98 -6.22
C GLU G 74 -25.91 9.67 -5.23
N PHE G 75 -24.81 10.42 -5.27
CA PHE G 75 -23.70 10.14 -4.37
C PHE G 75 -24.14 10.28 -2.91
N THR G 76 -24.93 11.30 -2.61
CA THR G 76 -25.45 11.51 -1.27
C THR G 76 -26.82 10.88 -1.07
N SER G 77 -27.37 10.21 -2.08
CA SER G 77 -28.68 9.57 -1.98
C SER G 77 -29.75 10.60 -1.59
N THR G 78 -29.72 11.75 -2.25
CA THR G 78 -30.62 12.85 -1.97
C THR G 78 -31.41 13.22 -3.22
N ALA G 79 -32.67 13.61 -3.01
CA ALA G 79 -33.54 14.08 -4.09
C ALA G 79 -34.06 15.45 -3.72
N TYR G 80 -33.98 16.39 -4.66
CA TYR G 80 -34.36 17.78 -4.43
C TYR G 80 -35.63 18.11 -5.19
N MET G 81 -36.17 19.30 -4.89
CA MET G 81 -37.36 19.83 -5.54
C MET G 81 -37.12 21.27 -5.93
N GLU G 82 -37.72 21.70 -7.04
CA GLU G 82 -37.63 23.06 -7.54
C GLU G 82 -38.99 23.54 -7.99
N LEU G 83 -40.03 23.24 -7.20
CA LEU G 83 -41.37 23.66 -7.55
C LEU G 83 -41.46 25.19 -7.55
N SER G 84 -42.14 25.73 -8.56
CA SER G 84 -42.25 27.17 -8.74
C SER G 84 -43.68 27.55 -9.06
N SER G 85 -43.99 28.82 -8.83
CA SER G 85 -45.32 29.37 -9.10
C SER G 85 -46.39 28.72 -8.22
N LEU G 86 -46.13 28.72 -6.91
CA LEU G 86 -47.10 28.19 -5.96
C LEU G 86 -48.37 29.03 -5.95
N ARG G 87 -49.49 28.39 -5.63
CA ARG G 87 -50.77 29.04 -5.56
C ARG G 87 -51.53 28.51 -4.35
N SER G 88 -52.75 29.03 -4.16
CA SER G 88 -53.57 28.60 -3.02
C SER G 88 -53.91 27.12 -3.14
N GLU G 89 -54.21 26.65 -4.35
CA GLU G 89 -54.56 25.25 -4.53
C GLU G 89 -53.41 24.31 -4.19
N ASP G 90 -52.18 24.83 -4.13
CA ASP G 90 -51.00 23.97 -3.93
C ASP G 90 -50.76 23.62 -2.47
N THR G 91 -51.53 24.18 -1.53
CA THR G 91 -51.34 23.87 -0.13
C THR G 91 -51.68 22.41 0.14
N ALA G 92 -50.67 21.59 0.40
CA ALA G 92 -50.87 20.16 0.61
C ALA G 92 -49.58 19.60 1.22
N VAL G 93 -49.49 18.28 1.30
CA VAL G 93 -48.36 17.59 1.90
C VAL G 93 -47.59 16.89 0.78
N TYR G 94 -46.26 17.00 0.83
CA TYR G 94 -45.38 16.37 -0.16
C TYR G 94 -44.61 15.24 0.52
N TYR G 95 -44.56 14.09 -0.14
CA TYR G 95 -43.91 12.90 0.39
C TYR G 95 -42.83 12.43 -0.57
N CYS G 96 -41.77 11.85 -0.01
CA CYS G 96 -40.68 11.28 -0.79
C CYS G 96 -40.82 9.76 -0.81
N ALA G 97 -40.70 9.16 -1.99
CA ALA G 97 -40.93 7.74 -2.18
C ALA G 97 -39.81 7.11 -2.99
N ARG G 98 -39.60 5.81 -2.75
CA ARG G 98 -38.64 5.02 -3.51
C ARG G 98 -39.32 3.75 -4.01
N GLY G 99 -38.80 3.22 -5.11
CA GLY G 99 -39.39 2.04 -5.72
C GLY G 99 -38.60 0.77 -5.52
N GLY G 100 -37.39 0.88 -4.95
CA GLY G 100 -36.55 -0.27 -4.77
C GLY G 100 -35.78 -0.70 -5.99
N SER G 101 -35.92 0.00 -7.12
CA SER G 101 -35.18 -0.33 -8.33
C SER G 101 -34.95 0.94 -9.11
N TYR G 102 -33.98 0.89 -10.02
CA TYR G 102 -33.59 2.08 -10.77
C TYR G 102 -34.76 2.68 -11.54
N TYR G 103 -35.77 1.88 -11.88
CA TYR G 103 -36.91 2.39 -12.63
C TYR G 103 -37.83 3.18 -11.70
N VAL G 104 -38.96 3.63 -12.24
CA VAL G 104 -39.90 4.46 -11.50
C VAL G 104 -41.14 3.65 -11.16
N ASP G 105 -40.96 2.35 -10.98
CA ASP G 105 -42.07 1.44 -10.72
C ASP G 105 -42.66 1.73 -9.35
N TYR G 106 -43.62 0.88 -8.93
CA TYR G 106 -44.35 1.09 -7.69
C TYR G 106 -43.41 1.43 -6.54
N PHE G 107 -43.95 2.16 -5.56
CA PHE G 107 -43.18 2.65 -4.42
C PHE G 107 -43.55 1.88 -3.17
N HIS G 108 -42.56 1.55 -2.35
CA HIS G 108 -42.81 0.86 -1.09
C HIS G 108 -42.01 1.42 0.08
N HIS G 109 -41.30 2.54 -0.11
CA HIS G 109 -40.61 3.24 0.96
C HIS G 109 -41.07 4.69 0.97
N TRP G 110 -41.44 5.19 2.15
CA TRP G 110 -41.94 6.55 2.28
C TRP G 110 -41.24 7.25 3.43
N GLY G 111 -41.10 8.57 3.32
CA GLY G 111 -40.57 9.39 4.38
C GLY G 111 -41.67 9.85 5.33
N GLN G 112 -41.27 10.73 6.26
CA GLN G 112 -42.22 11.29 7.20
C GLN G 112 -43.10 12.35 6.57
N GLY G 113 -42.73 12.86 5.40
CA GLY G 113 -43.52 13.85 4.70
C GLY G 113 -43.23 15.26 5.18
N THR G 114 -43.78 16.23 4.45
CA THR G 114 -43.61 17.63 4.77
C THR G 114 -44.88 18.39 4.43
N LEU G 115 -45.33 19.24 5.34
CA LEU G 115 -46.52 20.07 5.15
C LEU G 115 -46.07 21.47 4.75
N VAL G 116 -46.49 21.90 3.56
CA VAL G 116 -46.17 23.22 3.04
C VAL G 116 -47.47 23.95 2.75
N THR G 117 -47.58 25.18 3.27
CA THR G 117 -48.76 26.01 3.10
C THR G 117 -48.35 27.34 2.49
N VAL G 118 -49.28 27.95 1.78
CA VAL G 118 -49.04 29.21 1.06
C VAL G 118 -50.03 30.24 1.58
N SER G 119 -49.52 31.37 2.03
CA SER G 119 -50.35 32.46 2.53
C SER G 119 -49.45 33.65 2.81
N SER G 120 -50.08 34.81 3.04
CA SER G 120 -49.35 36.04 3.32
C SER G 120 -49.13 36.19 4.83
N GLU H 1 -49.61 7.15 -17.37
CA GLU H 1 -50.74 8.00 -16.91
C GLU H 1 -51.98 7.78 -17.77
N ILE H 2 -53.11 7.56 -17.12
CA ILE H 2 -54.38 7.38 -17.81
C ILE H 2 -55.50 7.55 -16.80
N VAL H 3 -56.61 8.14 -17.25
CA VAL H 3 -57.75 8.35 -16.36
C VAL H 3 -58.27 7.02 -15.86
N LEU H 4 -58.66 6.98 -14.59
CA LEU H 4 -59.22 5.80 -13.96
C LEU H 4 -60.62 6.10 -13.46
N THR H 5 -61.59 5.29 -13.86
CA THR H 5 -62.95 5.42 -13.35
C THR H 5 -63.04 4.84 -11.94
N GLN H 6 -64.00 5.35 -11.17
CA GLN H 6 -64.19 4.89 -9.80
C GLN H 6 -65.68 4.80 -9.49
N SER H 7 -66.08 3.70 -8.85
CA SER H 7 -67.45 3.50 -8.45
C SER H 7 -67.75 4.36 -7.21
N PRO H 8 -69.01 4.49 -6.82
CA PRO H 8 -69.33 5.30 -5.65
C PRO H 8 -68.57 4.81 -4.42
N GLY H 9 -68.06 5.76 -3.64
CA GLY H 9 -67.23 5.46 -2.50
C GLY H 9 -67.96 5.05 -1.24
N THR H 10 -69.29 5.00 -1.27
CA THR H 10 -70.08 4.63 -0.11
C THR H 10 -70.09 3.11 0.01
N LEU H 11 -69.19 2.57 0.84
CA LEU H 11 -69.08 1.14 1.10
C LEU H 11 -69.06 0.95 2.62
N SER H 12 -70.23 0.74 3.21
CA SER H 12 -70.35 0.57 4.65
C SER H 12 -70.41 -0.92 4.98
N LEU H 13 -69.60 -1.34 5.94
CA LEU H 13 -69.54 -2.74 6.32
C LEU H 13 -68.97 -2.86 7.72
N PHE H 14 -69.25 -4.00 8.36
CA PHE H 14 -68.71 -4.32 9.67
C PHE H 14 -67.46 -5.18 9.54
N SER H 15 -66.73 -5.27 10.64
CA SER H 15 -65.51 -6.05 10.68
C SER H 15 -65.82 -7.54 10.79
N GLY H 16 -64.83 -8.36 10.45
CA GLY H 16 -64.98 -9.80 10.56
C GLY H 16 -65.76 -10.45 9.43
N GLU H 17 -65.96 -9.74 8.32
CA GLU H 17 -66.71 -10.28 7.19
C GLU H 17 -66.05 -9.83 5.90
N ARG H 18 -66.37 -10.55 4.82
CA ARG H 18 -65.77 -10.28 3.53
C ARG H 18 -66.08 -8.85 3.08
N ALA H 19 -65.07 -8.18 2.56
CA ALA H 19 -65.20 -6.80 2.07
C ALA H 19 -64.56 -6.69 0.71
N THR H 20 -65.05 -5.73 -0.09
CA THR H 20 -64.57 -5.52 -1.44
C THR H 20 -64.36 -4.03 -1.69
N LEU H 21 -63.39 -3.71 -2.54
CA LEU H 21 -63.09 -2.34 -2.93
C LEU H 21 -63.01 -2.28 -4.45
N SER H 22 -63.61 -1.24 -5.03
CA SER H 22 -63.77 -1.12 -6.47
C SER H 22 -62.85 -0.05 -7.02
N CYS H 23 -62.09 -0.40 -8.06
CA CYS H 23 -61.25 0.55 -8.77
C CYS H 23 -61.11 0.07 -10.21
N ARG H 24 -61.64 0.85 -11.15
CA ARG H 24 -61.71 0.48 -12.55
C ARG H 24 -60.80 1.36 -13.38
N ALA H 25 -59.95 0.74 -14.20
CA ALA H 25 -59.09 1.47 -15.12
C ALA H 25 -59.84 1.72 -16.42
N SER H 26 -59.65 2.92 -16.99
CA SER H 26 -60.37 3.28 -18.20
C SER H 26 -60.04 2.33 -19.35
N GLN H 27 -58.76 2.00 -19.52
CA GLN H 27 -58.31 1.15 -20.61
C GLN H 27 -57.49 0.01 -20.07
N SER H 28 -57.35 -1.03 -20.89
CA SER H 28 -56.56 -2.19 -20.50
C SER H 28 -55.10 -1.79 -20.32
N VAL H 29 -54.50 -2.31 -19.25
CA VAL H 29 -53.10 -2.06 -18.92
C VAL H 29 -52.44 -3.37 -18.55
N SER H 30 -51.11 -3.37 -18.59
CA SER H 30 -50.36 -4.57 -18.26
C SER H 30 -50.68 -5.01 -16.84
N SER H 31 -50.79 -6.34 -16.65
CA SER H 31 -51.09 -6.86 -15.32
C SER H 31 -50.07 -6.42 -14.29
N SER H 32 -48.84 -6.15 -14.72
CA SER H 32 -47.77 -5.69 -13.84
C SER H 32 -47.76 -4.16 -13.68
N SER H 33 -48.90 -3.52 -13.93
CA SER H 33 -49.02 -2.07 -13.80
C SER H 33 -50.09 -1.70 -12.77
N LEU H 34 -50.07 -2.40 -11.63
CA LEU H 34 -51.06 -2.18 -10.59
C LEU H 34 -50.40 -2.33 -9.23
N ALA H 35 -51.01 -1.68 -8.23
CA ALA H 35 -50.56 -1.78 -6.85
C ALA H 35 -51.72 -1.35 -5.96
N TRP H 36 -51.50 -1.39 -4.64
CA TRP H 36 -52.50 -0.95 -3.69
C TRP H 36 -51.81 -0.40 -2.45
N TYR H 37 -52.30 0.74 -1.95
CA TYR H 37 -51.74 1.40 -0.80
C TYR H 37 -52.81 1.65 0.24
N GLN H 38 -52.44 1.55 1.51
CA GLN H 38 -53.34 1.79 2.64
C GLN H 38 -52.91 3.04 3.37
N GLN H 39 -53.85 3.96 3.56
CA GLN H 39 -53.59 5.22 4.27
C GLN H 39 -54.68 5.45 5.30
N LYS H 40 -54.28 5.81 6.51
CA LYS H 40 -55.19 6.23 7.56
C LYS H 40 -55.00 7.72 7.84
N HIS H 41 -56.07 8.36 8.28
CA HIS H 41 -56.04 9.81 8.45
C HIS H 41 -54.90 10.21 9.37
N GLY H 42 -54.12 11.20 8.93
CA GLY H 42 -53.02 11.72 9.71
C GLY H 42 -51.69 11.02 9.50
N GLN H 43 -51.65 9.95 8.71
CA GLN H 43 -50.42 9.21 8.48
C GLN H 43 -50.28 8.90 7.00
N GLY H 44 -49.04 8.67 6.57
CA GLY H 44 -48.74 8.42 5.18
C GLY H 44 -49.22 7.06 4.73
N PRO H 45 -49.27 6.84 3.41
CA PRO H 45 -49.75 5.54 2.90
C PRO H 45 -48.83 4.38 3.26
N ARG H 46 -49.26 3.17 2.93
CA ARG H 46 -48.48 1.97 3.18
C ARG H 46 -48.81 0.95 2.10
N LEU H 47 -47.78 0.18 1.71
CA LEU H 47 -47.94 -0.76 0.61
C LEU H 47 -48.88 -1.90 0.98
N ILE H 48 -49.65 -2.37 0.00
CA ILE H 48 -50.50 -3.54 0.16
C ILE H 48 -50.11 -4.58 -0.87
N MET H 49 -50.23 -4.24 -2.14
CA MET H 49 -50.08 -5.19 -3.24
C MET H 49 -49.23 -4.57 -4.34
N TYR H 50 -48.54 -5.44 -5.08
CA TYR H 50 -47.76 -5.01 -6.25
C TYR H 50 -47.92 -6.07 -7.33
N GLY H 51 -48.13 -5.63 -8.56
CA GLY H 51 -48.34 -6.54 -9.67
C GLY H 51 -49.75 -7.09 -9.77
N ALA H 52 -50.65 -6.70 -8.87
CA ALA H 52 -52.06 -7.11 -8.84
C ALA H 52 -52.24 -8.53 -8.32
N SER H 53 -51.16 -9.29 -8.12
CA SER H 53 -51.27 -10.66 -7.63
C SER H 53 -50.29 -10.99 -6.51
N SER H 54 -49.29 -10.16 -6.25
CA SER H 54 -48.27 -10.44 -5.25
C SER H 54 -48.50 -9.56 -4.03
N ARG H 55 -48.51 -10.18 -2.85
CA ARG H 55 -48.72 -9.47 -1.60
C ARG H 55 -47.39 -9.00 -1.05
N ALA H 56 -47.34 -7.74 -0.63
CA ALA H 56 -46.10 -7.17 -0.15
C ALA H 56 -45.63 -7.86 1.13
N THR H 57 -44.37 -7.64 1.47
CA THR H 57 -43.81 -8.21 2.68
C THR H 57 -44.53 -7.67 3.92
N GLY H 58 -44.63 -8.52 4.93
CA GLY H 58 -45.32 -8.13 6.16
C GLY H 58 -46.79 -7.87 5.98
N ILE H 59 -47.46 -8.65 5.14
CA ILE H 59 -48.89 -8.54 4.89
C ILE H 59 -49.53 -9.88 5.21
N PRO H 60 -50.57 -9.93 6.04
CA PRO H 60 -51.20 -11.23 6.35
C PRO H 60 -52.00 -11.77 5.18
N ASP H 61 -52.67 -12.90 5.38
CA ASP H 61 -53.48 -13.53 4.35
C ASP H 61 -54.89 -12.98 4.28
N ARG H 62 -55.13 -11.78 4.82
CA ARG H 62 -56.44 -11.17 4.82
C ARG H 62 -56.67 -10.27 3.61
N PHE H 63 -55.73 -10.20 2.68
CA PHE H 63 -55.84 -9.36 1.50
C PHE H 63 -55.69 -10.20 0.24
N SER H 64 -56.53 -9.92 -0.75
CA SER H 64 -56.49 -10.61 -2.03
C SER H 64 -56.98 -9.67 -3.12
N GLY H 65 -56.46 -9.86 -4.31
CA GLY H 65 -56.82 -9.01 -5.44
C GLY H 65 -56.64 -9.73 -6.75
N SER H 66 -57.46 -9.35 -7.73
CA SER H 66 -57.41 -9.95 -9.05
C SER H 66 -58.09 -9.01 -10.03
N GLY H 67 -57.85 -9.25 -11.32
CA GLY H 67 -58.43 -8.46 -12.38
C GLY H 67 -57.46 -8.27 -13.53
N PHE H 68 -58.00 -8.11 -14.73
CA PHE H 68 -57.20 -7.91 -15.93
C PHE H 68 -57.92 -6.96 -16.87
N GLY H 69 -57.18 -5.96 -17.35
CA GLY H 69 -57.69 -5.03 -18.34
C GLY H 69 -58.50 -3.88 -17.75
N THR H 70 -59.75 -4.15 -17.40
CA THR H 70 -60.63 -3.11 -16.87
C THR H 70 -61.44 -3.54 -15.65
N ASP H 71 -61.51 -4.83 -15.33
CA ASP H 71 -62.32 -5.33 -14.22
C ASP H 71 -61.52 -5.44 -12.92
N PHE H 72 -60.52 -4.59 -12.74
CA PHE H 72 -59.69 -4.65 -11.54
C PHE H 72 -60.54 -4.48 -10.29
N THR H 73 -60.34 -5.37 -9.33
CA THR H 73 -61.08 -5.34 -8.08
C THR H 73 -60.31 -6.15 -7.05
N ILE H 74 -60.57 -5.87 -5.77
CA ILE H 74 -59.93 -6.55 -4.66
C ILE H 74 -60.98 -6.93 -3.64
N THR H 75 -60.62 -7.86 -2.75
CA THR H 75 -61.49 -8.32 -1.70
C THR H 75 -60.68 -8.52 -0.42
N ILE H 76 -61.39 -8.49 0.71
CA ILE H 76 -60.79 -8.68 2.02
C ILE H 76 -61.35 -9.96 2.61
N SER H 77 -60.47 -10.88 3.00
CA SER H 77 -60.93 -12.15 3.56
C SER H 77 -61.68 -11.94 4.86
N ARG H 78 -61.08 -11.19 5.79
CA ARG H 78 -61.69 -10.93 7.09
C ARG H 78 -61.32 -9.51 7.50
N LEU H 79 -62.31 -8.61 7.49
CA LEU H 79 -62.05 -7.22 7.86
C LEU H 79 -61.74 -7.12 9.35
N GLU H 80 -60.82 -6.22 9.69
CA GLU H 80 -60.43 -5.95 11.07
C GLU H 80 -60.45 -4.45 11.31
N PRO H 81 -60.70 -4.03 12.56
CA PRO H 81 -60.77 -2.57 12.82
C PRO H 81 -59.50 -1.84 12.44
N GLU H 82 -58.33 -2.43 12.70
CA GLU H 82 -57.08 -1.78 12.34
C GLU H 82 -56.91 -1.75 10.82
N ASP H 83 -57.30 -2.83 10.14
CA ASP H 83 -57.16 -2.88 8.69
C ASP H 83 -58.11 -1.93 7.98
N PHE H 84 -59.11 -1.40 8.68
CA PHE H 84 -60.01 -0.43 8.07
C PHE H 84 -59.27 0.88 7.79
N ALA H 85 -59.38 1.36 6.57
CA ALA H 85 -58.70 2.59 6.16
C ALA H 85 -59.21 2.95 4.76
N VAL H 86 -58.63 3.99 4.17
CA VAL H 86 -58.92 4.40 2.79
C VAL H 86 -57.84 3.85 1.89
N TYR H 87 -58.24 3.23 0.79
CA TYR H 87 -57.35 2.49 -0.09
C TYR H 87 -57.24 3.19 -1.43
N TYR H 88 -56.03 3.30 -1.95
CA TYR H 88 -55.75 3.93 -3.23
C TYR H 88 -55.11 2.93 -4.18
N CYS H 89 -55.58 2.94 -5.43
CA CYS H 89 -55.07 2.06 -6.48
C CYS H 89 -54.13 2.84 -7.38
N GLN H 90 -53.00 2.24 -7.72
CA GLN H 90 -51.98 2.87 -8.55
C GLN H 90 -51.94 2.20 -9.91
N GLN H 91 -51.75 3.02 -10.95
CA GLN H 91 -51.55 2.54 -12.31
C GLN H 91 -50.29 3.17 -12.87
N TYR H 92 -49.41 2.35 -13.42
CA TYR H 92 -48.13 2.80 -13.97
C TYR H 92 -47.83 2.00 -15.24
N GLY H 93 -48.22 2.55 -16.39
CA GLY H 93 -47.94 1.90 -17.65
C GLY H 93 -46.46 1.81 -17.93
N SER H 94 -45.82 2.96 -18.13
CA SER H 94 -44.37 3.00 -18.31
C SER H 94 -43.87 4.43 -18.10
N SER H 95 -42.89 4.59 -17.21
CA SER H 95 -42.32 5.91 -16.94
C SER H 95 -43.41 6.90 -16.56
N SER H 96 -44.37 6.44 -15.77
CA SER H 96 -45.49 7.28 -15.36
C SER H 96 -46.16 6.65 -14.15
N GLY H 97 -47.18 7.33 -13.62
CA GLY H 97 -47.94 6.82 -12.49
C GLY H 97 -49.20 7.62 -12.30
N THR H 98 -50.14 7.00 -11.59
CA THR H 98 -51.42 7.65 -11.31
C THR H 98 -52.05 7.01 -10.09
N PHE H 99 -52.97 7.73 -9.47
CA PHE H 99 -53.69 7.27 -8.29
C PHE H 99 -55.19 7.50 -8.50
N GLY H 100 -55.98 7.01 -7.54
CA GLY H 100 -57.42 7.15 -7.58
C GLY H 100 -57.94 8.23 -6.65
N GLN H 101 -59.25 8.48 -6.76
CA GLN H 101 -59.88 9.50 -5.94
C GLN H 101 -59.83 9.12 -4.46
N GLY H 102 -60.12 7.86 -4.14
CA GLY H 102 -60.14 7.41 -2.77
C GLY H 102 -61.52 6.98 -2.32
N THR H 103 -61.66 5.70 -1.98
CA THR H 103 -62.95 5.18 -1.56
C THR H 103 -63.34 5.73 -0.19
N LYS H 104 -64.63 5.99 -0.02
CA LYS H 104 -65.17 6.46 1.26
C LYS H 104 -65.66 5.28 2.10
N LEU H 105 -64.70 4.44 2.49
CA LEU H 105 -65.00 3.30 3.33
C LEU H 105 -65.47 3.78 4.71
N GLU H 106 -66.44 3.08 5.28
CA GLU H 106 -67.10 3.55 6.48
C GLU H 106 -67.54 2.37 7.33
N MET H 107 -67.74 2.63 8.62
CA MET H 107 -68.33 1.68 9.55
C MET H 107 -69.72 2.16 9.92
N LYS H 108 -70.70 1.27 9.83
CA LYS H 108 -72.08 1.63 10.15
C LYS H 108 -72.20 2.13 11.59
N ASP I 1 -30.53 -42.60 -22.80
CA ASP I 1 -29.48 -42.20 -21.83
C ASP I 1 -29.50 -40.68 -21.62
N THR I 2 -28.70 -40.23 -20.66
CA THR I 2 -28.61 -38.80 -20.37
C THR I 2 -27.38 -38.55 -19.51
N ILE I 3 -26.69 -37.45 -19.78
CA ILE I 3 -25.51 -37.06 -19.02
C ILE I 3 -25.64 -35.58 -18.66
N CYS I 4 -25.29 -35.24 -17.41
CA CYS I 4 -25.42 -33.89 -16.91
C CYS I 4 -24.11 -33.45 -16.26
N ILE I 5 -23.93 -32.13 -16.19
CA ILE I 5 -22.75 -31.52 -15.60
C ILE I 5 -23.18 -30.65 -14.43
N GLY I 6 -22.43 -30.71 -13.34
CA GLY I 6 -22.73 -29.92 -12.17
C GLY I 6 -21.49 -29.73 -11.32
N TYR I 7 -21.66 -29.05 -10.20
CA TYR I 7 -20.57 -28.77 -9.28
C TYR I 7 -21.01 -29.01 -7.85
N HIS I 8 -20.04 -29.26 -6.99
CA HIS I 8 -20.31 -29.63 -5.61
C HIS I 8 -20.95 -28.48 -4.85
N ALA I 9 -21.82 -28.84 -3.90
CA ALA I 9 -22.47 -27.85 -3.04
C ALA I 9 -22.86 -28.55 -1.74
N ASN I 10 -22.08 -28.35 -0.69
CA ASN I 10 -22.35 -28.95 0.61
C ASN I 10 -23.25 -28.01 1.42
N ASN I 11 -23.43 -28.33 2.70
CA ASN I 11 -24.29 -27.56 3.59
C ASN I 11 -23.49 -26.71 4.57
N SER I 12 -22.36 -26.15 4.10
CA SER I 12 -21.57 -25.26 4.92
C SER I 12 -22.24 -23.90 5.03
N THR I 13 -21.78 -23.11 6.00
CA THR I 13 -22.34 -21.79 6.28
C THR I 13 -21.22 -20.78 6.46
N ASP I 14 -20.24 -20.80 5.56
CA ASP I 14 -19.13 -19.86 5.58
C ASP I 14 -19.50 -18.63 4.75
N THR I 15 -19.44 -17.46 5.36
CA THR I 15 -19.80 -16.21 4.70
C THR I 15 -18.55 -15.43 4.36
N VAL I 16 -18.46 -14.98 3.10
CA VAL I 16 -17.32 -14.23 2.61
C VAL I 16 -17.82 -13.01 1.85
N ASP I 17 -16.96 -12.01 1.73
CA ASP I 17 -17.27 -10.77 1.03
C ASP I 17 -16.31 -10.60 -0.14
N THR I 18 -16.83 -10.01 -1.22
CA THR I 18 -16.03 -9.74 -2.42
C THR I 18 -16.20 -8.28 -2.83
N VAL I 19 -15.74 -7.94 -4.04
CA VAL I 19 -15.68 -6.54 -4.44
C VAL I 19 -17.07 -5.90 -4.40
N CYS I 20 -18.08 -6.60 -4.93
CA CYS I 20 -19.41 -6.01 -4.99
C CYS I 20 -20.51 -6.98 -4.61
N GLU I 21 -20.23 -7.97 -3.76
CA GLU I 21 -21.25 -8.83 -3.20
C GLU I 21 -20.93 -9.06 -1.73
N LYS I 22 -21.97 -9.13 -0.90
CA LYS I 22 -21.82 -9.31 0.54
C LYS I 22 -22.66 -10.49 1.00
N ASN I 23 -22.14 -11.24 1.96
CA ASN I 23 -22.84 -12.38 2.55
C ASN I 23 -23.21 -13.40 1.47
N VAL I 24 -22.18 -13.96 0.84
CA VAL I 24 -22.34 -15.03 -0.13
C VAL I 24 -21.79 -16.31 0.48
N THR I 25 -22.61 -17.35 0.52
CA THR I 25 -22.20 -18.61 1.12
C THR I 25 -21.27 -19.36 0.17
N VAL I 26 -20.26 -20.01 0.74
CA VAL I 26 -19.27 -20.75 -0.03
C VAL I 26 -19.12 -22.14 0.58
N THR I 27 -18.74 -23.10 -0.26
CA THR I 27 -18.61 -24.48 0.21
C THR I 27 -17.47 -24.62 1.21
N HIS I 28 -16.30 -24.12 0.87
CA HIS I 28 -15.12 -24.22 1.73
C HIS I 28 -14.38 -22.89 1.74
N SER I 29 -13.68 -22.64 2.84
CA SER I 29 -12.92 -21.40 2.99
C SER I 29 -11.83 -21.62 4.03
N VAL I 30 -10.86 -20.72 4.03
CA VAL I 30 -9.73 -20.75 4.95
C VAL I 30 -9.70 -19.42 5.69
N ASN I 31 -9.60 -19.49 7.02
CA ASN I 31 -9.60 -18.30 7.86
C ASN I 31 -8.16 -17.86 8.11
N LEU I 32 -7.88 -16.59 7.83
CA LEU I 32 -6.54 -16.03 7.98
C LEU I 32 -6.39 -15.14 9.21
N LEU I 33 -7.49 -14.71 9.82
CA LEU I 33 -7.46 -13.82 10.97
C LEU I 33 -7.78 -14.60 12.23
N GLU I 34 -6.97 -14.42 13.26
CA GLU I 34 -7.15 -15.08 14.54
C GLU I 34 -7.47 -14.04 15.61
N ASP I 35 -8.57 -14.25 16.34
CA ASP I 35 -9.01 -13.34 17.37
C ASP I 35 -9.18 -14.04 18.72
N SER I 36 -8.50 -15.17 18.93
CA SER I 36 -8.60 -15.94 20.15
C SER I 36 -7.28 -15.88 20.89
N HIS I 37 -7.34 -15.50 22.17
CA HIS I 37 -6.17 -15.43 23.03
C HIS I 37 -6.46 -16.14 24.34
N ASN I 38 -5.43 -16.79 24.90
CA ASN I 38 -5.61 -17.55 26.12
C ASN I 38 -6.04 -16.66 27.29
N GLY I 39 -5.80 -15.36 27.22
CA GLY I 39 -6.14 -14.49 28.33
C GLY I 39 -5.38 -14.82 29.58
N LYS I 40 -4.12 -15.25 29.44
CA LYS I 40 -3.34 -15.68 30.60
C LYS I 40 -1.86 -15.49 30.26
N LEU I 41 -1.27 -14.42 30.77
CA LEU I 41 0.17 -14.21 30.61
C LEU I 41 0.94 -15.38 31.22
N CYS I 42 1.96 -15.83 30.51
CA CYS I 42 2.75 -16.96 30.98
C CYS I 42 4.06 -17.01 30.19
N LEU I 43 4.87 -18.02 30.51
CA LEU I 43 6.23 -18.09 29.97
C LEU I 43 6.22 -18.22 28.45
N LEU I 44 7.27 -17.70 27.82
CA LEU I 44 7.41 -17.71 26.37
C LEU I 44 8.75 -18.32 25.98
N LYS I 45 8.70 -19.26 25.04
CA LYS I 45 9.90 -19.82 24.41
C LYS I 45 10.85 -20.42 25.45
N GLY I 46 10.29 -21.02 26.50
CA GLY I 46 11.07 -21.77 27.46
C GLY I 46 11.78 -20.94 28.52
N ILE I 47 11.67 -19.62 28.48
CA ILE I 47 12.31 -18.74 29.46
C ILE I 47 11.23 -17.90 30.12
N ALA I 48 11.16 -17.95 31.44
CA ALA I 48 10.15 -17.20 32.17
C ALA I 48 10.46 -15.70 32.11
N PRO I 49 9.43 -14.86 32.16
CA PRO I 49 9.67 -13.41 32.18
C PRO I 49 9.93 -12.87 33.57
N LEU I 50 10.11 -11.56 33.68
CA LEU I 50 10.37 -10.90 34.96
C LEU I 50 9.09 -10.17 35.38
N GLN I 51 8.41 -10.72 36.38
CA GLN I 51 7.19 -10.11 36.91
C GLN I 51 7.61 -9.04 37.92
N LEU I 52 7.75 -7.81 37.43
CA LEU I 52 8.16 -6.72 38.31
C LEU I 52 7.16 -6.51 39.43
N GLY I 53 5.88 -6.52 39.11
CA GLY I 53 4.85 -6.38 40.12
C GLY I 53 4.58 -4.94 40.49
N ASN I 54 4.76 -4.61 41.77
CA ASN I 54 4.47 -3.29 42.29
C ASN I 54 5.60 -2.29 42.10
N CYS I 55 6.73 -2.72 41.57
CA CYS I 55 7.89 -1.86 41.37
C CYS I 55 8.07 -1.60 39.88
N SER I 56 8.20 -0.32 39.51
CA SER I 56 8.44 0.06 38.13
C SER I 56 9.91 -0.19 37.78
N VAL I 57 10.29 0.18 36.56
CA VAL I 57 11.68 0.04 36.14
C VAL I 57 12.58 0.90 37.02
N ALA I 58 12.15 2.13 37.31
CA ALA I 58 12.96 3.02 38.14
C ALA I 58 13.19 2.43 39.52
N GLY I 59 12.14 1.89 40.14
CA GLY I 59 12.32 1.24 41.43
C GLY I 59 13.18 0.00 41.34
N TRP I 60 13.02 -0.77 40.27
CA TRP I 60 13.81 -1.99 40.10
C TRP I 60 15.29 -1.67 39.98
N ILE I 61 15.65 -0.76 39.07
CA ILE I 61 17.05 -0.48 38.81
C ILE I 61 17.72 0.12 40.05
N LEU I 62 17.07 1.10 40.67
CA LEU I 62 17.64 1.74 41.85
C LEU I 62 17.66 0.83 43.06
N GLY I 63 16.98 -0.31 43.02
CA GLY I 63 16.93 -1.19 44.16
C GLY I 63 16.05 -0.66 45.27
N ASN I 64 14.76 -0.56 45.02
CA ASN I 64 13.84 -0.03 46.02
C ASN I 64 13.86 -0.93 47.25
N PRO I 65 13.67 -0.38 48.45
CA PRO I 65 13.66 -1.23 49.65
C PRO I 65 12.64 -2.34 49.57
N GLU I 66 11.47 -2.06 49.00
CA GLU I 66 10.49 -3.11 48.75
C GLU I 66 10.90 -3.91 47.53
N CYS I 67 10.07 -4.89 47.16
CA CYS I 67 10.30 -5.73 45.99
C CYS I 67 11.75 -6.17 45.91
N GLU I 68 12.25 -6.71 47.03
CA GLU I 68 13.60 -7.24 47.06
C GLU I 68 13.75 -8.50 46.23
N LEU I 69 12.65 -9.21 45.97
CA LEU I 69 12.74 -10.46 45.22
C LEU I 69 13.29 -10.23 43.82
N LEU I 70 13.10 -9.04 43.26
CA LEU I 70 13.58 -8.77 41.91
C LEU I 70 15.10 -8.87 41.81
N ILE I 71 15.82 -8.70 42.92
CA ILE I 71 17.28 -8.75 42.87
C ILE I 71 17.75 -10.14 42.47
N SER I 72 17.13 -11.19 43.01
CA SER I 72 17.62 -12.54 42.79
C SER I 72 17.59 -12.91 41.31
N LYS I 73 16.50 -12.60 40.62
CA LYS I 73 16.35 -13.01 39.23
C LYS I 73 17.19 -12.10 38.33
N GLU I 74 17.93 -12.71 37.41
CA GLU I 74 18.80 -11.95 36.51
C GLU I 74 18.73 -12.43 35.07
N SER I 75 17.83 -13.34 34.73
CA SER I 75 17.64 -13.82 33.37
C SER I 75 16.16 -13.82 33.05
N TRP I 76 15.81 -13.31 31.87
CA TRP I 76 14.40 -13.18 31.50
C TRP I 76 14.30 -13.05 29.99
N SER I 77 13.07 -13.16 29.49
CA SER I 77 12.77 -12.95 28.08
C SER I 77 12.14 -11.59 27.81
N TYR I 78 11.27 -11.13 28.70
CA TYR I 78 10.64 -9.82 28.55
C TYR I 78 10.24 -9.31 29.92
N ILE I 79 9.98 -8.01 30.00
CA ILE I 79 9.65 -7.33 31.24
C ILE I 79 8.17 -6.94 31.20
N VAL I 80 7.46 -7.23 32.29
CA VAL I 80 6.04 -6.91 32.42
C VAL I 80 5.86 -6.01 33.63
N GLU I 81 5.03 -4.97 33.47
CA GLU I 81 4.83 -3.96 34.49
C GLU I 81 3.36 -3.83 34.84
N THR I 82 3.10 -3.53 36.10
CA THR I 82 1.76 -3.15 36.51
C THR I 82 1.38 -1.83 35.84
N PRO I 83 0.12 -1.65 35.43
CA PRO I 83 -0.23 -0.39 34.75
C PRO I 83 0.08 0.85 35.57
N ASN I 84 -0.10 0.80 36.89
CA ASN I 84 0.15 1.94 37.77
C ASN I 84 1.03 1.48 38.92
N PRO I 85 2.34 1.36 38.69
CA PRO I 85 3.23 0.92 39.78
C PRO I 85 3.21 1.92 40.93
N GLU I 86 3.29 1.38 42.15
CA GLU I 86 3.16 2.18 43.37
C GLU I 86 4.44 2.21 44.19
N ASN I 87 5.53 1.65 43.69
CA ASN I 87 6.80 1.59 44.43
C ASN I 87 7.96 1.99 43.52
N GLY I 88 7.80 3.11 42.83
CA GLY I 88 8.87 3.63 42.01
C GLY I 88 9.94 4.29 42.85
N THR I 89 10.50 5.40 42.38
CA THR I 89 11.52 6.10 43.13
C THR I 89 10.99 6.47 44.51
N CYS I 90 11.51 5.81 45.55
CA CYS I 90 10.96 6.03 46.89
C CYS I 90 11.28 7.43 47.40
N TYR I 91 12.53 7.85 47.28
CA TYR I 91 12.89 9.21 47.65
C TYR I 91 12.55 10.16 46.51
N PRO I 92 11.80 11.22 46.75
CA PRO I 92 11.36 12.09 45.65
C PRO I 92 12.55 12.69 44.92
N GLY I 93 12.42 12.81 43.60
CA GLY I 93 13.48 13.37 42.79
C GLY I 93 13.16 13.25 41.33
N TYR I 94 14.10 13.72 40.52
CA TYR I 94 13.99 13.69 39.06
C TYR I 94 15.02 12.70 38.52
N PHE I 95 14.53 11.69 37.79
CA PHE I 95 15.39 10.64 37.24
C PHE I 95 15.78 11.06 35.83
N ALA I 96 17.04 11.48 35.67
CA ALA I 96 17.50 12.02 34.39
C ALA I 96 17.45 10.94 33.31
N ASP I 97 16.92 11.31 32.15
CA ASP I 97 16.85 10.41 30.99
C ASP I 97 16.20 9.08 31.36
N TYR I 98 15.14 9.15 32.17
CA TYR I 98 14.45 7.93 32.58
C TYR I 98 13.85 7.22 31.39
N GLU I 99 13.21 7.97 30.48
CA GLU I 99 12.63 7.35 29.30
C GLU I 99 13.70 6.73 28.41
N GLU I 100 14.82 7.42 28.23
CA GLU I 100 15.89 6.90 27.39
C GLU I 100 16.54 5.66 28.00
N LEU I 101 16.50 5.52 29.32
CA LEU I 101 17.03 4.31 29.95
C LEU I 101 16.21 3.09 29.58
N ARG I 102 14.89 3.25 29.50
CA ARG I 102 14.02 2.11 29.19
C ARG I 102 14.39 1.52 27.84
N GLU I 103 14.64 2.36 26.84
CA GLU I 103 15.04 1.84 25.53
C GLU I 103 16.35 1.09 25.62
N GLN I 104 17.32 1.61 26.35
CA GLN I 104 18.57 0.89 26.57
C GLN I 104 18.31 -0.40 27.33
N LEU I 105 17.47 -0.36 28.35
CA LEU I 105 17.18 -1.54 29.16
C LEU I 105 16.17 -2.47 28.50
N SER I 106 15.46 -2.01 27.48
CA SER I 106 14.46 -2.85 26.83
C SER I 106 15.10 -4.03 26.13
N SER I 107 16.23 -3.82 25.46
CA SER I 107 16.84 -4.86 24.65
C SER I 107 17.71 -5.81 25.45
N VAL I 108 17.95 -5.55 26.74
CA VAL I 108 18.82 -6.41 27.52
C VAL I 108 18.14 -7.76 27.75
N SER I 109 18.96 -8.77 27.98
CA SER I 109 18.49 -10.13 28.24
C SER I 109 18.83 -10.64 29.62
N SER I 110 19.97 -10.26 30.18
CA SER I 110 20.36 -10.71 31.51
C SER I 110 21.39 -9.75 32.08
N PHE I 111 21.53 -9.79 33.41
CA PHE I 111 22.48 -8.95 34.12
C PHE I 111 23.56 -9.81 34.77
N GLU I 112 24.62 -9.14 35.22
CA GLU I 112 25.62 -9.72 36.10
C GLU I 112 25.84 -8.72 37.22
N ARG I 113 24.94 -8.73 38.20
CA ARG I 113 24.98 -7.75 39.28
C ARG I 113 26.17 -8.03 40.19
N PHE I 114 26.83 -6.97 40.64
CA PHE I 114 28.00 -7.10 41.48
C PHE I 114 28.17 -5.82 42.30
N GLU I 115 29.00 -5.92 43.34
CA GLU I 115 29.23 -4.81 44.26
C GLU I 115 30.43 -4.02 43.77
N ILE I 116 30.16 -2.91 43.08
CA ILE I 116 31.24 -2.12 42.48
C ILE I 116 32.11 -1.50 43.58
N PHE I 117 31.49 -0.94 44.61
CA PHE I 117 32.21 -0.34 45.74
C PHE I 117 31.82 -1.06 47.02
N PRO I 118 32.64 -1.99 47.51
CA PRO I 118 32.31 -2.66 48.78
C PRO I 118 32.16 -1.64 49.90
N LYS I 119 31.11 -1.83 50.71
CA LYS I 119 30.83 -0.89 51.80
C LYS I 119 31.94 -0.90 52.84
N GLU I 120 32.49 -2.08 53.14
CA GLU I 120 33.46 -2.19 54.24
C GLU I 120 34.72 -1.38 53.95
N SER I 121 35.23 -1.44 52.72
CA SER I 121 36.52 -0.84 52.40
C SER I 121 36.41 0.45 51.58
N SER I 122 35.32 0.66 50.86
CA SER I 122 35.24 1.83 49.98
C SER I 122 35.28 3.14 50.76
N TRP I 123 34.55 3.20 51.88
CA TRP I 123 34.35 4.45 52.60
C TRP I 123 34.68 4.25 54.07
N PRO I 124 35.96 4.17 54.42
CA PRO I 124 36.34 4.05 55.83
C PRO I 124 36.30 5.36 56.60
N ASN I 125 36.13 6.49 55.93
CA ASN I 125 36.14 7.80 56.57
C ASN I 125 34.80 8.52 56.49
N HIS I 126 33.75 7.85 56.02
CA HIS I 126 32.44 8.45 55.88
C HIS I 126 31.39 7.55 56.51
N THR I 127 30.43 8.17 57.22
CA THR I 127 29.28 7.41 57.70
C THR I 127 28.49 6.89 56.52
N VAL I 128 28.09 5.62 56.59
CA VAL I 128 27.47 4.93 55.46
C VAL I 128 26.05 4.46 55.78
N THR I 129 25.57 4.67 57.00
CA THR I 129 24.23 4.24 57.37
C THR I 129 23.21 5.21 56.77
N GLY I 130 22.50 4.76 55.75
CA GLY I 130 21.49 5.58 55.11
C GLY I 130 20.13 5.44 55.77
N VAL I 131 19.58 6.55 56.26
CA VAL I 131 18.32 6.56 57.00
C VAL I 131 17.35 7.49 56.28
N SER I 132 16.13 7.00 56.05
CA SER I 132 15.09 7.81 55.41
C SER I 132 13.74 7.19 55.74
N ALA I 133 12.80 8.04 56.16
CA ALA I 133 11.46 7.55 56.52
C ALA I 133 10.65 7.19 55.28
N SER I 134 10.77 8.00 54.22
CA SER I 134 9.95 7.78 53.03
C SER I 134 10.24 6.43 52.39
N CYS I 135 11.48 5.96 52.49
CA CYS I 135 11.90 4.68 51.91
C CYS I 135 11.92 3.57 52.94
N SER I 136 10.99 3.61 53.89
CA SER I 136 10.98 2.64 54.98
C SER I 136 10.73 1.22 54.46
N HIS I 137 11.36 0.25 55.11
CA HIS I 137 11.19 -1.16 54.80
C HIS I 137 10.89 -1.92 56.08
N ASN I 138 9.90 -2.81 56.01
CA ASN I 138 9.48 -3.57 57.18
C ASN I 138 9.13 -2.64 58.35
N GLY I 139 8.51 -1.52 58.03
CA GLY I 139 8.14 -0.56 59.06
C GLY I 139 9.32 -0.01 59.81
N LYS I 140 10.42 0.25 59.11
CA LYS I 140 11.62 0.81 59.73
C LYS I 140 12.41 1.58 58.69
N SER I 141 13.35 2.40 59.17
CA SER I 141 14.18 3.19 58.29
C SER I 141 15.00 2.29 57.37
N SER I 142 15.15 2.72 56.12
CA SER I 142 15.93 1.99 55.14
C SER I 142 16.21 2.92 53.96
N PHE I 143 16.79 2.38 52.90
CA PHE I 143 17.18 3.16 51.74
C PHE I 143 17.37 2.19 50.57
N TYR I 144 17.66 2.74 49.39
CA TYR I 144 17.87 1.94 48.21
C TYR I 144 18.89 0.83 48.49
N ARG I 145 18.77 -0.26 47.72
CA ARG I 145 19.68 -1.39 47.86
C ARG I 145 20.91 -1.27 46.99
N ASN I 146 20.83 -0.53 45.87
CA ASN I 146 21.95 -0.39 44.97
C ASN I 146 22.76 0.89 45.19
N LEU I 147 22.19 1.89 45.83
CA LEU I 147 22.87 3.16 46.06
C LEU I 147 23.40 3.21 47.48
N LEU I 148 24.02 4.34 47.83
CA LEU I 148 24.67 4.51 49.12
C LEU I 148 24.66 5.99 49.49
N TRP I 149 24.28 6.29 50.72
CA TRP I 149 24.16 7.67 51.20
C TRP I 149 25.37 7.98 52.08
N LEU I 150 26.23 8.87 51.59
CA LEU I 150 27.44 9.25 52.30
C LEU I 150 27.16 10.40 53.27
N THR I 151 27.89 10.39 54.38
CA THR I 151 27.78 11.45 55.37
C THR I 151 29.08 11.52 56.15
N GLY I 152 29.40 12.72 56.64
CA GLY I 152 30.65 12.96 57.33
C GLY I 152 30.55 12.64 58.80
N LYS I 153 31.45 11.79 59.28
CA LYS I 153 31.54 11.46 60.70
C LYS I 153 32.50 12.40 61.40
N ASN I 154 32.25 12.61 62.70
CA ASN I 154 33.10 13.45 63.54
C ASN I 154 33.19 14.89 63.04
N GLY I 155 32.20 15.32 62.25
CA GLY I 155 32.18 16.68 61.74
C GLY I 155 33.06 16.94 60.53
N LEU I 156 33.69 15.91 59.98
CA LEU I 156 34.55 16.04 58.82
C LEU I 156 33.98 15.28 57.65
N TYR I 157 34.07 15.87 56.45
CA TYR I 157 33.67 15.23 55.21
C TYR I 157 34.81 15.36 54.21
N PRO I 158 35.90 14.62 54.42
CA PRO I 158 37.04 14.74 53.52
C PRO I 158 36.67 14.39 52.08
N ASN I 159 37.32 15.06 51.14
CA ASN I 159 37.01 14.83 49.73
C ASN I 159 37.23 13.37 49.39
N LEU I 160 36.25 12.79 48.70
CA LEU I 160 36.33 11.39 48.26
C LEU I 160 36.60 11.36 46.77
N SER I 161 37.65 10.64 46.37
CA SER I 161 38.08 10.55 44.98
C SER I 161 38.32 9.08 44.67
N LYS I 162 37.28 8.39 44.19
CA LYS I 162 37.36 6.99 43.86
C LYS I 162 37.02 6.79 42.38
N SER I 163 37.72 5.86 41.74
CA SER I 163 37.53 5.54 40.34
C SER I 163 37.42 4.04 40.16
N TYR I 164 36.66 3.63 39.16
CA TYR I 164 36.44 2.22 38.84
C TYR I 164 36.89 1.94 37.42
N VAL I 165 37.54 0.80 37.23
CA VAL I 165 38.02 0.35 35.93
C VAL I 165 37.24 -0.89 35.55
N ASN I 166 36.67 -0.89 34.34
CA ASN I 166 35.83 -1.98 33.88
C ASN I 166 36.71 -3.09 33.32
N ASN I 167 37.02 -4.07 34.16
CA ASN I 167 37.82 -5.23 33.76
C ASN I 167 36.91 -6.35 33.26
N LYS I 168 36.05 -6.03 32.31
CA LYS I 168 35.12 -6.99 31.74
C LYS I 168 34.96 -6.71 30.25
N GLU I 169 34.36 -7.67 29.55
CA GLU I 169 34.07 -7.53 28.12
C GLU I 169 32.63 -7.12 27.86
N LYS I 170 31.89 -6.74 28.90
CA LYS I 170 30.49 -6.37 28.79
C LYS I 170 30.26 -5.00 29.40
N GLU I 171 29.40 -4.22 28.77
CA GLU I 171 29.10 -2.88 29.26
C GLU I 171 28.49 -2.95 30.65
N VAL I 172 28.83 -1.98 31.49
CA VAL I 172 28.39 -1.93 32.88
C VAL I 172 27.63 -0.65 33.11
N LEU I 173 26.44 -0.77 33.72
CA LEU I 173 25.59 0.37 34.03
C LEU I 173 25.92 0.89 35.43
N VAL I 174 26.13 2.20 35.55
CA VAL I 174 26.52 2.83 36.81
C VAL I 174 25.45 3.85 37.18
N LEU I 175 25.12 3.91 38.47
CA LEU I 175 24.10 4.80 38.99
C LEU I 175 24.67 5.63 40.13
N TRP I 176 24.34 6.92 40.14
CA TRP I 176 24.74 7.80 41.23
C TRP I 176 23.70 8.90 41.37
N GLY I 177 23.62 9.46 42.57
CA GLY I 177 22.64 10.49 42.86
C GLY I 177 23.27 11.66 43.58
N VAL I 178 22.61 12.82 43.46
CA VAL I 178 23.05 14.06 44.07
C VAL I 178 21.96 14.52 45.03
N HIS I 179 22.36 14.87 46.25
CA HIS I 179 21.41 15.30 47.26
C HIS I 179 21.12 16.78 47.11
N HIS I 180 19.86 17.16 47.38
CA HIS I 180 19.41 18.55 47.32
C HIS I 180 18.69 18.87 48.62
N PRO I 181 19.45 19.15 49.69
CA PRO I 181 18.82 19.39 50.98
C PRO I 181 17.91 20.60 50.91
N PRO I 182 16.85 20.63 51.72
CA PRO I 182 15.87 21.72 51.62
C PRO I 182 16.41 23.06 52.08
N ASN I 183 17.08 23.08 53.24
CA ASN I 183 17.56 24.33 53.84
C ASN I 183 19.02 24.19 54.22
N ILE I 184 19.60 25.30 54.69
CA ILE I 184 21.00 25.31 55.08
C ILE I 184 21.22 24.40 56.27
N GLY I 185 20.25 24.33 57.18
CA GLY I 185 20.44 23.55 58.39
C GLY I 185 20.77 22.10 58.10
N ASN I 186 20.02 21.47 57.20
CA ASN I 186 20.30 20.09 56.85
C ASN I 186 21.58 19.97 56.03
N GLN I 187 21.92 21.01 55.26
CA GLN I 187 23.14 20.97 54.46
C GLN I 187 24.39 20.95 55.35
N ARG I 188 24.47 21.87 56.30
CA ARG I 188 25.63 21.94 57.17
C ARG I 188 25.71 20.72 58.08
N ALA I 189 24.58 20.28 58.62
CA ALA I 189 24.58 19.16 59.55
C ALA I 189 24.90 17.84 58.88
N LEU I 190 24.82 17.76 57.55
CA LEU I 190 25.08 16.54 56.81
C LEU I 190 26.47 16.49 56.20
N TYR I 191 26.98 17.61 55.69
CA TYR I 191 28.29 17.64 55.05
C TYR I 191 29.20 18.74 55.55
N HIS I 192 28.69 19.69 56.35
CA HIS I 192 29.53 20.73 56.95
C HIS I 192 30.22 21.58 55.90
N THR I 193 29.58 21.77 54.75
CA THR I 193 30.12 22.58 53.67
C THR I 193 28.96 23.27 52.97
N GLU I 194 28.90 24.59 53.07
CA GLU I 194 27.80 25.34 52.45
C GLU I 194 27.84 25.18 50.93
N ASN I 195 29.04 25.23 50.34
CA ASN I 195 29.21 25.11 48.90
C ASN I 195 29.88 23.76 48.61
N ALA I 196 29.16 22.88 47.91
CA ALA I 196 29.63 21.55 47.62
C ALA I 196 29.41 21.22 46.14
N TYR I 197 30.25 20.33 45.62
CA TYR I 197 30.16 19.92 44.23
C TYR I 197 30.38 18.42 44.13
N VAL I 198 29.80 17.83 43.09
CA VAL I 198 30.01 16.41 42.76
C VAL I 198 30.32 16.32 41.28
N SER I 199 31.41 15.64 40.94
CA SER I 199 31.87 15.53 39.57
C SER I 199 32.04 14.07 39.20
N VAL I 200 31.49 13.68 38.05
CA VAL I 200 31.63 12.34 37.51
C VAL I 200 32.18 12.47 36.10
N VAL I 201 33.31 11.82 35.84
CA VAL I 201 33.99 11.91 34.56
C VAL I 201 34.33 10.51 34.06
N SER I 202 34.52 10.40 32.75
CA SER I 202 34.88 9.14 32.12
C SER I 202 35.60 9.45 30.81
N SER I 203 35.87 8.42 30.03
CA SER I 203 36.55 8.61 28.75
C SER I 203 35.70 9.44 27.80
N HIS I 204 34.40 9.19 27.76
CA HIS I 204 33.48 9.88 26.86
C HIS I 204 32.24 10.35 27.60
N TYR I 205 32.46 10.96 28.77
CA TYR I 205 31.35 11.47 29.58
C TYR I 205 31.93 12.33 30.70
N SER I 206 31.27 13.45 30.97
CA SER I 206 31.73 14.34 32.02
C SER I 206 30.67 15.41 32.26
N ARG I 207 30.46 15.76 33.52
CA ARG I 207 29.57 16.85 33.89
C ARG I 207 29.69 17.09 35.39
N ARG I 208 29.40 18.32 35.80
CA ARG I 208 29.55 18.76 37.18
C ARG I 208 28.19 19.24 37.70
N PHE I 209 27.78 18.72 38.84
CA PHE I 209 26.51 19.08 39.46
C PHE I 209 26.75 19.95 40.68
N THR I 210 25.68 20.62 41.11
CA THR I 210 25.67 21.41 42.33
C THR I 210 24.36 21.19 43.06
N PRO I 211 24.37 21.30 44.39
CA PRO I 211 23.12 21.13 45.15
C PRO I 211 22.24 22.37 45.03
N GLU I 212 20.96 22.15 44.75
CA GLU I 212 19.98 23.23 44.61
C GLU I 212 19.16 23.29 45.89
N ILE I 213 19.65 24.05 46.87
CA ILE I 213 19.01 24.12 48.17
C ILE I 213 17.90 25.17 48.12
N ALA I 214 16.66 24.73 48.40
CA ALA I 214 15.51 25.61 48.45
C ALA I 214 14.31 24.80 48.92
N LYS I 215 13.40 25.47 49.62
CA LYS I 215 12.20 24.80 50.09
C LYS I 215 11.34 24.36 48.90
N ARG I 216 10.66 23.23 49.07
CA ARG I 216 9.84 22.64 48.03
C ARG I 216 8.55 22.14 48.65
N PRO I 217 7.49 21.98 47.85
CA PRO I 217 6.24 21.43 48.39
C PRO I 217 6.44 20.01 48.87
N LYS I 218 5.68 19.64 49.90
CA LYS I 218 5.80 18.32 50.50
C LYS I 218 5.39 17.24 49.51
N VAL I 219 6.28 16.27 49.31
CA VAL I 219 5.99 15.08 48.51
C VAL I 219 6.51 13.88 49.28
N ARG I 220 5.64 12.91 49.53
CA ARG I 220 6.00 11.74 50.33
C ARG I 220 6.55 12.15 51.69
N ASP I 221 6.00 13.23 52.24
CA ASP I 221 6.41 13.76 53.54
C ASP I 221 7.91 14.04 53.57
N GLN I 222 8.43 14.55 52.45
CA GLN I 222 9.84 14.91 52.34
C GLN I 222 9.95 16.29 51.72
N GLU I 223 10.98 17.03 52.13
CA GLU I 223 11.21 18.39 51.65
C GLU I 223 12.22 18.43 50.52
N GLY I 224 13.40 17.84 50.71
CA GLY I 224 14.44 17.84 49.71
C GLY I 224 14.18 16.82 48.61
N ARG I 225 15.13 16.76 47.68
CA ARG I 225 15.06 15.84 46.56
C ARG I 225 16.43 15.21 46.34
N ILE I 226 16.44 14.04 45.71
CA ILE I 226 17.65 13.37 45.28
C ILE I 226 17.49 13.03 43.80
N ASN I 227 18.35 13.59 42.97
CA ASN I 227 18.29 13.37 41.53
C ASN I 227 19.23 12.23 41.16
N TYR I 228 18.71 11.26 40.41
CA TYR I 228 19.47 10.09 40.00
C TYR I 228 19.94 10.24 38.56
N TYR I 229 21.12 9.68 38.28
CA TYR I 229 21.71 9.73 36.96
C TYR I 229 22.28 8.35 36.63
N TRP I 230 22.60 8.15 35.35
CA TRP I 230 23.13 6.87 34.90
C TRP I 230 24.03 7.09 33.69
N THR I 231 24.91 6.12 33.47
CA THR I 231 25.80 6.14 32.31
C THR I 231 26.22 4.71 32.01
N LEU I 232 26.74 4.52 30.79
CA LEU I 232 27.21 3.22 30.34
C LEU I 232 28.70 3.30 30.06
N LEU I 233 29.46 2.36 30.62
CA LEU I 233 30.91 2.31 30.43
C LEU I 233 31.23 1.26 29.37
N GLU I 234 31.98 1.67 28.35
CA GLU I 234 32.41 0.72 27.34
C GLU I 234 33.46 -0.23 27.93
N PRO I 235 33.64 -1.40 27.33
CA PRO I 235 34.64 -2.34 27.85
C PRO I 235 36.02 -1.70 27.88
N GLY I 236 36.75 -1.96 28.96
CA GLY I 236 38.07 -1.41 29.12
C GLY I 236 38.12 0.06 29.45
N ASP I 237 36.99 0.66 29.81
CA ASP I 237 36.92 2.09 30.12
C ASP I 237 37.05 2.30 31.63
N THR I 238 37.19 3.57 32.00
CA THR I 238 37.39 3.96 33.40
C THR I 238 36.45 5.12 33.74
N ILE I 239 36.02 5.16 35.00
CA ILE I 239 35.16 6.21 35.52
C ILE I 239 35.74 6.70 36.84
N ILE I 240 35.74 8.01 37.03
CA ILE I 240 36.30 8.64 38.23
C ILE I 240 35.19 9.41 38.93
N PHE I 241 34.99 9.13 40.21
CA PHE I 241 34.01 9.82 41.03
C PHE I 241 34.72 10.83 41.92
N GLU I 242 34.30 12.09 41.85
CA GLU I 242 34.82 13.16 42.68
C GLU I 242 33.66 13.90 43.33
N ALA I 243 33.86 14.35 44.56
CA ALA I 243 32.83 15.09 45.27
C ALA I 243 33.37 15.56 46.61
N ASN I 244 32.71 16.56 47.18
CA ASN I 244 33.01 17.02 48.53
C ASN I 244 31.73 17.31 49.31
N GLY I 245 30.66 16.60 48.99
CA GLY I 245 29.38 16.77 49.65
C GLY I 245 28.23 16.58 48.69
N ASN I 246 27.07 16.25 49.24
CA ASN I 246 25.85 16.05 48.46
C ASN I 246 26.06 15.01 47.36
N LEU I 247 26.38 13.79 47.77
CA LEU I 247 26.60 12.69 46.83
C LEU I 247 25.88 11.44 47.32
N ILE I 248 25.43 10.64 46.36
CA ILE I 248 24.85 9.33 46.61
C ILE I 248 25.67 8.34 45.77
N ALA I 249 26.72 7.78 46.36
CA ALA I 249 27.65 6.97 45.60
C ALA I 249 27.02 5.63 45.23
N PRO I 250 27.50 5.01 44.15
CA PRO I 250 27.01 3.66 43.81
C PRO I 250 27.46 2.62 44.81
N TRP I 251 26.66 1.57 44.93
CA TRP I 251 27.01 0.42 45.76
C TRP I 251 26.95 -0.84 44.93
N TYR I 252 26.09 -0.86 43.93
CA TYR I 252 25.95 -1.98 43.01
C TYR I 252 25.86 -1.46 41.58
N ALA I 253 26.28 -2.29 40.65
CA ALA I 253 26.21 -1.97 39.22
C ALA I 253 25.65 -3.19 38.48
N PHE I 254 25.03 -2.93 37.34
CA PHE I 254 24.33 -3.96 36.57
C PHE I 254 25.04 -4.14 35.23
N ALA I 255 26.05 -5.01 35.19
CA ALA I 255 26.65 -5.38 33.93
C ALA I 255 25.63 -6.13 33.08
N LEU I 256 25.50 -5.72 31.82
CA LEU I 256 24.40 -6.19 30.99
C LEU I 256 24.92 -6.73 29.66
N SER I 257 24.17 -7.68 29.10
CA SER I 257 24.45 -8.25 27.79
C SER I 257 23.21 -8.11 26.92
N ARG I 258 23.42 -7.71 25.67
CA ARG I 258 22.32 -7.45 24.77
C ARG I 258 21.66 -8.74 24.31
N GLY I 259 20.39 -8.64 23.93
CA GLY I 259 19.65 -9.78 23.44
C GLY I 259 18.47 -9.37 22.57
N PHE I 260 18.35 -9.96 21.39
CA PHE I 260 17.29 -9.60 20.47
C PHE I 260 15.97 -10.24 20.89
N GLY I 261 14.88 -9.51 20.65
CA GLY I 261 13.53 -9.99 20.88
C GLY I 261 12.93 -9.57 22.21
N SER I 262 13.76 -9.16 23.17
CA SER I 262 13.24 -8.75 24.46
C SER I 262 12.57 -7.38 24.37
N GLY I 263 11.67 -7.12 25.32
CA GLY I 263 10.97 -5.86 25.35
C GLY I 263 10.25 -5.67 26.67
N ILE I 264 9.67 -4.49 26.83
CA ILE I 264 8.95 -4.12 28.03
C ILE I 264 7.45 -4.06 27.70
N ILE I 265 6.63 -4.61 28.59
CA ILE I 265 5.19 -4.69 28.40
C ILE I 265 4.50 -4.25 29.67
N THR I 266 3.31 -3.67 29.50
CA THR I 266 2.43 -3.29 30.61
C THR I 266 1.25 -4.24 30.60
N SER I 267 1.16 -5.10 31.62
CA SER I 267 0.13 -6.13 31.67
C SER I 267 -0.20 -6.43 33.13
N ASN I 268 -1.34 -7.11 33.32
CA ASN I 268 -1.78 -7.49 34.65
C ASN I 268 -2.33 -8.92 34.71
N ALA I 269 -2.25 -9.69 33.64
CA ALA I 269 -2.80 -11.04 33.64
C ALA I 269 -1.98 -11.94 34.56
N PRO I 270 -2.61 -12.95 35.16
CA PRO I 270 -1.87 -13.85 36.06
C PRO I 270 -0.82 -14.66 35.32
N MET I 271 0.25 -15.01 36.03
CA MET I 271 1.31 -15.82 35.46
C MET I 271 0.92 -17.28 35.45
N ASP I 272 1.58 -18.05 34.60
CA ASP I 272 1.33 -19.47 34.46
C ASP I 272 2.43 -20.06 33.57
N GLU I 273 2.34 -21.36 33.31
CA GLU I 273 3.29 -22.05 32.45
C GLU I 273 2.67 -22.27 31.08
N CYS I 274 3.44 -21.99 30.03
CA CYS I 274 2.97 -22.12 28.66
C CYS I 274 4.17 -22.39 27.76
N ASP I 275 3.88 -22.64 26.47
CA ASP I 275 4.90 -22.79 25.46
C ASP I 275 4.56 -21.98 24.20
N ALA I 276 3.76 -20.92 24.35
CA ALA I 276 3.31 -20.17 23.20
C ALA I 276 4.47 -19.49 22.51
N LYS I 277 4.38 -19.41 21.17
CA LYS I 277 5.44 -18.78 20.39
C LYS I 277 5.44 -17.26 20.56
N CYS I 278 4.27 -16.66 20.77
CA CYS I 278 4.14 -15.22 20.91
C CYS I 278 3.42 -14.88 22.21
N GLN I 279 3.78 -13.74 22.79
CA GLN I 279 3.17 -13.23 24.00
C GLN I 279 2.56 -11.86 23.73
N THR I 280 1.38 -11.62 24.30
CA THR I 280 0.64 -10.38 24.14
C THR I 280 0.12 -9.93 25.49
N PRO I 281 -0.01 -8.62 25.71
CA PRO I 281 -0.54 -8.16 27.01
C PRO I 281 -1.89 -8.74 27.35
N GLN I 282 -2.73 -8.99 26.35
CA GLN I 282 -4.02 -9.63 26.57
C GLN I 282 -3.92 -11.14 26.64
N GLY I 283 -2.73 -11.72 26.44
CA GLY I 283 -2.55 -13.15 26.49
C GLY I 283 -1.56 -13.67 25.48
N ALA I 284 -1.73 -14.92 25.07
CA ALA I 284 -0.88 -15.56 24.07
C ALA I 284 -1.74 -16.04 22.91
N ILE I 285 -1.15 -16.04 21.72
CA ILE I 285 -1.89 -16.38 20.50
C ILE I 285 -1.86 -17.88 20.24
N ASN I 286 -0.72 -18.53 20.43
CA ASN I 286 -0.64 -19.99 20.45
C ASN I 286 -0.80 -20.62 19.06
N SER I 287 -1.06 -19.81 18.04
CA SER I 287 -1.24 -20.32 16.69
C SER I 287 -0.37 -19.53 15.72
N SER I 288 -0.30 -20.01 14.48
CA SER I 288 0.59 -19.46 13.47
C SER I 288 -0.18 -18.93 12.26
N LEU I 289 -1.38 -18.42 12.46
CA LEU I 289 -2.10 -17.80 11.36
C LEU I 289 -1.43 -16.49 10.97
N PRO I 290 -1.52 -16.10 9.69
CA PRO I 290 -0.78 -14.91 9.24
C PRO I 290 -1.20 -13.63 9.95
N PHE I 291 -2.46 -13.49 10.34
CA PHE I 291 -2.99 -12.24 10.87
C PHE I 291 -3.59 -12.45 12.25
N GLN I 292 -3.69 -11.35 12.99
CA GLN I 292 -4.32 -11.34 14.30
C GLN I 292 -4.77 -9.92 14.60
N ASN I 293 -5.71 -9.80 15.55
CA ASN I 293 -6.21 -8.49 15.94
C ASN I 293 -6.42 -8.36 17.45
N VAL I 294 -5.76 -9.20 18.25
CA VAL I 294 -5.98 -9.15 19.69
C VAL I 294 -5.38 -7.89 20.29
N HIS I 295 -4.17 -7.53 19.87
CA HIS I 295 -3.49 -6.36 20.41
C HIS I 295 -2.32 -5.97 19.53
N PRO I 296 -2.12 -4.68 19.24
CA PRO I 296 -1.03 -4.30 18.33
C PRO I 296 0.35 -4.73 18.79
N VAL I 297 0.62 -4.70 20.10
CA VAL I 297 1.97 -4.97 20.60
C VAL I 297 2.15 -6.48 20.76
N THR I 298 3.36 -6.95 20.43
CA THR I 298 3.66 -8.37 20.50
C THR I 298 5.14 -8.54 20.85
N ILE I 299 5.48 -9.75 21.29
CA ILE I 299 6.85 -10.13 21.60
C ILE I 299 7.18 -11.43 20.88
N GLY I 300 8.34 -11.48 20.24
CA GLY I 300 8.74 -12.66 19.49
C GLY I 300 8.02 -12.75 18.17
N GLU I 301 8.27 -13.85 17.47
CA GLU I 301 7.60 -14.10 16.20
C GLU I 301 6.10 -14.15 16.43
N CYS I 302 5.37 -13.19 15.86
CA CYS I 302 3.93 -13.07 16.08
C CYS I 302 3.26 -12.76 14.76
N PRO I 303 2.00 -13.16 14.58
CA PRO I 303 1.26 -12.72 13.40
C PRO I 303 1.10 -11.21 13.36
N LYS I 304 1.08 -10.66 12.15
CA LYS I 304 0.93 -9.23 11.98
C LYS I 304 -0.43 -8.76 12.46
N TYR I 305 -0.47 -7.54 13.00
CA TYR I 305 -1.69 -6.97 13.53
C TYR I 305 -2.50 -6.33 12.40
N VAL I 306 -3.78 -6.68 12.32
CA VAL I 306 -4.69 -6.16 11.31
C VAL I 306 -5.94 -5.66 12.02
N ARG I 307 -6.36 -4.43 11.68
CA ARG I 307 -7.51 -3.83 12.34
C ARG I 307 -8.83 -4.38 11.82
N SER I 308 -8.82 -5.08 10.69
CA SER I 308 -10.05 -5.63 10.13
C SER I 308 -10.67 -6.62 11.12
N ALA I 309 -11.99 -6.53 11.27
CA ALA I 309 -12.69 -7.42 12.20
C ALA I 309 -12.59 -8.87 11.75
N LYS I 310 -12.77 -9.13 10.45
CA LYS I 310 -12.78 -10.49 9.94
C LYS I 310 -12.45 -10.46 8.46
N LEU I 311 -11.70 -11.46 8.01
CA LEU I 311 -11.39 -11.62 6.59
C LEU I 311 -11.15 -13.10 6.32
N ARG I 312 -11.59 -13.55 5.15
CA ARG I 312 -11.48 -14.95 4.76
C ARG I 312 -11.18 -15.03 3.27
N MET I 313 -10.63 -16.18 2.87
CA MET I 313 -10.35 -16.48 1.47
C MET I 313 -11.23 -17.65 1.04
N VAL I 314 -11.86 -17.52 -0.13
CA VAL I 314 -12.69 -18.59 -0.66
C VAL I 314 -11.79 -19.63 -1.33
N THR I 315 -11.95 -20.89 -0.93
CA THR I 315 -11.22 -21.99 -1.54
C THR I 315 -12.10 -22.87 -2.42
N GLY I 316 -13.42 -22.78 -2.28
CA GLY I 316 -14.32 -23.57 -3.09
C GLY I 316 -15.19 -22.73 -4.00
N LEU I 317 -16.41 -23.18 -4.26
CA LEU I 317 -17.33 -22.50 -5.14
C LEU I 317 -18.45 -21.84 -4.33
N ARG I 318 -19.16 -20.93 -4.99
CA ARG I 318 -20.34 -20.33 -4.38
C ARG I 318 -21.38 -21.41 -4.10
N ASN I 319 -21.96 -21.38 -2.90
CA ASN I 319 -22.91 -22.39 -2.47
C ASN I 319 -24.32 -21.91 -2.82
N ILE I 320 -24.90 -22.47 -3.86
CA ILE I 320 -26.25 -22.11 -4.30
C ILE I 320 -27.04 -23.41 -4.50
N PRO I 321 -27.39 -24.12 -3.44
CA PRO I 321 -28.09 -25.39 -3.61
C PRO I 321 -29.52 -25.18 -4.08
N SER I 322 -30.03 -26.17 -4.81
CA SER I 322 -31.38 -26.10 -5.35
C SER I 322 -32.18 -27.34 -4.95
N ILE J 10 -25.29 -27.18 -14.74
CA ILE J 10 -24.55 -25.98 -14.34
C ILE J 10 -25.49 -25.02 -13.62
N GLU J 11 -26.78 -25.11 -13.93
CA GLU J 11 -27.80 -24.28 -13.28
C GLU J 11 -28.26 -25.00 -12.02
N GLY J 12 -27.57 -24.72 -10.91
CA GLY J 12 -27.88 -25.36 -9.65
C GLY J 12 -26.82 -26.38 -9.26
N GLY J 13 -26.32 -26.28 -8.03
CA GLY J 13 -25.30 -27.19 -7.55
C GLY J 13 -25.88 -28.52 -7.12
N TRP J 14 -24.98 -29.41 -6.70
CA TRP J 14 -25.33 -30.74 -6.26
C TRP J 14 -24.91 -30.94 -4.80
N THR J 15 -25.64 -31.80 -4.10
CA THR J 15 -25.33 -32.15 -2.72
C THR J 15 -24.93 -33.60 -2.54
N GLY J 16 -25.49 -34.53 -3.33
CA GLY J 16 -25.11 -35.92 -3.21
C GLY J 16 -23.67 -36.16 -3.62
N MET J 17 -23.20 -35.43 -4.62
CA MET J 17 -21.84 -35.60 -5.09
C MET J 17 -20.83 -35.21 -4.01
N VAL J 18 -19.70 -35.90 -4.00
CA VAL J 18 -18.61 -35.64 -3.07
C VAL J 18 -17.29 -35.98 -3.76
N ASP J 19 -16.19 -35.66 -3.09
CA ASP J 19 -14.85 -35.99 -3.57
C ASP J 19 -14.51 -35.27 -4.87
N GLY J 20 -15.10 -34.10 -5.11
CA GLY J 20 -14.79 -33.34 -6.30
C GLY J 20 -15.65 -32.12 -6.50
N TRP J 21 -15.04 -31.00 -6.89
CA TRP J 21 -15.80 -29.78 -7.15
C TRP J 21 -16.57 -29.87 -8.45
N TYR J 22 -16.06 -30.60 -9.43
CA TYR J 22 -16.71 -30.76 -10.73
C TYR J 22 -16.94 -32.23 -11.00
N GLY J 23 -18.16 -32.57 -11.44
CA GLY J 23 -18.51 -33.95 -11.67
C GLY J 23 -19.62 -34.08 -12.69
N TYR J 24 -19.83 -35.32 -13.12
CA TYR J 24 -20.82 -35.66 -14.14
C TYR J 24 -22.00 -36.37 -13.50
N HIS J 25 -22.91 -36.84 -14.34
CA HIS J 25 -24.04 -37.64 -13.91
C HIS J 25 -24.52 -38.47 -15.09
N HIS J 26 -25.16 -39.60 -14.78
CA HIS J 26 -25.69 -40.47 -15.82
C HIS J 26 -26.87 -41.24 -15.26
N GLN J 27 -27.73 -41.72 -16.16
CA GLN J 27 -28.94 -42.43 -15.80
C GLN J 27 -29.11 -43.70 -16.64
N ASN J 28 -28.01 -44.24 -17.16
CA ASN J 28 -28.09 -45.45 -17.96
C ASN J 28 -28.51 -46.63 -17.09
N GLU J 29 -29.11 -47.63 -17.74
CA GLU J 29 -29.57 -48.81 -17.02
C GLU J 29 -28.44 -49.53 -16.29
N GLN J 30 -27.20 -49.35 -16.74
CA GLN J 30 -26.07 -49.98 -16.06
C GLN J 30 -25.91 -49.48 -14.63
N GLY J 31 -26.44 -48.31 -14.31
CA GLY J 31 -26.35 -47.77 -12.97
C GLY J 31 -26.32 -46.26 -12.94
N SER J 32 -27.07 -45.66 -12.02
CA SER J 32 -27.14 -44.21 -11.87
C SER J 32 -26.36 -43.79 -10.63
N GLY J 33 -25.46 -42.83 -10.81
CA GLY J 33 -24.66 -42.36 -9.69
C GLY J 33 -23.75 -41.21 -10.08
N TYR J 34 -23.48 -40.33 -9.12
CA TYR J 34 -22.60 -39.19 -9.37
C TYR J 34 -21.15 -39.64 -9.48
N ALA J 35 -20.35 -38.83 -10.16
CA ALA J 35 -18.92 -39.08 -10.30
C ALA J 35 -18.19 -37.75 -10.32
N ALA J 36 -16.89 -37.80 -10.04
CA ALA J 36 -16.07 -36.61 -9.97
C ALA J 36 -14.97 -36.67 -11.04
N ASP J 37 -14.58 -35.48 -11.52
CA ASP J 37 -13.50 -35.35 -12.48
C ASP J 37 -12.22 -35.05 -11.70
N GLN J 38 -11.44 -36.09 -11.43
CA GLN J 38 -10.23 -35.90 -10.62
C GLN J 38 -9.24 -34.98 -11.31
N LYS J 39 -9.06 -35.14 -12.62
CA LYS J 39 -8.09 -34.32 -13.33
C LYS J 39 -8.45 -32.84 -13.25
N SER J 40 -9.74 -32.51 -13.43
CA SER J 40 -10.16 -31.12 -13.38
C SER J 40 -10.08 -30.56 -11.96
N THR J 41 -10.60 -31.32 -10.99
CA THR J 41 -10.60 -30.84 -9.61
C THR J 41 -9.18 -30.67 -9.08
N GLN J 42 -8.31 -31.64 -9.36
CA GLN J 42 -6.95 -31.57 -8.83
C GLN J 42 -6.21 -30.36 -9.37
N ASN J 43 -6.39 -30.05 -10.65
CA ASN J 43 -5.73 -28.88 -11.23
C ASN J 43 -6.18 -27.61 -10.53
N ALA J 44 -7.48 -27.49 -10.23
CA ALA J 44 -7.97 -26.30 -9.56
C ALA J 44 -7.35 -26.15 -8.18
N ILE J 45 -7.18 -27.27 -7.47
CA ILE J 45 -6.63 -27.21 -6.12
C ILE J 45 -5.22 -26.63 -6.14
N ASN J 46 -4.44 -26.96 -7.16
CA ASN J 46 -3.07 -26.47 -7.22
C ASN J 46 -3.02 -24.95 -7.21
N CYS J 47 -3.89 -24.31 -8.01
CA CYS J 47 -3.92 -22.84 -8.03
C CYS J 47 -4.33 -22.28 -6.67
N ILE J 48 -5.33 -22.90 -6.04
CA ILE J 48 -5.77 -22.41 -4.73
C ILE J 48 -4.64 -22.53 -3.71
N THR J 49 -3.98 -23.69 -3.69
CA THR J 49 -2.88 -23.89 -2.74
C THR J 49 -1.74 -22.90 -3.00
N ASN J 50 -1.40 -22.69 -4.26
CA ASN J 50 -0.35 -21.72 -4.58
C ASN J 50 -0.83 -20.29 -4.34
N LYS J 51 -2.12 -20.03 -4.53
CA LYS J 51 -2.62 -18.68 -4.32
C LYS J 51 -2.63 -18.30 -2.85
N VAL J 52 -3.12 -19.20 -1.99
CA VAL J 52 -3.16 -18.90 -0.56
C VAL J 52 -1.75 -18.82 0.00
N ASN J 53 -0.84 -19.68 -0.47
CA ASN J 53 0.53 -19.63 0.01
C ASN J 53 1.20 -18.31 -0.33
N SER J 54 0.94 -17.79 -1.54
CA SER J 54 1.56 -16.54 -1.95
C SER J 54 1.18 -15.40 -1.01
N VAL J 55 -0.10 -15.35 -0.61
CA VAL J 55 -0.54 -14.28 0.28
C VAL J 55 0.23 -14.33 1.60
N ILE J 56 0.35 -15.52 2.17
CA ILE J 56 1.05 -15.66 3.46
C ILE J 56 2.51 -15.25 3.31
N GLU J 57 3.17 -15.71 2.25
CA GLU J 57 4.60 -15.44 2.10
C GLU J 57 4.87 -13.94 1.97
N LYS J 58 4.07 -13.24 1.17
CA LYS J 58 4.29 -11.81 0.99
C LYS J 58 4.10 -11.05 2.30
N MET J 59 3.09 -11.43 3.07
CA MET J 59 2.78 -10.73 4.34
C MET J 59 3.77 -11.22 5.40
N ASN J 60 4.94 -10.60 5.43
CA ASN J 60 5.92 -10.91 6.46
C ASN J 60 5.45 -10.36 7.79
N THR J 61 5.93 -10.96 8.88
CA THR J 61 5.51 -10.56 10.22
C THR J 61 6.65 -10.53 11.23
N GLN J 62 7.89 -10.69 10.81
CA GLN J 62 9.04 -10.69 11.71
C GLN J 62 9.52 -9.25 11.87
N PHE J 63 9.17 -8.63 13.00
CA PHE J 63 9.60 -7.27 13.31
C PHE J 63 9.31 -7.00 14.77
N THR J 64 9.88 -5.92 15.28
CA THR J 64 9.69 -5.50 16.67
C THR J 64 8.56 -4.48 16.74
N ALA J 65 7.61 -4.72 17.65
CA ALA J 65 6.45 -3.85 17.81
C ALA J 65 6.27 -3.35 19.24
N VAL J 66 7.28 -3.49 20.08
CA VAL J 66 7.17 -3.03 21.47
C VAL J 66 7.02 -1.52 21.49
N GLY J 67 6.05 -1.03 22.26
CA GLY J 67 5.81 0.40 22.32
C GLY J 67 6.80 1.13 23.21
N LYS J 68 6.92 2.43 22.96
CA LYS J 68 7.78 3.32 23.72
C LYS J 68 6.92 4.34 24.46
N GLU J 69 7.55 5.04 25.41
CA GLU J 69 6.89 6.08 26.17
C GLU J 69 7.82 7.30 26.25
N PHE J 70 7.22 8.47 26.39
CA PHE J 70 7.95 9.73 26.42
C PHE J 70 7.44 10.58 27.59
N ASN J 71 8.31 11.44 28.10
CA ASN J 71 7.95 12.28 29.23
C ASN J 71 7.00 13.38 28.78
N LYS J 72 6.68 14.27 29.73
CA LYS J 72 5.69 15.31 29.45
C LYS J 72 6.20 16.36 28.47
N LEU J 73 7.49 16.70 28.53
CA LEU J 73 8.03 17.74 27.68
C LEU J 73 8.29 17.27 26.25
N GLU J 74 8.15 15.99 25.97
CA GLU J 74 8.39 15.44 24.64
C GLU J 74 7.07 15.11 23.93
N ARG J 75 6.07 15.97 24.10
CA ARG J 75 4.79 15.73 23.47
C ARG J 75 4.92 15.58 21.96
N ARG J 76 5.88 16.29 21.35
CA ARG J 76 6.09 16.16 19.91
C ARG J 76 6.49 14.75 19.53
N MET J 77 7.36 14.13 20.32
CA MET J 77 7.76 12.76 20.06
C MET J 77 6.55 11.83 20.08
N GLU J 78 5.71 11.96 21.11
CA GLU J 78 4.57 11.06 21.26
C GLU J 78 3.61 11.20 20.08
N ASN J 79 3.29 12.43 19.70
CA ASN J 79 2.39 12.63 18.56
C ASN J 79 3.02 12.11 17.27
N LEU J 80 4.30 12.38 17.06
CA LEU J 80 4.98 11.87 15.87
C LEU J 80 5.08 10.35 15.91
N ASN J 81 5.45 9.80 17.07
CA ASN J 81 5.52 8.33 17.19
C ASN J 81 4.14 7.71 17.04
N LYS J 82 3.11 8.35 17.60
CA LYS J 82 1.76 7.81 17.48
C LYS J 82 1.32 7.77 16.02
N LYS J 83 1.64 8.82 15.26
CA LYS J 83 1.24 8.86 13.85
C LYS J 83 1.90 7.73 13.07
N VAL J 84 3.17 7.45 13.34
CA VAL J 84 3.87 6.39 12.62
C VAL J 84 3.18 5.05 12.86
N ASP J 85 2.85 4.76 14.12
CA ASP J 85 2.16 3.51 14.42
C ASP J 85 0.79 3.47 13.78
N ASP J 86 0.00 4.54 13.94
CA ASP J 86 -1.33 4.58 13.35
C ASP J 86 -1.27 4.51 11.83
N GLY J 87 -0.31 5.21 11.23
CA GLY J 87 -0.22 5.23 9.79
C GLY J 87 -0.03 3.84 9.19
N PHE J 88 0.91 3.07 9.76
CA PHE J 88 1.17 1.74 9.23
C PHE J 88 -0.02 0.82 9.43
N LEU J 89 -0.67 0.89 10.59
CA LEU J 89 -1.84 0.04 10.83
C LEU J 89 -2.93 0.31 9.82
N ASP J 90 -3.17 1.59 9.51
CA ASP J 90 -4.17 1.92 8.49
C ASP J 90 -3.76 1.36 7.13
N ILE J 91 -2.48 1.46 6.79
CA ILE J 91 -2.01 0.97 5.49
C ILE J 91 -2.14 -0.55 5.41
N TRP J 92 -1.66 -1.25 6.44
CA TRP J 92 -1.72 -2.71 6.41
C TRP J 92 -3.17 -3.19 6.41
N THR J 93 -4.04 -2.55 7.18
CA THR J 93 -5.44 -2.93 7.19
C THR J 93 -6.04 -2.80 5.79
N TYR J 94 -5.75 -1.70 5.10
CA TYR J 94 -6.25 -1.51 3.74
C TYR J 94 -5.64 -2.54 2.80
N ASN J 95 -4.33 -2.78 2.91
CA ASN J 95 -3.67 -3.73 2.03
C ASN J 95 -4.19 -5.15 2.26
N ALA J 96 -4.40 -5.53 3.53
CA ALA J 96 -4.85 -6.87 3.83
C ALA J 96 -6.23 -7.14 3.25
N GLU J 97 -7.15 -6.19 3.42
CA GLU J 97 -8.51 -6.38 2.90
C GLU J 97 -8.53 -6.35 1.38
N LEU J 98 -7.82 -5.40 0.78
CA LEU J 98 -7.87 -5.26 -0.67
C LEU J 98 -7.36 -6.52 -1.37
N LEU J 99 -6.24 -7.05 -0.89
CA LEU J 99 -5.70 -8.26 -1.49
C LEU J 99 -6.64 -9.44 -1.31
N VAL J 100 -7.20 -9.61 -0.11
CA VAL J 100 -8.10 -10.72 0.14
C VAL J 100 -9.39 -10.56 -0.65
N LEU J 101 -9.97 -9.36 -0.64
CA LEU J 101 -11.20 -9.13 -1.39
C LEU J 101 -10.98 -9.32 -2.88
N LEU J 102 -9.87 -8.79 -3.40
CA LEU J 102 -9.59 -8.90 -4.83
C LEU J 102 -9.38 -10.35 -5.24
N GLU J 103 -8.63 -11.11 -4.43
CA GLU J 103 -8.35 -12.50 -4.78
C GLU J 103 -9.61 -13.35 -4.75
N ASN J 104 -10.53 -13.08 -3.83
CA ASN J 104 -11.75 -13.88 -3.75
C ASN J 104 -12.55 -13.80 -5.04
N GLU J 105 -12.67 -12.60 -5.61
CA GLU J 105 -13.44 -12.46 -6.84
C GLU J 105 -12.84 -13.30 -7.96
N ARG J 106 -11.52 -13.29 -8.10
CA ARG J 106 -10.88 -14.09 -9.13
C ARG J 106 -11.14 -15.57 -8.92
N THR J 107 -11.06 -16.04 -7.67
CA THR J 107 -11.28 -17.45 -7.39
C THR J 107 -12.69 -17.87 -7.77
N LEU J 108 -13.69 -17.03 -7.44
CA LEU J 108 -15.07 -17.36 -7.80
C LEU J 108 -15.23 -17.42 -9.32
N ASP J 109 -14.64 -16.46 -10.03
CA ASP J 109 -14.67 -16.51 -11.49
C ASP J 109 -13.81 -17.65 -12.02
N PHE J 110 -12.73 -17.99 -11.31
CA PHE J 110 -11.85 -19.05 -11.77
C PHE J 110 -12.58 -20.38 -11.88
N HIS J 111 -13.40 -20.70 -10.87
CA HIS J 111 -14.15 -21.96 -10.91
C HIS J 111 -15.13 -21.97 -12.08
N ASP J 112 -15.79 -20.85 -12.35
CA ASP J 112 -16.77 -20.80 -13.43
C ASP J 112 -16.12 -21.15 -14.76
N SER J 113 -14.92 -20.64 -15.02
CA SER J 113 -14.23 -20.97 -16.26
C SER J 113 -13.93 -22.46 -16.33
N ASN J 114 -13.47 -23.05 -15.21
CA ASN J 114 -13.13 -24.47 -15.22
C ASN J 114 -14.36 -25.32 -15.54
N VAL J 115 -15.45 -25.12 -14.81
CA VAL J 115 -16.65 -25.91 -15.07
C VAL J 115 -17.19 -25.64 -16.46
N LYS J 116 -17.24 -24.36 -16.85
CA LYS J 116 -17.70 -24.03 -18.20
C LYS J 116 -16.74 -24.59 -19.25
N ASN J 117 -15.44 -24.50 -19.00
CA ASN J 117 -14.47 -25.07 -19.93
C ASN J 117 -14.64 -26.57 -20.03
N LEU J 118 -14.88 -27.25 -18.89
CA LEU J 118 -15.14 -28.68 -18.94
C LEU J 118 -16.39 -28.98 -19.74
N TYR J 119 -17.44 -28.17 -19.58
CA TYR J 119 -18.67 -28.40 -20.33
C TYR J 119 -18.44 -28.29 -21.82
N GLU J 120 -17.67 -27.28 -22.25
CA GLU J 120 -17.34 -27.16 -23.67
C GLU J 120 -16.49 -28.32 -24.14
N LYS J 121 -15.56 -28.78 -23.30
CA LYS J 121 -14.72 -29.92 -23.67
C LYS J 121 -15.58 -31.15 -23.92
N VAL J 122 -16.60 -31.38 -23.10
CA VAL J 122 -17.52 -32.48 -23.34
C VAL J 122 -18.24 -32.29 -24.67
N LYS J 123 -18.67 -31.06 -24.95
CA LYS J 123 -19.37 -30.79 -26.21
C LYS J 123 -18.52 -31.18 -27.41
N SER J 124 -17.24 -30.81 -27.39
CA SER J 124 -16.35 -31.15 -28.50
C SER J 124 -16.21 -32.67 -28.63
N GLN J 125 -15.98 -33.36 -27.50
CA GLN J 125 -15.85 -34.80 -27.55
C GLN J 125 -17.20 -35.48 -27.72
N LEU J 126 -18.27 -34.85 -27.23
CA LEU J 126 -19.63 -35.38 -27.37
C LEU J 126 -20.29 -34.63 -28.52
N LYS J 127 -20.13 -35.20 -29.71
CA LYS J 127 -20.58 -34.52 -30.93
C LYS J 127 -22.10 -34.48 -30.99
N ASN J 128 -22.62 -33.98 -32.11
CA ASN J 128 -24.06 -33.79 -32.27
C ASN J 128 -24.88 -35.04 -32.01
N ASN J 129 -24.25 -36.22 -31.90
CA ASN J 129 -25.00 -37.43 -31.63
C ASN J 129 -25.84 -37.28 -30.35
N ALA J 130 -25.38 -36.47 -29.41
CA ALA J 130 -26.09 -36.23 -28.17
C ALA J 130 -26.81 -34.89 -28.25
N LYS J 131 -28.12 -34.89 -27.98
CA LYS J 131 -28.90 -33.67 -28.04
C LYS J 131 -28.73 -32.88 -26.75
N GLU J 132 -28.44 -31.59 -26.89
CA GLU J 132 -28.28 -30.69 -25.76
C GLU J 132 -29.63 -30.10 -25.38
N ILE J 133 -30.00 -30.23 -24.11
CA ILE J 133 -31.27 -29.70 -23.62
C ILE J 133 -31.11 -28.40 -22.85
N GLY J 134 -29.91 -27.83 -22.86
CA GLY J 134 -29.68 -26.52 -22.27
C GLY J 134 -29.26 -26.50 -20.81
N ASN J 135 -30.02 -27.19 -19.95
CA ASN J 135 -29.80 -27.14 -18.51
C ASN J 135 -28.63 -28.04 -18.11
N GLY J 136 -27.49 -27.79 -18.73
CA GLY J 136 -26.27 -28.52 -18.38
C GLY J 136 -26.41 -30.02 -18.51
N CYS J 137 -27.05 -30.48 -19.59
CA CYS J 137 -27.27 -31.91 -19.78
C CYS J 137 -27.28 -32.22 -21.27
N PHE J 138 -27.10 -33.49 -21.59
CA PHE J 138 -27.15 -33.98 -22.97
C PHE J 138 -28.00 -35.25 -23.02
N GLU J 139 -28.70 -35.42 -24.14
CA GLU J 139 -29.50 -36.62 -24.40
C GLU J 139 -28.86 -37.38 -25.55
N PHE J 140 -28.55 -38.65 -25.33
CA PHE J 140 -27.87 -39.46 -26.32
C PHE J 140 -28.88 -40.09 -27.28
N TYR J 141 -28.55 -40.07 -28.57
CA TYR J 141 -29.33 -40.80 -29.57
C TYR J 141 -28.95 -42.26 -29.66
N HIS J 142 -27.89 -42.68 -28.97
CA HIS J 142 -27.42 -44.06 -28.99
C HIS J 142 -27.35 -44.59 -27.58
N LYS J 143 -27.81 -45.84 -27.39
CA LYS J 143 -27.72 -46.47 -26.09
C LYS J 143 -26.26 -46.78 -25.77
N CYS J 144 -25.83 -46.40 -24.57
CA CYS J 144 -24.44 -46.56 -24.15
C CYS J 144 -24.37 -47.20 -22.78
N ASN J 145 -23.38 -48.08 -22.60
CA ASN J 145 -23.14 -48.75 -21.34
C ASN J 145 -22.00 -48.06 -20.60
N ASN J 146 -21.55 -48.66 -19.49
CA ASN J 146 -20.48 -48.06 -18.71
C ASN J 146 -19.22 -47.85 -19.55
N GLU J 147 -18.91 -48.79 -20.45
CA GLU J 147 -17.70 -48.68 -21.25
C GLU J 147 -17.70 -47.39 -22.06
N CYS J 148 -18.84 -47.08 -22.68
CA CYS J 148 -18.96 -45.83 -23.44
C CYS J 148 -19.14 -44.63 -22.52
N MET J 149 -19.85 -44.80 -21.41
CA MET J 149 -20.09 -43.68 -20.51
C MET J 149 -18.77 -43.14 -19.95
N GLU J 150 -17.89 -44.02 -19.51
CA GLU J 150 -16.59 -43.59 -19.01
C GLU J 150 -15.71 -43.04 -20.12
N SER J 151 -15.98 -43.41 -21.38
CA SER J 151 -15.23 -42.83 -22.49
C SER J 151 -15.45 -41.33 -22.55
N VAL J 152 -16.71 -40.88 -22.42
CA VAL J 152 -16.99 -39.45 -22.39
C VAL J 152 -16.37 -38.82 -21.15
N LYS J 153 -16.47 -39.50 -20.00
CA LYS J 153 -15.94 -38.93 -18.77
C LYS J 153 -14.43 -38.70 -18.85
N ASN J 154 -13.69 -39.68 -19.39
CA ASN J 154 -12.26 -39.54 -19.54
C ASN J 154 -11.94 -39.05 -20.95
N GLY J 155 -10.65 -39.05 -21.29
CA GLY J 155 -10.17 -38.40 -22.49
C GLY J 155 -10.18 -39.22 -23.76
N THR J 156 -10.88 -40.35 -23.79
CA THR J 156 -10.95 -41.19 -24.97
C THR J 156 -12.41 -41.43 -25.34
N TYR J 157 -12.73 -41.22 -26.62
CA TYR J 157 -14.07 -41.43 -27.13
C TYR J 157 -14.00 -42.11 -28.49
N ASP J 158 -15.11 -42.74 -28.88
CA ASP J 158 -15.19 -43.59 -30.07
C ASP J 158 -16.32 -43.13 -30.97
N TYR J 159 -16.35 -41.82 -31.27
CA TYR J 159 -17.44 -41.24 -32.05
C TYR J 159 -17.74 -41.98 -33.34
N PRO J 160 -16.77 -42.36 -34.18
CA PRO J 160 -17.13 -43.00 -35.46
C PRO J 160 -17.89 -44.30 -35.30
N LYS J 161 -17.78 -44.97 -34.14
CA LYS J 161 -18.46 -46.25 -33.97
C LYS J 161 -19.98 -46.07 -34.05
N TYR J 162 -20.51 -45.02 -33.44
CA TYR J 162 -21.95 -44.80 -33.36
C TYR J 162 -22.37 -43.72 -34.34
N SER J 163 -23.35 -44.05 -35.18
CA SER J 163 -23.92 -43.10 -36.13
C SER J 163 -25.43 -43.25 -36.22
N GLU J 164 -26.07 -43.69 -35.15
CA GLU J 164 -27.52 -43.92 -35.17
C GLU J 164 -28.26 -42.62 -35.37
N GLU J 165 -29.40 -42.70 -36.07
CA GLU J 165 -30.21 -41.53 -36.39
C GLU J 165 -29.39 -40.49 -37.14
N SER J 166 -28.56 -40.95 -38.08
CA SER J 166 -27.74 -40.06 -38.89
C SER J 166 -27.29 -40.75 -40.17
N GLN K 1 11.38 -30.35 -2.86
CA GLN K 1 11.43 -31.58 -2.03
C GLN K 1 10.71 -31.37 -0.70
N VAL K 2 10.05 -32.42 -0.21
CA VAL K 2 9.31 -32.38 1.04
C VAL K 2 9.71 -33.57 1.88
N GLN K 3 9.51 -33.43 3.20
CA GLN K 3 9.82 -34.47 4.16
C GLN K 3 8.65 -34.65 5.11
N LEU K 4 8.32 -35.90 5.40
CA LEU K 4 7.25 -36.25 6.32
C LEU K 4 7.84 -36.61 7.68
N VAL K 5 7.37 -35.95 8.73
CA VAL K 5 7.86 -36.16 10.09
C VAL K 5 6.67 -36.47 10.99
N GLN K 6 6.82 -37.49 11.82
CA GLN K 6 5.80 -37.90 12.78
C GLN K 6 6.31 -37.66 14.20
N SER K 7 5.40 -37.78 15.16
CA SER K 7 5.76 -37.60 16.55
C SER K 7 6.63 -38.76 17.03
N GLY K 8 7.19 -38.60 18.23
CA GLY K 8 8.07 -39.61 18.78
C GLY K 8 7.33 -40.86 19.21
N ALA K 9 8.10 -41.92 19.46
CA ALA K 9 7.53 -43.17 19.92
C ALA K 9 6.86 -43.00 21.29
N GLU K 10 5.76 -43.70 21.48
CA GLU K 10 4.99 -43.60 22.71
C GLU K 10 4.53 -44.98 23.15
N VAL K 11 4.33 -45.13 24.45
CA VAL K 11 3.83 -46.37 25.05
C VAL K 11 2.63 -46.01 25.91
N LYS K 12 1.56 -46.79 25.80
CA LYS K 12 0.31 -46.50 26.48
C LYS K 12 -0.19 -47.74 27.20
N LYS K 13 -0.89 -47.52 28.31
CA LYS K 13 -1.47 -48.61 29.06
C LYS K 13 -2.63 -49.22 28.28
N PRO K 14 -2.90 -50.52 28.44
CA PRO K 14 -4.02 -51.14 27.73
C PRO K 14 -5.34 -50.45 28.06
N GLY K 15 -6.22 -50.37 27.06
CA GLY K 15 -7.50 -49.74 27.23
C GLY K 15 -7.49 -48.23 27.19
N SER K 16 -6.42 -47.63 26.68
CA SER K 16 -6.28 -46.18 26.59
C SER K 16 -6.34 -45.74 25.13
N SER K 17 -6.11 -44.46 24.90
CA SER K 17 -6.10 -43.88 23.57
C SER K 17 -4.75 -43.25 23.29
N VAL K 18 -4.25 -43.43 22.06
CA VAL K 18 -2.95 -42.93 21.65
C VAL K 18 -3.16 -42.00 20.47
N LYS K 19 -2.50 -40.84 20.50
CA LYS K 19 -2.58 -39.85 19.43
C LYS K 19 -1.19 -39.65 18.84
N VAL K 20 -1.10 -39.69 17.51
CA VAL K 20 0.14 -39.48 16.78
C VAL K 20 -0.11 -38.40 15.74
N SER K 21 0.79 -37.42 15.69
CA SER K 21 0.65 -36.28 14.79
C SER K 21 1.65 -36.40 13.64
N CYS K 22 1.16 -36.25 12.42
CA CYS K 22 1.98 -36.28 11.22
C CYS K 22 2.07 -34.87 10.65
N LYS K 23 3.29 -34.43 10.35
CA LYS K 23 3.51 -33.10 9.82
C LYS K 23 4.51 -33.19 8.67
N ALA K 24 4.43 -32.23 7.76
CA ALA K 24 5.29 -32.17 6.59
C ALA K 24 6.26 -31.00 6.72
N SER K 25 7.52 -31.24 6.35
CA SER K 25 8.52 -30.19 6.41
C SER K 25 8.08 -29.00 5.56
N GLY K 26 8.28 -27.79 6.09
CA GLY K 26 7.77 -26.61 5.43
C GLY K 26 6.26 -26.68 5.29
N GLY K 27 5.59 -27.01 6.38
CA GLY K 27 4.17 -27.32 6.34
C GLY K 27 3.28 -26.12 6.13
N THR K 28 3.36 -25.52 4.94
CA THR K 28 2.45 -24.45 4.56
C THR K 28 1.11 -25.06 4.15
N PHE K 29 0.20 -24.24 3.62
CA PHE K 29 -1.11 -24.74 3.24
C PHE K 29 -0.94 -25.86 2.21
N SER K 30 -1.59 -27.00 2.47
CA SER K 30 -1.50 -28.16 1.60
C SER K 30 -2.86 -28.84 1.54
N SER K 31 -3.06 -29.59 0.46
CA SER K 31 -4.31 -30.31 0.24
C SER K 31 -4.08 -31.78 -0.11
N TYR K 32 -2.85 -32.27 -0.04
CA TYR K 32 -2.59 -33.65 -0.40
C TYR K 32 -3.31 -34.59 0.57
N GLY K 33 -3.83 -35.69 0.03
CA GLY K 33 -4.49 -36.67 0.87
C GLY K 33 -3.52 -37.37 1.80
N ILE K 34 -4.04 -37.85 2.93
CA ILE K 34 -3.25 -38.53 3.94
C ILE K 34 -3.95 -39.83 4.29
N SER K 35 -3.19 -40.75 4.87
CA SER K 35 -3.71 -42.03 5.30
C SER K 35 -2.82 -42.58 6.40
N TRP K 36 -3.06 -43.84 6.77
CA TRP K 36 -2.28 -44.52 7.79
C TRP K 36 -2.22 -46.00 7.46
N VAL K 37 -1.22 -46.67 8.01
CA VAL K 37 -1.01 -48.10 7.76
C VAL K 37 -0.28 -48.71 8.94
N ARG K 38 -0.63 -49.96 9.24
CA ARG K 38 -0.06 -50.70 10.35
C ARG K 38 0.85 -51.81 9.83
N GLN K 39 2.05 -51.90 10.39
CA GLN K 39 3.01 -52.95 10.05
C GLN K 39 3.29 -53.74 11.32
N ALA K 40 2.51 -54.80 11.54
CA ALA K 40 2.70 -55.62 12.72
C ALA K 40 4.07 -56.30 12.67
N PRO K 41 4.67 -56.57 13.84
CA PRO K 41 6.03 -57.13 13.85
C PRO K 41 6.14 -58.43 13.07
N GLY K 42 6.91 -58.42 11.98
CA GLY K 42 7.12 -59.59 11.17
C GLY K 42 5.99 -59.92 10.23
N GLN K 43 5.01 -59.03 10.07
CA GLN K 43 3.86 -59.26 9.21
C GLN K 43 3.72 -58.12 8.21
N GLY K 44 2.82 -58.32 7.24
CA GLY K 44 2.63 -57.33 6.21
C GLY K 44 1.78 -56.16 6.67
N LEU K 45 1.75 -55.14 5.82
CA LEU K 45 1.01 -53.92 6.13
C LEU K 45 -0.49 -54.13 5.92
N GLU K 46 -1.28 -53.23 6.48
CA GLU K 46 -2.73 -53.24 6.32
C GLU K 46 -3.25 -51.82 6.44
N TRP K 47 -4.10 -51.42 5.50
CA TRP K 47 -4.59 -50.05 5.43
C TRP K 47 -5.52 -49.76 6.61
N MET K 48 -5.57 -48.47 6.98
CA MET K 48 -6.45 -47.99 8.05
C MET K 48 -7.53 -47.03 7.57
N GLY K 49 -7.17 -46.04 6.77
CA GLY K 49 -8.09 -44.99 6.38
C GLY K 49 -7.34 -43.70 6.08
N GLY K 50 -8.04 -42.75 5.48
CA GLY K 50 -7.41 -41.52 5.07
C GLY K 50 -8.42 -40.41 4.83
N ILE K 51 -7.88 -39.22 4.57
CA ILE K 51 -8.67 -38.03 4.30
C ILE K 51 -8.61 -37.73 2.80
N ILE K 52 -9.53 -36.90 2.34
CA ILE K 52 -9.63 -36.57 0.92
C ILE K 52 -9.60 -35.04 0.82
N GLY K 53 -8.41 -34.50 0.61
CA GLY K 53 -8.24 -33.09 0.24
C GLY K 53 -9.08 -32.10 1.01
N MET K 54 -9.50 -31.02 0.33
CA MET K 54 -10.29 -29.98 1.00
C MET K 54 -11.61 -30.53 1.52
N PHE K 55 -12.19 -31.50 0.81
CA PHE K 55 -13.54 -31.96 1.15
C PHE K 55 -13.60 -32.61 2.52
N GLY K 56 -12.49 -33.09 3.04
CA GLY K 56 -12.50 -33.67 4.37
C GLY K 56 -13.44 -34.85 4.53
N THR K 57 -13.46 -35.74 3.54
CA THR K 57 -14.26 -36.96 3.60
C THR K 57 -13.39 -38.10 4.10
N THR K 58 -13.87 -38.81 5.12
CA THR K 58 -13.11 -39.84 5.80
C THR K 58 -13.73 -41.20 5.55
N ASN K 59 -12.89 -42.18 5.26
CA ASN K 59 -13.31 -43.57 5.09
C ASN K 59 -12.39 -44.48 5.88
N TYR K 60 -12.97 -45.44 6.57
CA TYR K 60 -12.21 -46.37 7.40
C TYR K 60 -12.64 -47.80 7.08
N ALA K 61 -11.72 -48.73 7.27
CA ALA K 61 -12.02 -50.14 7.04
C ALA K 61 -13.06 -50.63 8.04
N GLN K 62 -13.80 -51.66 7.63
CA GLN K 62 -14.86 -52.20 8.47
C GLN K 62 -14.34 -52.97 9.66
N LYS K 63 -13.03 -53.23 9.74
CA LYS K 63 -12.50 -53.99 10.86
C LYS K 63 -12.82 -53.31 12.19
N PHE K 64 -12.64 -51.99 12.27
CA PHE K 64 -12.99 -51.25 13.47
C PHE K 64 -14.13 -50.26 13.22
N GLN K 65 -13.94 -49.31 12.31
CA GLN K 65 -15.02 -48.44 11.83
C GLN K 65 -15.52 -47.46 12.89
N GLY K 66 -15.09 -47.63 14.14
CA GLY K 66 -15.51 -46.72 15.20
C GLY K 66 -14.38 -46.32 16.13
N ARG K 67 -13.23 -46.98 15.98
CA ARG K 67 -12.13 -46.82 16.93
C ARG K 67 -11.09 -45.80 16.49
N VAL K 68 -11.00 -45.51 15.20
CA VAL K 68 -9.99 -44.61 14.66
C VAL K 68 -10.68 -43.43 14.00
N THR K 69 -10.27 -42.22 14.36
CA THR K 69 -10.77 -41.00 13.77
C THR K 69 -9.59 -40.15 13.33
N ILE K 70 -9.62 -39.69 12.09
CA ILE K 70 -8.53 -38.91 11.50
C ILE K 70 -9.08 -37.55 11.08
N THR K 71 -8.41 -36.49 11.51
CA THR K 71 -8.73 -35.14 11.08
C THR K 71 -7.43 -34.41 10.75
N ALA K 72 -7.43 -33.65 9.67
CA ALA K 72 -6.23 -32.99 9.17
C ALA K 72 -6.43 -31.49 9.18
N ASP K 73 -5.48 -30.78 9.78
CA ASP K 73 -5.46 -29.32 9.76
C ASP K 73 -4.67 -28.90 8.51
N GLU K 74 -5.39 -28.72 7.41
CA GLU K 74 -4.74 -28.49 6.13
C GLU K 74 -3.87 -27.25 6.15
N PHE K 75 -4.22 -26.24 6.95
CA PHE K 75 -3.42 -25.02 6.98
C PHE K 75 -2.00 -25.31 7.43
N THR K 76 -1.83 -26.15 8.43
CA THR K 76 -0.52 -26.55 8.92
C THR K 76 0.01 -27.81 8.26
N SER K 77 -0.74 -28.39 7.31
CA SER K 77 -0.32 -29.62 6.63
C SER K 77 -0.03 -30.73 7.63
N THR K 78 -0.95 -30.90 8.58
CA THR K 78 -0.81 -31.89 9.64
C THR K 78 -1.99 -32.85 9.62
N ALA K 79 -1.72 -34.11 9.96
CA ALA K 79 -2.74 -35.14 10.09
C ALA K 79 -2.63 -35.75 11.48
N TYR K 80 -3.76 -35.87 12.16
CA TYR K 80 -3.81 -36.37 13.53
C TYR K 80 -4.46 -37.74 13.57
N MET K 81 -4.36 -38.37 14.74
CA MET K 81 -4.94 -39.67 15.01
C MET K 81 -5.68 -39.64 16.34
N GLU K 82 -6.75 -40.41 16.43
CA GLU K 82 -7.55 -40.53 17.65
C GLU K 82 -7.92 -41.99 17.90
N LEU K 83 -6.95 -42.87 17.70
CA LEU K 83 -7.19 -44.29 17.92
C LEU K 83 -7.52 -44.55 19.39
N SER K 84 -8.53 -45.39 19.62
CA SER K 84 -9.02 -45.67 20.96
C SER K 84 -9.23 -47.16 21.15
N SER K 85 -9.25 -47.58 22.41
CA SER K 85 -9.46 -48.99 22.76
C SER K 85 -8.31 -49.87 22.26
N LEU K 86 -7.09 -49.47 22.60
CA LEU K 86 -5.92 -50.25 22.23
C LEU K 86 -5.92 -51.60 22.95
N ARG K 87 -5.31 -52.60 22.31
CA ARG K 87 -5.22 -53.94 22.85
C ARG K 87 -3.84 -54.49 22.56
N SER K 88 -3.61 -55.73 23.01
CA SER K 88 -2.30 -56.36 22.79
C SER K 88 -2.03 -56.55 21.31
N GLU K 89 -3.05 -56.92 20.53
CA GLU K 89 -2.85 -57.13 19.11
C GLU K 89 -2.46 -55.85 18.38
N ASP K 90 -2.68 -54.69 18.99
CA ASP K 90 -2.46 -53.41 18.31
C ASP K 90 -1.00 -52.97 18.32
N THR K 91 -0.12 -53.68 19.02
CA THR K 91 1.28 -53.30 19.07
C THR K 91 1.92 -53.46 17.69
N ALA K 92 2.21 -52.35 17.03
CA ALA K 92 2.77 -52.35 15.69
C ALA K 92 3.30 -50.95 15.40
N VAL K 93 3.69 -50.71 14.15
CA VAL K 93 4.27 -49.45 13.71
C VAL K 93 3.26 -48.74 12.83
N TYR K 94 3.06 -47.44 13.07
CA TYR K 94 2.14 -46.62 12.30
C TYR K 94 2.95 -45.66 11.43
N TYR K 95 2.56 -45.57 10.15
CA TYR K 95 3.25 -44.73 9.18
C TYR K 95 2.28 -43.73 8.58
N CYS K 96 2.80 -42.55 8.23
CA CYS K 96 2.05 -41.50 7.58
C CYS K 96 2.38 -41.48 6.09
N ALA K 97 1.35 -41.39 5.26
CA ALA K 97 1.52 -41.51 3.81
C ALA K 97 0.75 -40.40 3.10
N ARG K 98 1.26 -40.04 1.91
CA ARG K 98 0.60 -39.06 1.05
C ARG K 98 0.47 -39.65 -0.35
N GLY K 99 -0.56 -39.22 -1.07
CA GLY K 99 -0.83 -39.74 -2.40
C GLY K 99 -0.44 -38.82 -3.53
N GLY K 100 -0.06 -37.59 -3.20
CA GLY K 100 0.28 -36.62 -4.21
C GLY K 100 -0.91 -35.94 -4.87
N SER K 101 -2.13 -36.26 -4.45
CA SER K 101 -3.32 -35.64 -5.01
C SER K 101 -4.41 -35.64 -3.93
N TYR K 102 -5.41 -34.79 -4.13
CA TYR K 102 -6.46 -34.62 -3.13
C TYR K 102 -7.18 -35.91 -2.83
N TYR K 103 -7.17 -36.88 -3.76
CA TYR K 103 -7.85 -38.14 -3.54
C TYR K 103 -7.03 -39.03 -2.61
N VAL K 104 -7.50 -40.25 -2.40
CA VAL K 104 -6.87 -41.19 -1.48
C VAL K 104 -6.18 -42.29 -2.27
N ASP K 105 -5.73 -41.95 -3.48
CA ASP K 105 -5.13 -42.93 -4.37
C ASP K 105 -3.77 -43.39 -3.81
N TYR K 106 -3.06 -44.19 -4.60
CA TYR K 106 -1.81 -44.78 -4.17
C TYR K 106 -0.90 -43.76 -3.50
N PHE K 107 -0.04 -44.24 -2.62
CA PHE K 107 0.84 -43.40 -1.82
C PHE K 107 2.28 -43.56 -2.29
N HIS K 108 3.02 -42.44 -2.33
CA HIS K 108 4.42 -42.49 -2.72
C HIS K 108 5.31 -41.62 -1.83
N HIS K 109 4.77 -41.04 -0.76
CA HIS K 109 5.56 -40.31 0.23
C HIS K 109 5.29 -40.90 1.60
N TRP K 110 6.33 -41.20 2.35
CA TRP K 110 6.22 -41.83 3.66
C TRP K 110 7.09 -41.09 4.66
N GLY K 111 6.66 -41.13 5.93
CA GLY K 111 7.44 -40.59 7.02
C GLY K 111 8.39 -41.62 7.60
N GLN K 112 9.03 -41.22 8.70
CA GLN K 112 9.95 -42.13 9.37
C GLN K 112 9.22 -43.19 10.20
N GLY K 113 7.92 -43.01 10.43
CA GLY K 113 7.14 -43.98 11.17
C GLY K 113 7.23 -43.78 12.68
N THR K 114 6.38 -44.51 13.39
CA THR K 114 6.34 -44.45 14.85
C THR K 114 6.01 -45.83 15.39
N LEU K 115 6.76 -46.26 16.40
CA LEU K 115 6.55 -47.54 17.06
C LEU K 115 5.78 -47.31 18.35
N VAL K 116 4.60 -47.90 18.46
CA VAL K 116 3.75 -47.79 19.63
C VAL K 116 3.49 -49.18 20.18
N THR K 117 3.72 -49.35 21.48
CA THR K 117 3.53 -50.63 22.15
C THR K 117 2.59 -50.44 23.33
N VAL K 118 1.89 -51.51 23.68
CA VAL K 118 0.88 -51.49 24.74
C VAL K 118 1.27 -52.53 25.79
N SER K 119 1.39 -52.08 27.03
CA SER K 119 1.73 -52.97 28.14
C SER K 119 1.59 -52.18 29.43
N SER K 120 1.62 -52.90 30.55
CA SER K 120 1.52 -52.29 31.86
C SER K 120 2.89 -51.89 32.38
N GLU L 1 -11.93 -51.67 -1.04
CA GLU L 1 -11.51 -52.82 -0.20
C GLU L 1 -12.12 -54.12 -0.70
N ILE L 2 -11.29 -55.15 -0.85
CA ILE L 2 -11.74 -56.46 -1.30
C ILE L 2 -10.65 -57.47 -0.99
N VAL L 3 -11.07 -58.68 -0.61
CA VAL L 3 -10.10 -59.72 -0.28
C VAL L 3 -9.25 -60.05 -1.49
N LEU L 4 -7.97 -60.29 -1.26
CA LEU L 4 -7.02 -60.65 -2.30
C LEU L 4 -6.42 -62.01 -1.99
N THR L 5 -6.49 -62.92 -2.96
CA THR L 5 -5.85 -64.22 -2.82
C THR L 5 -4.35 -64.10 -3.04
N GLN L 6 -3.60 -65.02 -2.45
CA GLN L 6 -2.15 -65.02 -2.57
C GLN L 6 -1.64 -66.44 -2.70
N SER L 7 -0.71 -66.65 -3.63
CA SER L 7 -0.11 -67.95 -3.84
C SER L 7 0.90 -68.21 -2.72
N PRO L 8 1.44 -69.43 -2.62
CA PRO L 8 2.44 -69.70 -1.59
C PRO L 8 3.63 -68.75 -1.71
N GLY L 9 4.10 -68.28 -0.56
CA GLY L 9 5.15 -67.29 -0.50
C GLY L 9 6.55 -67.82 -0.67
N THR L 10 6.71 -69.13 -0.83
CA THR L 10 8.03 -69.74 -0.98
C THR L 10 8.48 -69.57 -2.42
N LEU L 11 9.30 -68.55 -2.68
CA LEU L 11 9.86 -68.26 -4.00
C LEU L 11 11.36 -68.04 -3.82
N SER L 12 12.13 -69.11 -3.97
CA SER L 12 13.58 -69.07 -3.82
C SER L 12 14.24 -68.93 -5.18
N LEU L 13 15.16 -67.97 -5.30
CA LEU L 13 15.83 -67.72 -6.56
C LEU L 13 17.13 -66.99 -6.29
N PHE L 14 18.04 -67.08 -7.27
CA PHE L 14 19.31 -66.38 -7.23
C PHE L 14 19.21 -65.05 -7.99
N SER L 15 20.21 -64.20 -7.77
CA SER L 15 20.26 -62.91 -8.42
C SER L 15 20.75 -63.05 -9.86
N GLY L 16 20.48 -62.02 -10.66
CA GLY L 16 20.92 -62.01 -12.04
C GLY L 16 20.08 -62.84 -12.98
N GLU L 17 18.88 -63.23 -12.58
CA GLU L 17 18.01 -64.04 -13.43
C GLU L 17 16.57 -63.58 -13.26
N ARG L 18 15.73 -63.94 -14.24
CA ARG L 18 14.35 -63.51 -14.23
C ARG L 18 13.63 -64.02 -12.97
N ALA L 19 12.83 -63.15 -12.36
CA ALA L 19 12.08 -63.48 -11.16
C ALA L 19 10.64 -63.01 -11.32
N THR L 20 9.73 -63.68 -10.62
CA THR L 20 8.32 -63.38 -10.70
C THR L 20 7.71 -63.37 -9.29
N LEU L 21 6.69 -62.53 -9.11
CA LEU L 21 5.97 -62.43 -7.86
C LEU L 21 4.48 -62.51 -8.14
N SER L 22 3.77 -63.29 -7.33
CA SER L 22 2.36 -63.62 -7.57
C SER L 22 1.47 -62.87 -6.59
N CYS L 23 0.45 -62.21 -7.12
CA CYS L 23 -0.56 -61.54 -6.30
C CYS L 23 -1.85 -61.51 -7.10
N ARG L 24 -2.87 -62.22 -6.60
CA ARG L 24 -4.13 -62.40 -7.32
C ARG L 24 -5.25 -61.68 -6.58
N ALA L 25 -6.01 -60.87 -7.31
CA ALA L 25 -7.18 -60.21 -6.77
C ALA L 25 -8.40 -61.12 -6.88
N SER L 26 -9.23 -61.10 -5.84
CA SER L 26 -10.39 -62.00 -5.83
C SER L 26 -11.33 -61.70 -6.99
N GLN L 27 -11.59 -60.41 -7.26
CA GLN L 27 -12.51 -60.00 -8.30
C GLN L 27 -11.84 -59.01 -9.23
N SER L 28 -12.41 -58.86 -10.41
CA SER L 28 -11.89 -57.91 -11.38
C SER L 28 -11.97 -56.48 -10.84
N VAL L 29 -10.90 -55.72 -11.04
CA VAL L 29 -10.83 -54.34 -10.60
C VAL L 29 -10.26 -53.50 -11.73
N SER L 30 -10.48 -52.19 -11.63
CA SER L 30 -9.98 -51.28 -12.66
C SER L 30 -8.47 -51.39 -12.78
N SER L 31 -7.97 -51.33 -14.02
CA SER L 31 -6.53 -51.44 -14.25
C SER L 31 -5.78 -50.35 -13.49
N SER L 32 -6.42 -49.20 -13.23
CA SER L 32 -5.82 -48.12 -12.49
C SER L 32 -6.01 -48.25 -10.99
N SER L 33 -6.24 -49.46 -10.50
CA SER L 33 -6.42 -49.73 -9.07
C SER L 33 -5.37 -50.70 -8.56
N LEU L 34 -4.12 -50.50 -8.96
CA LEU L 34 -3.03 -51.38 -8.59
C LEU L 34 -1.77 -50.57 -8.35
N ALA L 35 -0.88 -51.12 -7.55
CA ALA L 35 0.42 -50.52 -7.28
C ALA L 35 1.34 -51.62 -6.74
N TRP L 36 2.59 -51.24 -6.45
CA TRP L 36 3.54 -52.18 -5.88
C TRP L 36 4.53 -51.41 -5.00
N TYR L 37 4.82 -51.98 -3.82
CA TYR L 37 5.71 -51.36 -2.85
C TYR L 37 6.80 -52.35 -2.46
N GLN L 38 8.00 -51.81 -2.22
CA GLN L 38 9.14 -52.61 -1.80
C GLN L 38 9.52 -52.23 -0.37
N GLN L 39 9.60 -53.24 0.50
CA GLN L 39 9.98 -53.03 1.90
C GLN L 39 11.06 -54.02 2.29
N LYS L 40 12.09 -53.53 2.95
CA LYS L 40 13.14 -54.36 3.54
C LYS L 40 13.04 -54.30 5.05
N HIS L 41 13.47 -55.38 5.71
CA HIS L 41 13.31 -55.48 7.15
C HIS L 41 13.95 -54.28 7.85
N GLY L 42 13.20 -53.67 8.76
CA GLY L 42 13.68 -52.55 9.54
C GLY L 42 13.46 -51.19 8.90
N GLN L 43 12.94 -51.12 7.68
CA GLN L 43 12.72 -49.85 7.01
C GLN L 43 11.34 -49.85 6.37
N GLY L 44 10.82 -48.65 6.15
CA GLY L 44 9.50 -48.48 5.60
C GLY L 44 9.42 -48.85 4.13
N PRO L 45 8.20 -49.02 3.61
CA PRO L 45 8.05 -49.41 2.20
C PRO L 45 8.55 -48.35 1.24
N ARG L 46 8.55 -48.69 -0.05
CA ARG L 46 8.98 -47.76 -1.10
C ARG L 46 8.21 -48.09 -2.37
N LEU L 47 7.86 -47.05 -3.11
CA LEU L 47 7.03 -47.23 -4.31
C LEU L 47 7.78 -47.98 -5.40
N ILE L 48 7.04 -48.81 -6.14
CA ILE L 48 7.57 -49.50 -7.31
C ILE L 48 6.76 -49.11 -8.53
N MET L 49 5.46 -49.42 -8.51
CA MET L 49 4.61 -49.29 -9.67
C MET L 49 3.29 -48.64 -9.28
N TYR L 50 2.68 -47.94 -10.24
CA TYR L 50 1.37 -47.36 -10.05
C TYR L 50 0.58 -47.52 -11.34
N GLY L 51 -0.69 -47.89 -11.22
CA GLY L 51 -1.52 -48.14 -12.37
C GLY L 51 -1.31 -49.48 -13.04
N ALA L 52 -0.41 -50.31 -12.52
CA ALA L 52 -0.11 -51.65 -13.03
C ALA L 52 0.74 -51.63 -14.28
N SER L 53 0.96 -50.46 -14.89
CA SER L 53 1.76 -50.38 -16.10
C SER L 53 2.79 -49.26 -16.08
N SER L 54 2.71 -48.32 -15.15
CA SER L 54 3.61 -47.17 -15.09
C SER L 54 4.62 -47.35 -13.98
N ARG L 55 5.89 -47.16 -14.31
CA ARG L 55 6.98 -47.31 -13.34
C ARG L 55 7.23 -45.98 -12.65
N ALA L 56 7.36 -46.02 -11.33
CA ALA L 56 7.52 -44.80 -10.56
C ALA L 56 8.85 -44.12 -10.89
N THR L 57 8.96 -42.86 -10.49
CA THR L 57 10.19 -42.12 -10.70
C THR L 57 11.34 -42.75 -9.93
N GLY L 58 12.53 -42.66 -10.51
CA GLY L 58 13.72 -43.24 -9.89
C GLY L 58 13.66 -44.75 -9.80
N ILE L 59 13.14 -45.41 -10.83
CA ILE L 59 13.05 -46.86 -10.89
C ILE L 59 13.75 -47.32 -12.16
N PRO L 60 14.69 -48.25 -12.10
CA PRO L 60 15.36 -48.70 -13.33
C PRO L 60 14.45 -49.57 -14.20
N ASP L 61 14.99 -50.09 -15.29
CA ASP L 61 14.22 -50.92 -16.21
C ASP L 61 14.22 -52.40 -15.80
N ARG L 62 14.52 -52.69 -14.54
CA ARG L 62 14.55 -54.06 -14.06
C ARG L 62 13.22 -54.53 -13.48
N PHE L 63 12.17 -53.69 -13.55
CA PHE L 63 10.86 -54.03 -13.02
C PHE L 63 9.82 -53.93 -14.13
N SER L 64 8.91 -54.90 -14.15
CA SER L 64 7.82 -54.93 -15.12
C SER L 64 6.62 -55.62 -14.50
N GLY L 65 5.44 -55.22 -14.93
CA GLY L 65 4.21 -55.79 -14.40
C GLY L 65 3.09 -55.69 -15.40
N SER L 66 2.16 -56.65 -15.32
CA SER L 66 1.02 -56.68 -16.21
C SER L 66 -0.06 -57.56 -15.59
N GLY L 67 -1.27 -57.43 -16.11
CA GLY L 67 -2.40 -58.22 -15.66
C GLY L 67 -3.67 -57.40 -15.65
N PHE L 68 -4.79 -58.08 -15.87
CA PHE L 68 -6.10 -57.43 -15.89
C PHE L 68 -7.14 -58.34 -15.24
N GLY L 69 -7.92 -57.77 -14.33
CA GLY L 69 -9.01 -58.48 -13.69
C GLY L 69 -8.60 -59.33 -12.52
N THR L 70 -8.04 -60.51 -12.79
CA THR L 70 -7.65 -61.42 -11.72
C THR L 70 -6.28 -62.05 -11.91
N ASP L 71 -5.66 -61.94 -13.09
CA ASP L 71 -4.38 -62.57 -13.37
C ASP L 71 -3.20 -61.64 -13.10
N PHE L 72 -3.35 -60.71 -12.16
CA PHE L 72 -2.28 -59.76 -11.87
C PHE L 72 -1.00 -60.48 -11.47
N THR L 73 0.10 -60.09 -12.09
CA THR L 73 1.40 -60.68 -11.80
C THR L 73 2.47 -59.71 -12.28
N ILE L 74 3.67 -59.87 -11.73
CA ILE L 74 4.81 -59.03 -12.08
C ILE L 74 6.03 -59.93 -12.29
N THR L 75 7.04 -59.36 -12.95
CA THR L 75 8.29 -60.07 -13.23
C THR L 75 9.45 -59.11 -13.06
N ILE L 76 10.62 -59.68 -12.81
CA ILE L 76 11.86 -58.93 -12.64
C ILE L 76 12.80 -59.29 -13.78
N SER L 77 13.26 -58.28 -14.52
CA SER L 77 14.15 -58.52 -15.65
C SER L 77 15.46 -59.15 -15.19
N ARG L 78 16.10 -58.54 -14.19
CA ARG L 78 17.37 -59.03 -13.68
C ARG L 78 17.41 -58.77 -12.18
N LEU L 79 17.33 -59.84 -11.39
CA LEU L 79 17.35 -59.69 -9.94
C LEU L 79 18.71 -59.23 -9.46
N GLU L 80 18.72 -58.38 -8.45
CA GLU L 80 19.94 -57.87 -7.82
C GLU L 80 19.84 -58.02 -6.32
N PRO L 81 20.98 -58.18 -5.63
CA PRO L 81 20.92 -58.37 -4.17
C PRO L 81 20.22 -57.24 -3.45
N GLU L 82 20.46 -55.99 -3.86
CA GLU L 82 19.79 -54.86 -3.24
C GLU L 82 18.30 -54.86 -3.56
N ASP L 83 17.94 -55.20 -4.79
CA ASP L 83 16.53 -55.22 -5.18
C ASP L 83 15.76 -56.34 -4.49
N PHE L 84 16.44 -57.31 -3.89
CA PHE L 84 15.76 -58.36 -3.17
C PHE L 84 15.10 -57.81 -1.91
N ALA L 85 13.82 -58.09 -1.74
CA ALA L 85 13.06 -57.61 -0.60
C ALA L 85 11.70 -58.29 -0.62
N VAL L 86 10.81 -57.90 0.31
CA VAL L 86 9.44 -58.39 0.35
C VAL L 86 8.55 -57.36 -0.32
N TYR L 87 7.68 -57.82 -1.22
CA TYR L 87 6.88 -56.94 -2.06
C TYR L 87 5.40 -57.07 -1.70
N TYR L 88 4.73 -55.93 -1.61
CA TYR L 88 3.31 -55.87 -1.28
C TYR L 88 2.54 -55.24 -2.42
N CYS L 89 1.39 -55.83 -2.75
CA CYS L 89 0.52 -55.35 -3.81
C CYS L 89 -0.67 -54.61 -3.20
N GLN L 90 -1.02 -53.47 -3.78
CA GLN L 90 -2.09 -52.62 -3.29
C GLN L 90 -3.26 -52.64 -4.25
N GLN L 91 -4.48 -52.67 -3.69
CA GLN L 91 -5.70 -52.56 -4.47
C GLN L 91 -6.55 -51.44 -3.88
N TYR L 92 -7.02 -50.54 -4.75
CA TYR L 92 -7.82 -49.39 -4.32
C TYR L 92 -8.91 -49.15 -5.37
N GLY L 93 -10.09 -49.72 -5.14
CA GLY L 93 -11.19 -49.52 -6.05
C GLY L 93 -11.63 -48.08 -6.09
N SER L 94 -12.17 -47.57 -4.99
CA SER L 94 -12.53 -46.17 -4.89
C SER L 94 -12.73 -45.78 -3.43
N SER L 95 -12.03 -44.74 -2.97
CA SER L 95 -12.14 -44.29 -1.59
C SER L 95 -11.85 -45.42 -0.62
N SER L 96 -10.85 -46.24 -0.94
CA SER L 96 -10.50 -47.39 -0.12
C SER L 96 -9.10 -47.85 -0.50
N GLY L 97 -8.62 -48.87 0.22
CA GLY L 97 -7.32 -49.43 -0.07
C GLY L 97 -7.14 -50.75 0.64
N THR L 98 -6.20 -51.55 0.15
CA THR L 98 -5.92 -52.85 0.74
C THR L 98 -4.51 -53.27 0.36
N PHE L 99 -3.96 -54.20 1.13
CA PHE L 99 -2.63 -54.74 0.92
C PHE L 99 -2.68 -56.26 0.98
N GLY L 100 -1.54 -56.88 0.65
CA GLY L 100 -1.42 -58.33 0.67
C GLY L 100 -0.69 -58.85 1.90
N GLN L 101 -0.68 -60.18 2.01
CA GLN L 101 -0.02 -60.82 3.14
C GLN L 101 1.49 -60.57 3.12
N GLY L 102 2.11 -60.68 1.95
CA GLY L 102 3.54 -60.51 1.82
C GLY L 102 4.24 -61.78 1.41
N THR L 103 4.91 -61.73 0.26
CA THR L 103 5.61 -62.91 -0.25
C THR L 103 6.85 -63.21 0.58
N LYS L 104 7.13 -64.50 0.78
CA LYS L 104 8.32 -64.94 1.50
C LYS L 104 9.47 -65.19 0.51
N LEU L 105 9.89 -64.12 -0.14
CA LEU L 105 11.01 -64.21 -1.07
C LEU L 105 12.29 -64.57 -0.31
N GLU L 106 13.11 -65.40 -0.93
CA GLU L 106 14.26 -65.97 -0.24
C GLU L 106 15.40 -66.19 -1.23
N MET L 107 16.61 -66.26 -0.68
CA MET L 107 17.80 -66.64 -1.43
C MET L 107 18.24 -68.03 -0.98
N LYS L 108 18.48 -68.91 -1.93
CA LYS L 108 18.88 -70.28 -1.62
C LYS L 108 20.17 -70.30 -0.80
#